data_6RS1
#
_entry.id   6RS1
#
_cell.length_a   67.567
_cell.length_b   67.636
_cell.length_c   88.908
_cell.angle_alpha   79.95
_cell.angle_beta   73.13
_cell.angle_gamma   65.58
#
_symmetry.space_group_name_H-M   'P 1'
#
loop_
_entity.id
_entity.type
_entity.pdbx_description
1 polymer 'Fructose-bisphosphate aldolase 6, cytosolic'
2 non-polymer 'SULFATE ION'
3 water water
#
_entity_poly.entity_id   1
_entity_poly.type   'polypeptide(L)'
_entity_poly.pdbx_seq_one_letter_code
;MSSFTSKFADELIANAAYIGTPGKGILAADESTGTIGKRLASINVENVESNRRALRELLFTTPGALPCLSGVILFEETLY
QKSSDGTPFVDMLKSAGVLPGIKVDKGTVELAGTNGETTTQGLDGLGDRCKKYYEAGARFAKWRAVLKIGVNEPSQLAIH
ENAYGLARYAVICQENGLVPIVEPEILVDGSHDIQKCAAVTERVLAACYKALSDHHVLLEGTLLKPNMVTPGSESAKVAP
EVIAEHTVRALQRTVPAAVPAIVFLSGGQSEEEATRNLNAMNQLKTKKPWSLSFSFGRALQQSTLKTWGGKEENVKKAQE
AFLVRCKANSEATLGAYKGDAKLGEGAAESLHVKDYKY
;
_entity_poly.pdbx_strand_id   A,B,C,D
#
loop_
_chem_comp.id
_chem_comp.type
_chem_comp.name
_chem_comp.formula
SO4 non-polymer 'SULFATE ION' 'O4 S -2'
#
# COMPACT_ATOMS: atom_id res chain seq x y z
N PHE A 4 -11.07 10.20 28.33
CA PHE A 4 -10.77 11.49 27.65
C PHE A 4 -11.21 11.44 26.19
N THR A 5 -12.33 12.12 25.91
CA THR A 5 -12.74 12.54 24.58
C THR A 5 -12.73 14.07 24.55
N SER A 6 -11.89 14.66 23.70
CA SER A 6 -11.91 16.10 23.43
C SER A 6 -13.20 16.45 22.65
N LYS A 7 -13.69 17.69 22.80
CA LYS A 7 -14.73 18.24 21.88
C LYS A 7 -14.10 18.63 20.54
N PHE A 8 -12.76 18.71 20.49
CA PHE A 8 -12.03 19.05 19.31
C PHE A 8 -11.55 17.81 18.54
N ALA A 9 -12.02 16.61 18.96
CA ALA A 9 -11.43 15.33 18.52
C ALA A 9 -11.43 15.23 16.98
N ASP A 10 -12.56 15.52 16.34
CA ASP A 10 -12.65 15.46 14.86
C ASP A 10 -11.65 16.43 14.19
N GLU A 11 -11.62 17.68 14.67
CA GLU A 11 -10.76 18.68 14.10
C GLU A 11 -9.28 18.29 14.33
N LEU A 12 -8.96 17.69 15.49
CA LEU A 12 -7.58 17.29 15.79
C LEU A 12 -7.10 16.25 14.75
N ILE A 13 -7.93 15.23 14.53
CA ILE A 13 -7.66 14.10 13.65
C ILE A 13 -7.55 14.57 12.19
N ALA A 14 -8.46 15.44 11.74
CA ALA A 14 -8.42 16.06 10.39
C ALA A 14 -7.17 16.94 10.20
N ASN A 15 -6.84 17.79 11.18
CA ASN A 15 -5.67 18.66 11.07
C ASN A 15 -4.39 17.84 11.13
N ALA A 16 -4.29 16.88 12.03
CA ALA A 16 -3.04 16.06 12.12
C ALA A 16 -2.80 15.29 10.82
N ALA A 17 -3.86 14.67 10.27
CA ALA A 17 -3.79 13.99 8.98
C ALA A 17 -3.40 14.99 7.87
N TYR A 18 -3.95 16.23 7.90
CA TYR A 18 -3.67 17.23 6.90
C TYR A 18 -2.17 17.59 6.84
N ILE A 19 -1.55 17.70 8.01
CA ILE A 19 -0.15 18.06 8.08
C ILE A 19 0.68 17.05 7.29
N GLY A 20 0.28 15.78 7.32
CA GLY A 20 1.01 14.72 6.62
C GLY A 20 0.57 14.53 5.13
N THR A 21 -0.20 15.46 4.54
CA THR A 21 -0.49 15.44 3.10
C THR A 21 0.78 15.23 2.28
N PRO A 22 0.86 14.17 1.43
CA PRO A 22 1.98 13.98 0.49
C PRO A 22 2.24 15.26 -0.31
N GLY A 23 3.51 15.71 -0.34
CA GLY A 23 3.85 16.95 -1.05
C GLY A 23 3.97 18.17 -0.14
N LYS A 24 3.66 18.02 1.15
CA LYS A 24 3.63 19.10 2.10
C LYS A 24 4.43 18.74 3.36
N GLY A 25 4.94 19.78 4.04
CA GLY A 25 5.58 19.63 5.32
C GLY A 25 5.50 20.91 6.10
N ILE A 26 6.24 21.00 7.21
CA ILE A 26 6.13 22.12 8.11
C ILE A 26 7.39 22.99 8.00
N LEU A 27 7.20 24.32 7.98
CA LEU A 27 8.28 25.23 8.19
C LEU A 27 8.32 25.56 9.68
N ALA A 28 9.45 25.26 10.34
CA ALA A 28 9.67 25.68 11.75
C ALA A 28 10.31 27.08 11.75
N ALA A 29 9.47 28.09 11.93
CA ALA A 29 9.89 29.45 12.02
C ALA A 29 9.71 29.96 13.44
N ASP A 30 9.85 29.06 14.42
CA ASP A 30 9.42 29.35 15.80
C ASP A 30 10.62 29.74 16.68
N GLU A 31 11.71 30.23 16.09
CA GLU A 31 12.88 30.45 16.90
C GLU A 31 12.62 31.72 17.72
N SER A 32 12.90 31.56 19.03
CA SER A 32 12.74 32.59 20.04
C SER A 32 13.47 33.87 19.63
N THR A 33 13.21 34.90 20.41
CA THR A 33 13.82 36.22 20.26
C THR A 33 15.37 36.11 20.30
N GLY A 34 15.91 35.17 21.10
CA GLY A 34 17.36 34.96 21.25
C GLY A 34 17.96 34.14 20.11
N THR A 35 17.34 32.99 19.83
CA THR A 35 17.80 32.06 18.80
C THR A 35 17.82 32.73 17.42
N ILE A 36 16.77 33.53 17.12
CA ILE A 36 16.70 34.21 15.84
C ILE A 36 17.73 35.35 15.84
N GLY A 37 18.00 35.91 17.02
CA GLY A 37 19.09 36.86 17.20
C GLY A 37 20.38 36.32 16.59
N LYS A 38 20.78 35.13 17.06
CA LYS A 38 21.96 34.42 16.57
C LYS A 38 21.95 34.34 15.03
N ARG A 39 20.81 33.90 14.46
CA ARG A 39 20.65 33.70 13.01
C ARG A 39 20.82 35.03 12.28
N LEU A 40 20.25 36.09 12.86
CA LEU A 40 20.27 37.41 12.25
C LEU A 40 21.68 37.98 12.34
N ALA A 41 22.31 37.80 13.51
CA ALA A 41 23.70 38.21 13.75
C ALA A 41 24.59 37.63 12.65
N SER A 42 24.46 36.30 12.45
CA SER A 42 25.28 35.51 11.54
C SER A 42 25.25 36.02 10.10
N ILE A 43 24.45 37.06 9.86
CA ILE A 43 24.39 37.70 8.56
C ILE A 43 24.23 39.22 8.74
N ASN A 44 24.79 39.74 9.84
CA ASN A 44 24.95 41.19 10.15
C ASN A 44 23.62 41.93 10.08
N VAL A 45 22.63 41.42 10.83
CA VAL A 45 21.36 42.12 11.03
C VAL A 45 21.09 42.17 12.54
N GLU A 46 20.68 43.36 13.00
CA GLU A 46 20.34 43.63 14.40
CA GLU A 46 20.33 43.63 14.40
C GLU A 46 19.07 42.82 14.73
N ASN A 47 19.00 42.29 15.95
CA ASN A 47 17.83 41.56 16.42
C ASN A 47 16.80 42.53 17.05
N VAL A 48 16.10 43.29 16.20
CA VAL A 48 14.91 44.09 16.56
C VAL A 48 13.67 43.45 15.93
N GLU A 49 12.49 43.69 16.52
CA GLU A 49 11.21 43.15 16.02
C GLU A 49 10.95 43.58 14.57
N SER A 50 11.48 44.74 14.16
CA SER A 50 11.43 45.18 12.79
C SER A 50 11.90 44.06 11.83
N ASN A 51 13.09 43.50 12.11
CA ASN A 51 13.82 42.62 11.18
C ASN A 51 13.29 41.17 11.24
N ARG A 52 12.97 40.69 12.45
CA ARG A 52 12.33 39.39 12.65
C ARG A 52 11.04 39.31 11.81
N ARG A 53 10.20 40.34 11.91
CA ARG A 53 8.98 40.46 11.10
C ARG A 53 9.35 40.41 9.60
N ALA A 54 10.41 41.15 9.22
CA ALA A 54 10.81 41.26 7.81
C ALA A 54 11.21 39.87 7.26
N LEU A 55 11.94 39.11 8.08
CA LEU A 55 12.43 37.80 7.71
C LEU A 55 11.28 36.79 7.59
N ARG A 56 10.37 36.81 8.55
CA ARG A 56 9.23 35.88 8.53
C ARG A 56 8.31 36.27 7.36
N GLU A 57 8.18 37.56 7.07
CA GLU A 57 7.39 38.04 5.94
C GLU A 57 7.99 37.57 4.60
N LEU A 58 9.31 37.69 4.48
CA LEU A 58 10.08 37.20 3.34
C LEU A 58 9.69 35.73 3.04
N LEU A 59 9.74 34.89 4.07
CA LEU A 59 9.41 33.47 3.96
C LEU A 59 7.96 33.30 3.49
N PHE A 60 7.03 33.89 4.25
CA PHE A 60 5.61 33.63 4.14
C PHE A 60 5.02 34.26 2.86
N THR A 61 5.66 35.29 2.29
CA THR A 61 5.15 35.90 1.05
C THR A 61 5.97 35.44 -0.17
N THR A 62 6.78 34.40 -0.02
CA THR A 62 7.51 33.81 -1.15
C THR A 62 6.51 33.23 -2.14
N PRO A 63 6.44 33.74 -3.38
CA PRO A 63 5.64 33.09 -4.43
C PRO A 63 5.98 31.61 -4.55
N GLY A 64 5.00 30.73 -4.38
CA GLY A 64 5.19 29.28 -4.62
C GLY A 64 5.46 28.46 -3.37
N ALA A 65 5.78 29.11 -2.25
CA ALA A 65 6.31 28.41 -1.06
C ALA A 65 5.19 27.75 -0.26
N LEU A 66 4.14 28.53 0.02
CA LEU A 66 3.08 28.09 0.91
C LEU A 66 2.45 26.77 0.47
N PRO A 67 2.19 26.54 -0.84
CA PRO A 67 1.67 25.25 -1.31
C PRO A 67 2.48 24.01 -0.95
N CYS A 68 3.79 24.19 -0.69
CA CYS A 68 4.64 23.12 -0.21
C CYS A 68 4.49 22.91 1.30
N LEU A 69 3.69 23.75 1.97
CA LEU A 69 3.68 23.74 3.43
C LEU A 69 2.28 23.37 3.94
N SER A 70 2.19 22.32 4.77
CA SER A 70 0.96 22.02 5.51
C SER A 70 0.85 22.86 6.79
N GLY A 71 2.01 23.27 7.32
CA GLY A 71 2.03 24.05 8.52
C GLY A 71 3.26 24.92 8.62
N VAL A 72 3.17 25.96 9.43
CA VAL A 72 4.30 26.81 9.81
C VAL A 72 4.25 26.95 11.34
N ILE A 73 5.30 26.52 12.03
CA ILE A 73 5.41 26.72 13.50
C ILE A 73 5.87 28.17 13.75
N LEU A 74 5.09 28.89 14.57
CA LEU A 74 5.39 30.28 14.90
C LEU A 74 5.85 30.37 16.35
N PHE A 75 6.61 31.43 16.61
CA PHE A 75 6.87 31.95 17.93
C PHE A 75 5.72 32.88 18.30
N GLU A 76 5.42 32.98 19.61
CA GLU A 76 4.29 33.80 20.09
C GLU A 76 4.26 35.18 19.44
N GLU A 77 5.41 35.86 19.39
CA GLU A 77 5.46 37.17 18.79
C GLU A 77 4.86 37.14 17.37
N THR A 78 5.37 36.25 16.52
CA THR A 78 4.98 36.15 15.11
C THR A 78 3.50 35.79 14.95
N LEU A 79 2.95 35.02 15.87
CA LEU A 79 1.53 34.63 15.85
C LEU A 79 0.62 35.88 15.82
N TYR A 80 1.04 36.98 16.44
CA TYR A 80 0.20 38.19 16.52
C TYR A 80 0.66 39.30 15.58
N GLN A 81 1.72 39.06 14.80
CA GLN A 81 2.31 40.07 13.95
C GLN A 81 1.52 40.13 12.63
N LYS A 82 1.57 41.29 11.99
CA LYS A 82 1.08 41.52 10.66
C LYS A 82 2.25 41.84 9.73
N SER A 83 2.00 41.70 8.43
CA SER A 83 2.98 42.02 7.40
C SER A 83 2.98 43.52 7.11
N SER A 84 3.86 43.96 6.20
CA SER A 84 4.02 45.35 5.76
C SER A 84 2.70 45.96 5.32
N ASP A 85 1.79 45.13 4.79
CA ASP A 85 0.55 45.64 4.18
C ASP A 85 -0.66 45.42 5.10
N GLY A 86 -0.43 45.07 6.37
CA GLY A 86 -1.52 44.92 7.36
C GLY A 86 -2.13 43.52 7.40
N THR A 87 -1.67 42.60 6.55
CA THR A 87 -2.17 41.21 6.54
C THR A 87 -1.65 40.46 7.77
N PRO A 88 -2.50 40.04 8.73
CA PRO A 88 -2.06 39.17 9.83
C PRO A 88 -1.40 37.89 9.25
N PHE A 89 -0.27 37.46 9.81
CA PHE A 89 0.40 36.30 9.25
C PHE A 89 -0.55 35.11 9.25
N VAL A 90 -1.35 34.96 10.31
CA VAL A 90 -2.17 33.75 10.43
C VAL A 90 -3.22 33.69 9.33
N ASP A 91 -3.65 34.86 8.83
CA ASP A 91 -4.58 34.91 7.69
C ASP A 91 -3.84 34.60 6.40
N MET A 92 -2.63 35.12 6.28
CA MET A 92 -1.79 34.88 5.14
C MET A 92 -1.63 33.37 4.94
N LEU A 93 -1.39 32.66 6.05
CA LEU A 93 -1.19 31.22 6.07
C LEU A 93 -2.49 30.49 5.69
N LYS A 94 -3.58 30.85 6.35
CA LYS A 94 -4.88 30.21 6.16
C LYS A 94 -5.35 30.34 4.69
N SER A 95 -5.30 31.56 4.11
CA SER A 95 -5.64 31.80 2.70
C SER A 95 -4.99 30.78 1.77
N ALA A 96 -3.80 30.28 2.14
CA ALA A 96 -3.01 29.37 1.32
C ALA A 96 -3.19 27.93 1.77
N GLY A 97 -4.06 27.69 2.75
CA GLY A 97 -4.28 26.33 3.25
C GLY A 97 -3.22 25.85 4.24
N VAL A 98 -2.41 26.75 4.76
CA VAL A 98 -1.37 26.41 5.74
C VAL A 98 -1.93 26.55 7.16
N LEU A 99 -1.79 25.50 7.99
CA LEU A 99 -2.17 25.61 9.41
C LEU A 99 -1.11 26.42 10.18
N PRO A 100 -1.48 27.43 10.96
CA PRO A 100 -0.54 28.09 11.86
C PRO A 100 -0.37 27.24 13.11
N GLY A 101 0.89 27.13 13.55
CA GLY A 101 1.26 26.39 14.74
C GLY A 101 1.96 27.27 15.75
N ILE A 102 2.05 26.84 17.00
CA ILE A 102 2.57 27.67 18.08
C ILE A 102 3.53 26.83 18.94
N LYS A 103 4.75 27.33 19.14
CA LYS A 103 5.67 26.79 20.12
C LYS A 103 5.18 27.18 21.51
N VAL A 104 4.99 26.18 22.39
CA VAL A 104 4.37 26.47 23.70
C VAL A 104 5.27 26.11 24.90
N ASP A 105 6.38 25.40 24.68
CA ASP A 105 7.34 25.09 25.78
C ASP A 105 8.03 26.39 26.21
N LYS A 106 8.50 26.44 27.44
CA LYS A 106 9.25 27.57 27.98
C LYS A 106 10.73 27.19 28.20
N GLY A 107 11.30 26.37 27.32
CA GLY A 107 12.75 26.09 27.33
C GLY A 107 13.12 25.00 28.32
N THR A 108 14.41 24.75 28.46
CA THR A 108 14.87 23.62 29.25
C THR A 108 15.57 24.09 30.53
N VAL A 109 15.67 23.20 31.53
CA VAL A 109 16.44 23.36 32.75
C VAL A 109 17.23 22.07 33.00
N GLU A 110 18.35 22.18 33.71
CA GLU A 110 19.17 21.04 34.04
C GLU A 110 18.59 20.23 35.21
N LEU A 111 18.77 18.91 35.11
CA LEU A 111 18.37 17.96 36.10
C LEU A 111 19.54 17.73 37.03
N ALA A 112 19.38 18.03 38.32
CA ALA A 112 20.39 17.72 39.34
C ALA A 112 20.64 16.20 39.34
N GLY A 113 21.90 15.82 39.53
CA GLY A 113 22.29 14.43 39.67
C GLY A 113 22.46 13.74 38.33
N THR A 114 22.42 14.51 37.22
CA THR A 114 22.71 14.02 35.88
C THR A 114 23.91 14.79 35.35
N ASN A 115 24.42 14.37 34.20
CA ASN A 115 25.54 15.03 33.53
C ASN A 115 25.01 15.96 32.41
N GLY A 116 24.47 17.11 32.82
CA GLY A 116 23.98 18.18 31.93
C GLY A 116 22.72 17.79 31.13
N GLU A 117 21.94 16.82 31.64
CA GLU A 117 20.71 16.43 31.03
C GLU A 117 19.65 17.44 31.47
N THR A 118 18.64 17.61 30.61
CA THR A 118 17.64 18.58 30.82
C THR A 118 16.25 17.93 30.85
N THR A 119 15.31 18.76 31.32
CA THR A 119 13.91 18.54 31.28
C THR A 119 13.31 19.84 30.76
N THR A 120 12.13 19.77 30.16
CA THR A 120 11.51 20.91 29.52
C THR A 120 10.38 21.43 30.40
N GLN A 121 10.36 22.76 30.54
CA GLN A 121 9.36 23.50 31.29
C GLN A 121 8.21 23.93 30.39
N GLY A 122 7.10 24.33 31.02
CA GLY A 122 6.04 25.00 30.31
C GLY A 122 4.64 24.54 30.63
N LEU A 123 4.43 23.66 31.61
CA LEU A 123 3.09 23.11 31.86
C LEU A 123 2.19 24.10 32.60
N ASP A 124 2.78 25.02 33.35
CA ASP A 124 2.03 25.96 34.17
C ASP A 124 1.29 26.95 33.30
N GLY A 125 -0.04 26.98 33.49
CA GLY A 125 -0.98 27.82 32.75
C GLY A 125 -1.03 27.50 31.26
N LEU A 126 -0.62 26.29 30.88
CA LEU A 126 -0.50 25.95 29.46
C LEU A 126 -1.89 25.87 28.82
N GLY A 127 -2.87 25.37 29.57
CA GLY A 127 -4.23 25.28 29.10
C GLY A 127 -4.75 26.62 28.66
N ASP A 128 -4.61 27.62 29.52
CA ASP A 128 -5.12 28.97 29.20
C ASP A 128 -4.35 29.57 28.00
N ARG A 129 -3.02 29.33 27.91
CA ARG A 129 -2.21 29.78 26.75
C ARG A 129 -2.77 29.14 25.47
N CYS A 130 -2.90 27.80 25.45
CA CYS A 130 -3.36 27.06 24.29
C CYS A 130 -4.72 27.58 23.80
N LYS A 131 -5.61 27.95 24.72
CA LYS A 131 -6.91 28.43 24.38
C LYS A 131 -6.78 29.79 23.68
N LYS A 132 -5.91 30.68 24.18
CA LYS A 132 -5.66 31.99 23.56
C LYS A 132 -5.05 31.80 22.16
N TYR A 133 -4.16 30.82 22.06
CA TYR A 133 -3.50 30.53 20.84
C TYR A 133 -4.49 29.99 19.79
N TYR A 134 -5.36 29.04 20.19
CA TYR A 134 -6.44 28.56 19.36
C TYR A 134 -7.29 29.75 18.86
N GLU A 135 -7.67 30.66 19.77
CA GLU A 135 -8.50 31.81 19.40
C GLU A 135 -7.76 32.72 18.42
N ALA A 136 -6.42 32.74 18.47
CA ALA A 136 -5.61 33.59 17.57
C ALA A 136 -5.37 32.90 16.22
N GLY A 137 -5.86 31.66 16.05
CA GLY A 137 -5.82 30.93 14.77
C GLY A 137 -4.84 29.77 14.74
N ALA A 138 -4.18 29.44 15.85
CA ALA A 138 -3.26 28.34 15.90
C ALA A 138 -4.06 27.03 15.95
N ARG A 139 -3.58 25.99 15.26
CA ARG A 139 -4.31 24.71 15.24
C ARG A 139 -3.37 23.54 15.57
N PHE A 140 -2.06 23.80 15.73
CA PHE A 140 -1.14 22.82 16.30
C PHE A 140 -0.13 23.51 17.22
N ALA A 141 0.61 22.70 17.96
CA ALA A 141 1.52 23.15 18.99
C ALA A 141 2.83 22.39 18.90
N LYS A 142 3.85 22.95 19.50
CA LYS A 142 5.17 22.37 19.56
C LYS A 142 5.78 22.56 20.96
N TRP A 143 6.40 21.47 21.41
CA TRP A 143 7.13 21.36 22.68
C TRP A 143 8.38 20.53 22.40
N ARG A 144 9.54 21.08 22.69
CA ARG A 144 10.79 20.35 22.44
C ARG A 144 11.40 19.85 23.75
N ALA A 145 11.54 18.51 23.84
CA ALA A 145 12.35 17.81 24.80
C ALA A 145 13.73 17.54 24.18
N VAL A 146 14.78 17.64 24.99
CA VAL A 146 16.19 17.43 24.53
C VAL A 146 16.82 16.31 25.32
N LEU A 147 17.34 15.30 24.65
CA LEU A 147 18.06 14.16 25.23
C LEU A 147 19.48 14.16 24.64
N LYS A 148 20.47 13.74 25.41
CA LYS A 148 21.81 13.65 24.85
C LYS A 148 22.26 12.20 24.93
N ILE A 149 23.30 11.87 24.15
CA ILE A 149 23.86 10.51 24.11
C ILE A 149 25.26 10.55 24.74
N GLY A 150 25.48 9.71 25.75
CA GLY A 150 26.76 9.61 26.48
C GLY A 150 26.95 8.21 27.05
N VAL A 151 28.01 8.00 27.85
CA VAL A 151 28.21 6.65 28.43
C VAL A 151 26.96 6.29 29.25
N ASN A 152 26.45 7.22 30.07
CA ASN A 152 25.31 6.94 30.94
C ASN A 152 24.05 7.76 30.53
N GLU A 153 24.04 8.31 29.30
CA GLU A 153 22.98 9.15 28.80
C GLU A 153 22.37 8.60 27.50
N PRO A 154 21.06 8.69 27.35
CA PRO A 154 20.23 9.39 28.30
C PRO A 154 19.87 8.48 29.47
N SER A 155 19.77 9.07 30.64
CA SER A 155 19.48 8.37 31.88
C SER A 155 17.97 8.08 31.92
N GLN A 156 17.64 7.09 32.75
CA GLN A 156 16.32 6.73 33.06
C GLN A 156 15.55 7.98 33.49
N LEU A 157 16.13 8.78 34.42
CA LEU A 157 15.46 10.00 34.95
C LEU A 157 15.14 11.00 33.81
N ALA A 158 16.11 11.29 32.96
CA ALA A 158 15.94 12.24 31.82
C ALA A 158 14.85 11.74 30.87
N ILE A 159 14.89 10.45 30.58
CA ILE A 159 13.91 9.89 29.68
C ILE A 159 12.50 10.06 30.31
N HIS A 160 12.37 9.59 31.55
CA HIS A 160 11.12 9.59 32.26
C HIS A 160 10.54 11.03 32.30
N GLU A 161 11.34 12.01 32.70
CA GLU A 161 10.94 13.41 32.82
C GLU A 161 10.49 13.97 31.47
N ASN A 162 11.20 13.63 30.39
CA ASN A 162 10.94 14.20 29.12
C ASN A 162 9.72 13.52 28.53
N ALA A 163 9.63 12.19 28.62
CA ALA A 163 8.47 11.48 28.07
C ALA A 163 7.19 11.97 28.77
N TYR A 164 7.19 12.05 30.12
CA TYR A 164 5.95 12.33 30.81
C TYR A 164 5.63 13.83 30.67
N GLY A 165 6.65 14.68 30.49
CA GLY A 165 6.43 16.11 30.20
C GLY A 165 5.75 16.30 28.85
N LEU A 166 6.19 15.52 27.85
CA LEU A 166 5.59 15.55 26.54
C LEU A 166 4.14 15.07 26.60
N ALA A 167 3.89 14.02 27.38
CA ALA A 167 2.53 13.38 27.43
C ALA A 167 1.51 14.36 28.00
N ARG A 168 1.92 15.06 29.04
CA ARG A 168 1.04 15.91 29.79
C ARG A 168 0.77 17.12 28.90
N TYR A 169 1.81 17.60 28.24
CA TYR A 169 1.72 18.72 27.26
C TYR A 169 0.71 18.35 26.16
N ALA A 170 0.81 17.09 25.69
CA ALA A 170 -0.03 16.61 24.60
C ALA A 170 -1.52 16.65 24.99
N VAL A 171 -1.85 16.19 26.19
CA VAL A 171 -3.23 16.18 26.67
C VAL A 171 -3.77 17.60 26.69
N ILE A 172 -3.01 18.51 27.29
CA ILE A 172 -3.50 19.87 27.49
C ILE A 172 -3.77 20.51 26.11
N CYS A 173 -2.84 20.28 25.17
CA CYS A 173 -2.98 20.70 23.80
C CYS A 173 -4.32 20.22 23.23
N GLN A 174 -4.59 18.91 23.35
CA GLN A 174 -5.74 18.35 22.73
C GLN A 174 -7.00 18.89 23.41
N GLU A 175 -6.96 19.14 24.71
CA GLU A 175 -8.16 19.70 25.41
C GLU A 175 -8.52 21.07 24.88
N ASN A 176 -7.56 21.78 24.28
CA ASN A 176 -7.75 23.15 23.85
C ASN A 176 -7.68 23.25 22.32
N GLY A 177 -7.71 22.13 21.62
CA GLY A 177 -7.96 22.11 20.15
C GLY A 177 -6.70 22.30 19.32
N LEU A 178 -5.52 22.05 19.93
CA LEU A 178 -4.21 22.11 19.24
C LEU A 178 -3.65 20.70 19.12
N VAL A 179 -3.35 20.30 17.89
CA VAL A 179 -2.61 19.09 17.63
C VAL A 179 -1.21 19.24 18.19
N PRO A 180 -0.81 18.42 19.18
CA PRO A 180 0.53 18.46 19.74
C PRO A 180 1.56 17.78 18.84
N ILE A 181 2.59 18.51 18.44
CA ILE A 181 3.79 17.89 17.92
C ILE A 181 4.64 17.43 19.12
N VAL A 182 4.83 16.11 19.22
CA VAL A 182 5.65 15.52 20.16
C VAL A 182 7.07 15.52 19.59
N GLU A 183 7.98 16.32 20.18
CA GLU A 183 9.41 16.45 19.71
C GLU A 183 10.42 15.99 20.75
N PRO A 184 10.81 14.69 20.78
CA PRO A 184 11.85 14.20 21.69
C PRO A 184 13.18 14.20 20.92
N GLU A 185 13.86 15.33 20.91
CA GLU A 185 15.09 15.43 20.09
C GLU A 185 16.27 14.79 20.81
N ILE A 186 16.88 13.80 20.18
CA ILE A 186 18.11 13.25 20.60
C ILE A 186 19.24 13.99 19.87
N LEU A 187 20.04 14.74 20.65
CA LEU A 187 21.14 15.55 20.10
C LEU A 187 22.20 14.63 19.49
N VAL A 188 22.91 15.12 18.47
CA VAL A 188 23.91 14.32 17.72
C VAL A 188 25.26 14.31 18.44
N ASP A 189 25.46 15.18 19.40
CA ASP A 189 26.81 15.43 19.95
C ASP A 189 27.46 14.13 20.43
N GLY A 190 28.67 13.87 19.95
CA GLY A 190 29.51 12.75 20.40
C GLY A 190 30.14 11.98 19.25
N SER A 191 30.82 10.88 19.61
CA SER A 191 31.58 10.02 18.67
C SER A 191 30.91 8.66 18.45
N HIS A 192 29.67 8.53 18.91
CA HIS A 192 28.89 7.35 18.73
C HIS A 192 28.54 7.19 17.24
N ASP A 193 28.28 5.93 16.85
CA ASP A 193 27.89 5.54 15.51
C ASP A 193 26.34 5.56 15.41
N ILE A 194 25.85 5.23 14.20
CA ILE A 194 24.46 5.35 13.87
C ILE A 194 23.67 4.28 14.63
N GLN A 195 24.28 3.10 14.87
CA GLN A 195 23.67 2.00 15.61
C GLN A 195 23.31 2.46 17.01
N LYS A 196 24.21 3.24 17.65
CA LYS A 196 23.93 3.77 18.98
CA LYS A 196 23.93 3.77 18.98
C LYS A 196 22.76 4.75 18.90
N CYS A 197 22.82 5.67 17.94
CA CYS A 197 21.72 6.60 17.79
C CYS A 197 20.39 5.81 17.63
N ALA A 198 20.40 4.71 16.86
CA ALA A 198 19.21 3.92 16.60
C ALA A 198 18.65 3.35 17.89
N ALA A 199 19.53 2.77 18.71
CA ALA A 199 19.15 2.13 19.97
C ALA A 199 18.57 3.18 20.94
N VAL A 200 19.23 4.33 21.05
CA VAL A 200 18.73 5.42 21.89
C VAL A 200 17.41 5.98 21.36
N THR A 201 17.30 6.25 20.04
CA THR A 201 16.02 6.69 19.47
C THR A 201 14.89 5.66 19.78
N GLU A 202 15.17 4.37 19.62
CA GLU A 202 14.17 3.34 19.86
C GLU A 202 13.75 3.35 21.36
N ARG A 203 14.73 3.39 22.27
CA ARG A 203 14.38 3.47 23.69
C ARG A 203 13.55 4.74 24.01
N VAL A 204 13.96 5.88 23.49
CA VAL A 204 13.27 7.12 23.81
C VAL A 204 11.82 7.12 23.29
N LEU A 205 11.63 6.72 22.03
CA LEU A 205 10.29 6.77 21.43
C LEU A 205 9.35 5.79 22.16
N ALA A 206 9.86 4.63 22.54
CA ALA A 206 9.08 3.63 23.22
C ALA A 206 8.62 4.16 24.58
N ALA A 207 9.54 4.83 25.30
CA ALA A 207 9.16 5.57 26.54
C ALA A 207 8.10 6.67 26.27
N CYS A 208 8.23 7.45 25.18
CA CYS A 208 7.30 8.50 24.90
C CYS A 208 5.89 7.94 24.59
N TYR A 209 5.78 6.85 23.83
CA TYR A 209 4.42 6.33 23.45
C TYR A 209 3.78 5.61 24.62
N LYS A 210 4.60 5.00 25.51
CA LYS A 210 4.11 4.48 26.76
C LYS A 210 3.50 5.60 27.60
N ALA A 211 4.22 6.73 27.73
CA ALA A 211 3.70 7.84 28.52
C ALA A 211 2.40 8.37 27.93
N LEU A 212 2.36 8.54 26.59
CA LEU A 212 1.18 9.09 25.88
C LEU A 212 -0.03 8.18 26.11
N SER A 213 0.18 6.86 26.11
CA SER A 213 -0.85 5.87 26.46
C SER A 213 -1.33 6.05 27.91
N ASP A 214 -0.38 6.13 28.83
CA ASP A 214 -0.78 6.34 30.25
C ASP A 214 -1.57 7.64 30.38
N HIS A 215 -1.23 8.68 29.60
CA HIS A 215 -1.97 9.98 29.70
C HIS A 215 -3.25 10.02 28.86
N HIS A 216 -3.62 8.90 28.23
CA HIS A 216 -4.88 8.77 27.39
C HIS A 216 -4.94 9.78 26.22
N VAL A 217 -3.77 10.06 25.62
CA VAL A 217 -3.67 10.94 24.47
C VAL A 217 -4.31 10.25 23.24
N LEU A 218 -5.06 11.02 22.45
CA LEU A 218 -5.63 10.57 21.16
C LEU A 218 -4.51 10.62 20.11
N LEU A 219 -3.91 9.48 19.83
CA LEU A 219 -2.75 9.39 18.96
C LEU A 219 -3.05 9.90 17.54
N GLU A 220 -4.28 9.67 17.10
CA GLU A 220 -4.69 10.08 15.80
C GLU A 220 -4.71 11.62 15.67
N GLY A 221 -4.72 12.32 16.81
CA GLY A 221 -4.69 13.79 16.87
C GLY A 221 -3.32 14.32 17.29
N THR A 222 -2.24 13.58 17.00
CA THR A 222 -0.88 14.00 17.35
C THR A 222 0.06 13.86 16.16
N LEU A 223 1.27 14.37 16.32
CA LEU A 223 2.34 14.33 15.35
C LEU A 223 3.62 14.00 16.13
N LEU A 224 4.61 13.43 15.43
CA LEU A 224 5.93 13.18 16.02
C LEU A 224 6.97 13.96 15.19
N LYS A 225 7.84 14.68 15.90
CA LYS A 225 8.98 15.36 15.33
C LYS A 225 10.24 14.80 15.98
N PRO A 226 10.75 13.65 15.51
CA PRO A 226 11.95 13.01 16.03
C PRO A 226 13.15 13.43 15.18
N ASN A 227 14.34 13.19 15.69
CA ASN A 227 15.57 13.25 14.95
C ASN A 227 15.55 12.09 13.98
N MET A 228 16.21 12.27 12.85
CA MET A 228 16.60 11.15 12.03
C MET A 228 17.71 10.43 12.79
N VAL A 229 17.88 9.16 12.48
CA VAL A 229 18.89 8.36 13.07
C VAL A 229 20.17 8.55 12.24
N THR A 230 21.20 9.16 12.88
CA THR A 230 22.46 9.51 12.24
C THR A 230 23.63 9.19 13.16
N PRO A 231 24.84 9.10 12.58
CA PRO A 231 26.07 9.07 13.37
C PRO A 231 26.20 10.37 14.17
N GLY A 232 26.95 10.28 15.27
CA GLY A 232 27.22 11.44 16.07
C GLY A 232 28.09 12.44 15.33
N SER A 233 28.14 13.65 15.89
CA SER A 233 28.76 14.84 15.29
C SER A 233 30.24 14.63 14.97
N GLU A 234 30.90 13.73 15.70
CA GLU A 234 32.36 13.50 15.51
C GLU A 234 32.63 12.28 14.61
N SER A 235 31.57 11.59 14.18
CA SER A 235 31.71 10.37 13.41
C SER A 235 31.51 10.68 11.93
N ALA A 236 32.03 9.83 11.07
CA ALA A 236 31.91 10.03 9.61
C ALA A 236 30.42 10.02 9.22
N LYS A 237 30.02 10.98 8.39
CA LYS A 237 28.73 11.01 7.77
C LYS A 237 28.53 9.78 6.88
N VAL A 238 27.26 9.43 6.69
CA VAL A 238 26.89 8.22 6.07
C VAL A 238 25.84 8.52 4.97
N ALA A 239 25.71 7.63 3.99
CA ALA A 239 24.87 7.84 2.80
C ALA A 239 23.41 7.94 3.20
N PRO A 240 22.56 8.68 2.44
CA PRO A 240 21.15 8.82 2.75
C PRO A 240 20.41 7.47 2.92
N GLU A 241 20.80 6.46 2.15
CA GLU A 241 20.16 5.12 2.19
C GLU A 241 20.39 4.48 3.57
N VAL A 242 21.56 4.71 4.18
CA VAL A 242 21.87 4.18 5.48
C VAL A 242 21.07 4.95 6.53
N ILE A 243 21.00 6.27 6.45
CA ILE A 243 20.15 7.09 7.36
CA ILE A 243 20.15 7.09 7.36
C ILE A 243 18.71 6.58 7.30
N ALA A 244 18.24 6.30 6.08
CA ALA A 244 16.87 5.95 5.82
C ALA A 244 16.58 4.59 6.49
N GLU A 245 17.44 3.61 6.25
CA GLU A 245 17.23 2.28 6.76
C GLU A 245 17.12 2.29 8.28
N HIS A 246 18.08 2.96 8.94
CA HIS A 246 18.15 2.99 10.42
C HIS A 246 16.97 3.78 10.98
N THR A 247 16.64 4.92 10.37
CA THR A 247 15.60 5.80 10.85
C THR A 247 14.25 5.05 10.75
N VAL A 248 13.95 4.48 9.58
CA VAL A 248 12.61 3.92 9.35
C VAL A 248 12.44 2.71 10.26
N ARG A 249 13.49 1.91 10.38
CA ARG A 249 13.51 0.74 11.31
C ARG A 249 13.20 1.17 12.75
N ALA A 250 13.83 2.25 13.23
CA ALA A 250 13.56 2.76 14.57
C ALA A 250 12.08 3.15 14.73
N LEU A 251 11.51 3.78 13.71
CA LEU A 251 10.10 4.25 13.78
C LEU A 251 9.12 3.06 13.70
N GLN A 252 9.45 2.09 12.83
CA GLN A 252 8.64 0.90 12.72
C GLN A 252 8.57 0.19 14.09
N ARG A 253 9.66 0.28 14.85
CA ARG A 253 9.76 -0.44 16.09
C ARG A 253 9.00 0.22 17.24
N THR A 254 8.58 1.48 17.07
CA THR A 254 8.14 2.26 18.23
C THR A 254 6.89 3.11 17.97
N VAL A 255 6.68 3.65 16.77
CA VAL A 255 5.63 4.68 16.59
C VAL A 255 4.36 4.03 16.09
N PRO A 256 3.26 4.02 16.88
CA PRO A 256 2.02 3.37 16.41
C PRO A 256 1.51 3.93 15.06
N ALA A 257 0.90 3.03 14.29
CA ALA A 257 0.25 3.36 12.99
C ALA A 257 -0.80 4.48 13.17
N ALA A 258 -1.37 4.60 14.36
CA ALA A 258 -2.40 5.57 14.64
C ALA A 258 -1.87 6.99 14.44
N VAL A 259 -0.56 7.18 14.63
CA VAL A 259 0.01 8.50 14.42
C VAL A 259 0.01 8.74 12.92
N PRO A 260 -0.59 9.85 12.43
CA PRO A 260 -0.69 10.08 10.99
C PRO A 260 0.60 10.51 10.29
N ALA A 261 1.49 11.21 10.99
CA ALA A 261 2.67 11.73 10.30
C ALA A 261 3.82 11.94 11.27
N ILE A 262 5.01 11.79 10.68
CA ILE A 262 6.28 11.97 11.33
CA ILE A 262 6.28 11.97 11.33
C ILE A 262 6.99 13.08 10.55
N VAL A 263 7.21 14.21 11.22
CA VAL A 263 7.76 15.40 10.59
C VAL A 263 9.16 15.61 11.18
N PHE A 264 10.17 15.15 10.46
CA PHE A 264 11.51 15.08 10.97
C PHE A 264 12.06 16.48 11.28
N LEU A 265 12.79 16.60 12.39
CA LEU A 265 13.64 17.79 12.64
C LEU A 265 14.93 17.62 11.85
N SER A 266 15.52 18.76 11.48
CA SER A 266 16.74 18.79 10.67
C SER A 266 17.97 18.74 11.58
N GLY A 267 17.89 19.33 12.77
CA GLY A 267 18.98 19.22 13.76
C GLY A 267 20.24 19.87 13.22
N GLY A 268 21.33 19.12 13.16
CA GLY A 268 22.61 19.73 12.66
C GLY A 268 22.76 19.71 11.14
N GLN A 269 21.80 19.13 10.41
CA GLN A 269 22.01 18.73 9.00
C GLN A 269 21.93 19.96 8.10
N SER A 270 22.70 19.94 7.00
CA SER A 270 22.59 20.95 5.94
C SER A 270 21.25 20.82 5.19
N GLU A 271 20.89 21.88 4.47
CA GLU A 271 19.71 21.93 3.60
C GLU A 271 19.65 20.70 2.69
N GLU A 272 20.72 20.46 1.94
CA GLU A 272 20.69 19.44 0.90
C GLU A 272 20.66 18.05 1.55
N GLU A 273 21.42 17.86 2.64
CA GLU A 273 21.54 16.60 3.30
C GLU A 273 20.16 16.23 3.91
N ALA A 274 19.46 17.19 4.51
CA ALA A 274 18.17 16.93 5.12
C ALA A 274 17.20 16.41 4.06
N THR A 275 17.18 17.06 2.91
CA THR A 275 16.28 16.75 1.80
C THR A 275 16.58 15.34 1.28
N ARG A 276 17.85 15.06 1.03
CA ARG A 276 18.34 13.80 0.50
C ARG A 276 17.99 12.66 1.45
N ASN A 277 18.15 12.87 2.76
CA ASN A 277 17.86 11.82 3.76
C ASN A 277 16.34 11.54 3.79
N LEU A 278 15.53 12.60 3.80
CA LEU A 278 14.07 12.47 3.77
C LEU A 278 13.64 11.71 2.50
N ASN A 279 14.22 12.07 1.37
CA ASN A 279 13.86 11.49 0.09
C ASN A 279 14.11 9.98 0.14
N ALA A 280 15.29 9.59 0.66
CA ALA A 280 15.68 8.20 0.73
C ALA A 280 14.67 7.42 1.60
N MET A 281 14.13 8.04 2.63
CA MET A 281 13.16 7.35 3.47
C MET A 281 11.90 7.04 2.65
N ASN A 282 11.47 7.98 1.82
CA ASN A 282 10.30 7.82 0.94
C ASN A 282 10.60 6.94 -0.28
N GLN A 283 11.84 6.51 -0.48
CA GLN A 283 12.16 5.57 -1.54
C GLN A 283 12.38 4.16 -0.98
N LEU A 284 12.25 3.99 0.33
CA LEU A 284 12.42 2.69 0.96
C LEU A 284 11.13 1.86 0.86
N LYS A 285 11.23 0.66 0.30
CA LYS A 285 10.08 -0.21 0.16
CA LYS A 285 10.08 -0.20 0.17
C LYS A 285 9.93 -1.03 1.44
N THR A 286 9.02 -0.60 2.31
CA THR A 286 8.87 -1.21 3.60
C THR A 286 7.57 -0.68 4.19
N LYS A 287 7.01 -1.36 5.22
CA LYS A 287 5.76 -0.88 5.86
C LYS A 287 6.00 0.46 6.58
N LYS A 288 5.36 1.54 6.10
CA LYS A 288 5.49 2.87 6.75
C LYS A 288 4.10 3.45 6.94
N PRO A 289 3.42 3.18 8.07
CA PRO A 289 2.03 3.59 8.31
C PRO A 289 1.75 5.02 8.80
N TRP A 290 2.63 5.90 8.37
CA TRP A 290 2.58 7.27 8.64
C TRP A 290 3.27 7.94 7.45
N SER A 291 2.85 9.17 7.14
CA SER A 291 3.56 10.09 6.28
C SER A 291 4.92 10.41 6.89
N LEU A 292 5.96 10.38 6.06
CA LEU A 292 7.27 10.79 6.44
C LEU A 292 7.55 12.13 5.74
N SER A 293 7.47 13.22 6.52
CA SER A 293 7.56 14.59 6.04
C SER A 293 8.62 15.36 6.84
N PHE A 294 8.56 16.70 6.77
CA PHE A 294 9.57 17.54 7.30
C PHE A 294 8.97 18.60 8.23
N SER A 295 9.72 18.92 9.30
CA SER A 295 9.50 20.12 10.12
CA SER A 295 9.50 20.13 10.11
C SER A 295 10.85 20.81 10.29
N PHE A 296 11.27 21.55 9.27
CA PHE A 296 12.60 22.04 9.19
C PHE A 296 12.64 23.54 9.48
N GLY A 297 13.69 23.91 10.23
CA GLY A 297 14.06 25.28 10.51
C GLY A 297 15.22 25.70 9.63
N ARG A 298 16.44 25.42 10.10
CA ARG A 298 17.71 25.81 9.48
C ARG A 298 17.79 25.22 8.06
N ALA A 299 17.37 23.96 7.92
CA ALA A 299 17.39 23.23 6.62
C ALA A 299 16.46 23.86 5.60
N LEU A 300 15.54 24.73 6.04
CA LEU A 300 14.62 25.42 5.12
C LEU A 300 15.01 26.88 4.89
N GLN A 301 15.71 27.49 5.86
CA GLN A 301 15.96 28.96 5.87
C GLN A 301 17.42 29.35 5.55
N GLN A 302 18.41 28.49 5.84
CA GLN A 302 19.88 28.84 5.85
C GLN A 302 20.29 29.65 4.62
N SER A 303 20.03 29.14 3.41
CA SER A 303 20.49 29.76 2.16
CA SER A 303 20.50 29.76 2.16
C SER A 303 19.68 31.04 1.86
N THR A 304 18.44 31.08 2.35
CA THR A 304 17.56 32.26 2.21
C THR A 304 18.07 33.40 3.09
N LEU A 305 18.40 33.09 4.35
CA LEU A 305 19.03 34.01 5.29
C LEU A 305 20.24 34.72 4.64
N LYS A 306 21.10 33.95 3.96
CA LYS A 306 22.36 34.45 3.37
C LYS A 306 22.08 35.32 2.13
N THR A 307 21.26 34.81 1.19
CA THR A 307 20.94 35.57 -0.04
C THR A 307 20.34 36.93 0.35
N TRP A 308 19.43 36.91 1.33
CA TRP A 308 18.85 38.10 1.92
C TRP A 308 19.94 38.69 2.81
N GLY A 309 20.59 39.74 2.34
CA GLY A 309 21.69 40.37 3.11
C GLY A 309 21.16 41.01 4.38
N GLY A 310 19.95 41.55 4.28
CA GLY A 310 19.45 42.53 5.23
C GLY A 310 18.54 43.52 4.54
N LYS A 311 18.92 43.91 3.31
CA LYS A 311 18.19 44.89 2.51
C LYS A 311 17.33 44.19 1.44
N GLU A 312 16.54 45.02 0.76
CA GLU A 312 15.29 44.63 0.15
C GLU A 312 15.45 44.37 -1.37
N GLU A 313 16.64 44.67 -1.93
CA GLU A 313 16.95 44.32 -3.32
C GLU A 313 17.14 42.80 -3.39
N ASN A 314 17.59 42.20 -2.28
CA ASN A 314 17.88 40.77 -2.20
C ASN A 314 16.66 39.94 -1.76
N VAL A 315 15.45 40.52 -1.79
CA VAL A 315 14.25 39.79 -1.37
C VAL A 315 13.84 38.83 -2.49
N LYS A 316 13.73 39.33 -3.73
CA LYS A 316 13.30 38.51 -4.88
C LYS A 316 14.25 37.32 -5.05
N LYS A 317 15.55 37.57 -4.83
CA LYS A 317 16.58 36.55 -4.98
C LYS A 317 16.49 35.53 -3.84
N ALA A 318 16.22 36.02 -2.63
CA ALA A 318 16.16 35.18 -1.43
C ALA A 318 14.87 34.34 -1.44
N GLN A 319 13.80 34.90 -1.99
CA GLN A 319 12.55 34.21 -2.13
C GLN A 319 12.69 33.10 -3.17
N GLU A 320 13.49 33.31 -4.21
CA GLU A 320 13.72 32.24 -5.21
C GLU A 320 14.53 31.12 -4.53
N ALA A 321 15.46 31.50 -3.65
CA ALA A 321 16.23 30.50 -2.91
C ALA A 321 15.30 29.71 -1.96
N PHE A 322 14.36 30.40 -1.31
CA PHE A 322 13.47 29.74 -0.34
C PHE A 322 12.54 28.76 -1.06
N LEU A 323 12.05 29.15 -2.23
CA LEU A 323 11.22 28.33 -3.08
C LEU A 323 11.97 27.05 -3.47
N VAL A 324 13.25 27.19 -3.84
CA VAL A 324 14.10 26.02 -4.16
C VAL A 324 14.01 24.98 -3.02
N ARG A 325 14.14 25.39 -1.76
CA ARG A 325 14.17 24.41 -0.66
C ARG A 325 12.77 23.89 -0.38
N CYS A 326 11.76 24.75 -0.46
CA CYS A 326 10.36 24.33 -0.25
C CYS A 326 10.02 23.25 -1.29
N LYS A 327 10.32 23.53 -2.56
CA LYS A 327 10.02 22.64 -3.67
C LYS A 327 10.78 21.34 -3.48
N ALA A 328 12.06 21.41 -3.11
CA ALA A 328 12.87 20.23 -2.95
C ALA A 328 12.33 19.32 -1.83
N ASN A 329 11.92 19.90 -0.70
CA ASN A 329 11.46 19.10 0.43
C ASN A 329 10.07 18.53 0.13
N SER A 330 9.23 19.30 -0.55
CA SER A 330 7.95 18.80 -1.02
C SER A 330 8.18 17.55 -1.88
N GLU A 331 9.15 17.59 -2.78
CA GLU A 331 9.45 16.45 -3.66
C GLU A 331 9.98 15.29 -2.83
N ALA A 332 10.77 15.63 -1.80
CA ALA A 332 11.36 14.61 -0.92
C ALA A 332 10.24 13.85 -0.19
N THR A 333 9.15 14.53 0.19
CA THR A 333 8.01 13.82 0.86
C THR A 333 7.38 12.74 -0.06
N LEU A 334 7.54 12.90 -1.38
CA LEU A 334 6.96 12.04 -2.38
C LEU A 334 8.00 11.05 -2.90
N GLY A 335 9.25 11.17 -2.43
CA GLY A 335 10.32 10.27 -2.87
C GLY A 335 10.80 10.60 -4.28
N ALA A 336 10.58 11.85 -4.68
CA ALA A 336 10.69 12.23 -6.09
C ALA A 336 11.74 13.32 -6.29
N TYR A 337 12.58 13.56 -5.28
CA TYR A 337 13.60 14.55 -5.35
C TYR A 337 14.79 13.99 -6.12
N LYS A 338 15.25 14.71 -7.14
CA LYS A 338 16.26 14.18 -8.03
C LYS A 338 17.60 14.91 -7.84
N GLY A 339 17.66 15.84 -6.90
CA GLY A 339 18.75 16.82 -6.83
C GLY A 339 18.33 18.14 -7.47
N ASP A 340 18.98 19.22 -7.05
CA ASP A 340 18.90 20.56 -7.71
C ASP A 340 20.32 20.97 -8.10
N PHE B 4 8.84 10.11 -28.69
CA PHE B 4 8.32 11.38 -28.12
C PHE B 4 8.77 11.55 -26.67
N THR B 5 9.72 12.49 -26.46
CA THR B 5 9.96 13.10 -25.17
C THR B 5 9.66 14.59 -25.27
N SER B 6 8.70 15.06 -24.44
CA SER B 6 8.46 16.49 -24.28
C SER B 6 9.64 17.13 -23.50
N LYS B 7 9.87 18.43 -23.71
CA LYS B 7 10.75 19.23 -22.83
C LYS B 7 10.00 19.58 -21.53
N PHE B 8 8.68 19.41 -21.52
CA PHE B 8 7.86 19.68 -20.35
C PHE B 8 7.63 18.42 -19.51
N ALA B 9 8.31 17.31 -19.85
CA ALA B 9 7.96 15.97 -19.29
C ALA B 9 7.95 16.01 -17.76
N ASP B 10 9.02 16.53 -17.14
CA ASP B 10 9.09 16.56 -15.64
C ASP B 10 7.95 17.40 -15.06
N GLU B 11 7.71 18.59 -15.63
CA GLU B 11 6.65 19.45 -15.13
C GLU B 11 5.25 18.80 -15.32
N LEU B 12 5.06 18.08 -16.43
CA LEU B 12 3.78 17.39 -16.70
C LEU B 12 3.51 16.34 -15.60
N ILE B 13 4.53 15.52 -15.31
CA ILE B 13 4.47 14.41 -14.33
C ILE B 13 4.23 14.96 -12.91
N ALA B 14 4.96 16.02 -12.54
CA ALA B 14 4.77 16.73 -11.24
C ALA B 14 3.36 17.35 -11.14
N ASN B 15 2.89 18.05 -12.19
CA ASN B 15 1.57 18.68 -12.14
C ASN B 15 0.46 17.63 -12.14
N ALA B 16 0.57 16.59 -12.97
CA ALA B 16 -0.51 15.54 -12.97
C ALA B 16 -0.60 14.87 -11.60
N ALA B 17 0.54 14.53 -11.03
CA ALA B 17 0.60 13.96 -9.64
C ALA B 17 -0.01 14.95 -8.62
N TYR B 18 0.26 16.24 -8.76
CA TYR B 18 -0.24 17.27 -7.86
C TYR B 18 -1.78 17.33 -7.84
N ILE B 19 -2.39 17.21 -9.02
CA ILE B 19 -3.83 17.30 -9.12
CA ILE B 19 -3.83 17.30 -9.12
C ILE B 19 -4.48 16.21 -8.26
N GLY B 20 -3.83 15.03 -8.19
CA GLY B 20 -4.33 13.93 -7.40
C GLY B 20 -3.93 13.97 -5.92
N THR B 21 -3.31 15.04 -5.40
CA THR B 21 -3.07 15.19 -3.96
C THR B 21 -4.32 14.86 -3.14
N PRO B 22 -4.25 13.84 -2.22
CA PRO B 22 -5.37 13.55 -1.31
C PRO B 22 -5.85 14.83 -0.60
N GLY B 23 -7.17 15.05 -0.61
CA GLY B 23 -7.77 16.24 -0.02
C GLY B 23 -8.14 17.31 -1.04
N LYS B 24 -7.74 17.11 -2.29
CA LYS B 24 -7.93 18.12 -3.34
C LYS B 24 -8.57 17.49 -4.59
N GLY B 25 -9.33 18.32 -5.30
CA GLY B 25 -9.90 17.97 -6.58
C GLY B 25 -10.07 19.18 -7.46
N ILE B 26 -10.80 19.02 -8.57
CA ILE B 26 -10.86 20.05 -9.57
C ILE B 26 -12.27 20.67 -9.58
N LEU B 27 -12.33 22.00 -9.64
CA LEU B 27 -13.53 22.70 -9.93
C LEU B 27 -13.58 22.93 -11.44
N ALA B 28 -14.63 22.41 -12.09
CA ALA B 28 -14.90 22.71 -13.51
C ALA B 28 -15.74 23.98 -13.59
N ALA B 29 -15.07 25.10 -13.85
CA ALA B 29 -15.73 26.39 -14.01
C ALA B 29 -15.60 26.87 -15.46
N ASP B 30 -15.59 25.91 -16.40
CA ASP B 30 -15.18 26.21 -17.79
C ASP B 30 -16.40 26.36 -18.72
N GLU B 31 -17.55 26.74 -18.16
CA GLU B 31 -18.74 26.75 -18.99
C GLU B 31 -18.63 27.98 -19.90
N SER B 32 -18.86 27.73 -21.20
CA SER B 32 -18.84 28.75 -22.25
C SER B 32 -19.78 29.89 -21.89
N THR B 33 -19.70 30.93 -22.72
CA THR B 33 -20.50 32.14 -22.58
C THR B 33 -22.00 31.78 -22.69
N GLY B 34 -22.34 30.75 -23.49
CA GLY B 34 -23.72 30.30 -23.68
C GLY B 34 -24.22 29.40 -22.53
N THR B 35 -23.42 28.39 -22.19
CA THR B 35 -23.76 27.43 -21.14
C THR B 35 -23.93 28.13 -19.78
N ILE B 36 -23.08 29.11 -19.49
CA ILE B 36 -23.19 29.83 -18.23
C ILE B 36 -24.39 30.78 -18.32
N GLY B 37 -24.71 31.24 -19.52
CA GLY B 37 -25.95 31.96 -19.78
C GLY B 37 -27.14 31.20 -19.23
N LYS B 38 -27.29 29.94 -19.67
CA LYS B 38 -28.34 29.03 -19.20
C LYS B 38 -28.38 29.01 -17.66
N ARG B 39 -27.21 28.82 -17.03
CA ARG B 39 -27.08 28.69 -15.56
C ARG B 39 -27.52 29.99 -14.89
N LEU B 40 -27.16 31.12 -15.49
CA LEU B 40 -27.46 32.44 -14.94
C LEU B 40 -28.94 32.71 -15.12
N ALA B 41 -29.48 32.37 -16.30
CA ALA B 41 -30.90 32.48 -16.60
C ALA B 41 -31.70 31.75 -15.51
N SER B 42 -31.32 30.50 -15.25
CA SER B 42 -31.99 29.57 -14.33
C SER B 42 -32.09 30.15 -12.91
N ILE B 43 -31.54 31.35 -12.70
CA ILE B 43 -31.67 32.03 -11.43
C ILE B 43 -31.81 33.55 -11.69
N ASN B 44 -32.43 33.90 -12.83
CA ASN B 44 -32.86 35.25 -13.24
C ASN B 44 -31.71 36.27 -13.18
N VAL B 45 -30.61 35.95 -13.87
CA VAL B 45 -29.51 36.89 -14.06
C VAL B 45 -29.18 36.94 -15.56
N GLU B 46 -28.98 38.17 -16.06
CA GLU B 46 -28.59 38.44 -17.44
C GLU B 46 -27.17 37.89 -17.66
N ASN B 47 -26.93 37.36 -18.85
CA ASN B 47 -25.63 36.83 -19.24
C ASN B 47 -24.77 37.94 -19.87
N VAL B 48 -24.27 38.88 -19.05
CA VAL B 48 -23.27 39.91 -19.47
C VAL B 48 -21.93 39.63 -18.75
N GLU B 49 -20.81 40.10 -19.32
CA GLU B 49 -19.45 39.92 -18.75
C GLU B 49 -19.39 40.42 -17.30
N SER B 50 -20.20 41.43 -16.96
CA SER B 50 -20.33 41.90 -15.59
C SER B 50 -20.54 40.73 -14.61
N ASN B 51 -21.56 39.90 -14.92
CA ASN B 51 -22.12 38.90 -13.99
C ASN B 51 -21.27 37.62 -13.98
N ARG B 52 -20.82 37.19 -15.17
CA ARG B 52 -19.93 36.03 -15.32
C ARG B 52 -18.68 36.23 -14.47
N ARG B 53 -18.07 37.42 -14.58
CA ARG B 53 -16.91 37.79 -13.77
C ARG B 53 -17.29 37.73 -12.28
N ALA B 54 -18.47 38.26 -11.93
CA ALA B 54 -18.93 38.33 -10.53
C ALA B 54 -19.08 36.93 -9.94
N LEU B 55 -19.64 36.00 -10.74
CA LEU B 55 -19.88 34.62 -10.34
C LEU B 55 -18.56 33.86 -10.15
N ARG B 56 -17.64 34.03 -11.10
CA ARG B 56 -16.36 33.33 -11.03
C ARG B 56 -15.56 33.90 -9.85
N GLU B 57 -15.69 35.21 -9.62
CA GLU B 57 -15.01 35.85 -8.49
C GLU B 57 -15.57 35.35 -7.15
N LEU B 58 -16.90 35.25 -7.05
CA LEU B 58 -17.61 34.67 -5.91
C LEU B 58 -17.00 33.31 -5.54
N LEU B 59 -16.87 32.42 -6.53
CA LEU B 59 -16.31 31.06 -6.33
C LEU B 59 -14.87 31.17 -5.83
N PHE B 60 -14.04 31.89 -6.59
CA PHE B 60 -12.58 31.89 -6.42
C PHE B 60 -12.17 32.68 -5.17
N THR B 61 -13.00 33.60 -4.68
CA THR B 61 -12.67 34.34 -3.44
C THR B 61 -13.46 33.83 -2.25
N THR B 62 -14.08 32.63 -2.37
CA THR B 62 -14.72 31.98 -1.22
C THR B 62 -13.65 31.64 -0.19
N PRO B 63 -13.69 32.22 1.03
CA PRO B 63 -12.79 31.82 2.10
C PRO B 63 -12.83 30.29 2.29
N GLY B 64 -11.68 29.62 2.17
CA GLY B 64 -11.58 28.21 2.52
C GLY B 64 -11.69 27.26 1.33
N ALA B 65 -12.13 27.77 0.17
CA ALA B 65 -12.50 26.89 -0.95
C ALA B 65 -11.25 26.45 -1.70
N LEU B 66 -10.38 27.40 -2.05
CA LEU B 66 -9.25 27.10 -2.92
C LEU B 66 -8.36 25.98 -2.36
N PRO B 67 -8.06 25.93 -1.05
CA PRO B 67 -7.32 24.81 -0.47
C PRO B 67 -7.87 23.40 -0.72
N CYS B 68 -9.18 23.30 -1.01
CA CYS B 68 -9.79 22.04 -1.37
C CYS B 68 -9.58 21.73 -2.85
N LEU B 69 -8.94 22.62 -3.60
CA LEU B 69 -8.88 22.53 -5.06
C LEU B 69 -7.43 22.42 -5.52
N SER B 70 -7.11 21.33 -6.24
CA SER B 70 -5.79 21.20 -6.90
C SER B 70 -5.82 21.90 -8.27
N GLY B 71 -7.02 22.02 -8.85
CA GLY B 71 -7.16 22.68 -10.13
C GLY B 71 -8.53 23.29 -10.29
N VAL B 72 -8.61 24.30 -11.17
CA VAL B 72 -9.85 24.92 -11.61
C VAL B 72 -9.81 24.98 -13.13
N ILE B 73 -10.76 24.34 -13.81
CA ILE B 73 -10.87 24.40 -15.30
C ILE B 73 -11.54 25.73 -15.66
N LEU B 74 -10.89 26.52 -16.51
CA LEU B 74 -11.42 27.81 -16.96
C LEU B 74 -11.83 27.74 -18.44
N PHE B 75 -12.73 28.64 -18.81
CA PHE B 75 -13.01 29.04 -20.18
C PHE B 75 -12.03 30.16 -20.55
N GLU B 76 -11.73 30.28 -21.84
CA GLU B 76 -10.74 31.22 -22.36
C GLU B 76 -10.99 32.63 -21.84
N GLU B 77 -12.24 33.10 -21.81
CA GLU B 77 -12.56 34.45 -21.28
C GLU B 77 -11.92 34.59 -19.89
N THR B 78 -12.28 33.67 -18.99
CA THR B 78 -11.92 33.74 -17.57
C THR B 78 -10.41 33.64 -17.38
N LEU B 79 -9.72 32.91 -18.25
CA LEU B 79 -8.26 32.75 -18.19
C LEU B 79 -7.55 34.12 -18.23
N TYR B 80 -8.13 35.10 -18.93
CA TYR B 80 -7.49 36.40 -19.10
C TYR B 80 -8.15 37.49 -18.22
N GLN B 81 -9.20 37.15 -17.48
CA GLN B 81 -9.99 38.09 -16.73
C GLN B 81 -9.28 38.38 -15.41
N LYS B 82 -9.59 39.56 -14.87
CA LYS B 82 -9.20 39.99 -13.55
C LYS B 82 -10.45 40.12 -12.66
N SER B 83 -10.22 40.13 -11.36
CA SER B 83 -11.22 40.36 -10.34
C SER B 83 -11.49 41.86 -10.21
N SER B 84 -12.43 42.21 -9.31
CA SER B 84 -12.87 43.59 -9.01
C SER B 84 -11.68 44.50 -8.71
N ASP B 85 -10.62 43.94 -8.12
CA ASP B 85 -9.51 44.72 -7.60
C ASP B 85 -8.27 44.61 -8.51
N GLY B 86 -8.43 44.08 -9.72
CA GLY B 86 -7.34 44.02 -10.70
C GLY B 86 -6.44 42.80 -10.56
N THR B 87 -6.72 41.90 -9.62
CA THR B 87 -5.99 40.64 -9.48
C THR B 87 -6.37 39.69 -10.61
N PRO B 88 -5.46 39.32 -11.53
CA PRO B 88 -5.73 38.27 -12.51
C PRO B 88 -6.16 36.97 -11.81
N PHE B 89 -7.21 36.32 -12.32
CA PHE B 89 -7.69 35.10 -11.68
C PHE B 89 -6.55 34.10 -11.60
N VAL B 90 -5.70 34.02 -12.63
CA VAL B 90 -4.68 32.98 -12.66
C VAL B 90 -3.67 33.18 -11.51
N ASP B 91 -3.46 34.44 -11.08
CA ASP B 91 -2.59 34.72 -9.93
C ASP B 91 -3.31 34.35 -8.63
N MET B 92 -4.60 34.67 -8.57
CA MET B 92 -5.42 34.34 -7.44
C MET B 92 -5.32 32.83 -7.17
N LEU B 93 -5.41 32.03 -8.23
CA LEU B 93 -5.39 30.58 -8.20
C LEU B 93 -4.01 30.08 -7.75
N LYS B 94 -2.96 30.57 -8.39
CA LYS B 94 -1.59 30.18 -8.11
C LYS B 94 -1.21 30.47 -6.64
N SER B 95 -1.45 31.69 -6.14
CA SER B 95 -1.21 32.05 -4.73
C SER B 95 -1.74 30.98 -3.76
N ALA B 96 -2.85 30.32 -4.14
CA ALA B 96 -3.50 29.32 -3.30
C ALA B 96 -3.04 27.89 -3.64
N GLY B 97 -2.11 27.77 -4.58
CA GLY B 97 -1.58 26.47 -4.98
C GLY B 97 -2.50 25.74 -5.96
N VAL B 98 -3.44 26.46 -6.56
CA VAL B 98 -4.39 25.85 -7.50
C VAL B 98 -3.82 25.99 -8.92
N LEU B 99 -3.72 24.86 -9.65
CA LEU B 99 -3.30 24.93 -11.07
C LEU B 99 -4.46 25.44 -11.91
N PRO B 100 -4.25 26.45 -12.79
CA PRO B 100 -5.27 26.85 -13.75
C PRO B 100 -5.26 25.87 -14.92
N GLY B 101 -6.46 25.52 -15.35
CA GLY B 101 -6.69 24.64 -16.48
C GLY B 101 -7.52 25.33 -17.54
N ILE B 102 -7.51 24.80 -18.78
CA ILE B 102 -8.16 25.48 -19.91
C ILE B 102 -8.93 24.43 -20.72
N LYS B 103 -10.20 24.71 -20.98
CA LYS B 103 -11.00 23.91 -21.91
C LYS B 103 -10.53 24.19 -23.33
N VAL B 104 -10.13 23.15 -24.08
CA VAL B 104 -9.56 23.41 -25.41
C VAL B 104 -10.38 22.77 -26.55
N ASP B 105 -11.32 21.87 -26.27
CA ASP B 105 -12.19 21.28 -27.32
C ASP B 105 -13.13 22.38 -27.84
N LYS B 106 -13.60 22.20 -29.07
CA LYS B 106 -14.54 23.13 -29.71
C LYS B 106 -15.91 22.45 -29.87
N GLY B 107 -16.31 21.56 -28.93
CA GLY B 107 -17.66 21.00 -28.89
C GLY B 107 -17.78 19.80 -29.80
N THR B 108 -18.99 19.29 -29.93
CA THR B 108 -19.21 18.02 -30.62
C THR B 108 -20.01 18.24 -31.89
N VAL B 109 -19.91 17.28 -32.82
CA VAL B 109 -20.70 17.18 -34.05
C VAL B 109 -21.19 15.74 -34.19
N GLU B 110 -22.31 15.55 -34.85
CA GLU B 110 -22.88 14.22 -35.09
C GLU B 110 -22.14 13.50 -36.21
N LEU B 111 -22.01 12.18 -36.02
CA LEU B 111 -21.44 11.28 -36.97
C LEU B 111 -22.55 10.76 -37.87
N ALA B 112 -22.44 11.00 -39.20
CA ALA B 112 -23.30 10.37 -40.18
C ALA B 112 -23.31 8.84 -40.03
N GLY B 113 -24.48 8.23 -40.17
CA GLY B 113 -24.64 6.79 -40.20
C GLY B 113 -24.71 6.18 -38.81
N THR B 114 -24.84 7.03 -37.79
CA THR B 114 -25.00 6.59 -36.40
C THR B 114 -26.32 7.12 -35.88
N ASN B 115 -26.70 6.69 -34.67
CA ASN B 115 -27.91 7.17 -34.04
C ASN B 115 -27.57 8.27 -33.03
N GLY B 116 -27.25 9.48 -33.55
CA GLY B 116 -26.97 10.68 -32.76
C GLY B 116 -25.69 10.60 -31.96
N GLU B 117 -24.75 9.75 -32.37
CA GLU B 117 -23.43 9.67 -31.76
C GLU B 117 -22.61 10.85 -32.29
N THR B 118 -21.66 11.27 -31.46
CA THR B 118 -20.86 12.42 -31.75
C THR B 118 -19.38 12.08 -31.78
N THR B 119 -18.65 13.00 -32.37
CA THR B 119 -17.21 13.13 -32.28
C THR B 119 -16.92 14.55 -31.82
N THR B 120 -15.78 14.73 -31.18
CA THR B 120 -15.39 16.04 -30.65
C THR B 120 -14.36 16.70 -31.58
N GLN B 121 -14.59 17.98 -31.84
CA GLN B 121 -13.77 18.82 -32.68
C GLN B 121 -12.74 19.57 -31.82
N GLY B 122 -11.71 20.14 -32.47
CA GLY B 122 -10.84 21.08 -31.81
C GLY B 122 -9.35 20.89 -32.05
N LEU B 123 -8.95 20.00 -32.95
CA LEU B 123 -7.53 19.71 -33.17
C LEU B 123 -6.85 20.81 -33.99
N ASP B 124 -7.63 21.53 -34.82
CA ASP B 124 -7.04 22.53 -35.72
C ASP B 124 -6.48 23.70 -34.92
N GLY B 125 -5.17 23.96 -35.14
CA GLY B 125 -4.41 24.99 -34.48
C GLY B 125 -4.31 24.81 -32.97
N LEU B 126 -4.51 23.59 -32.47
CA LEU B 126 -4.58 23.35 -31.04
C LEU B 126 -3.20 23.59 -30.38
N GLY B 127 -2.13 23.24 -31.10
CA GLY B 127 -0.79 23.43 -30.61
C GLY B 127 -0.53 24.87 -30.27
N ASP B 128 -0.84 25.76 -31.19
CA ASP B 128 -0.59 27.19 -31.00
C ASP B 128 -1.47 27.73 -29.87
N ARG B 129 -2.73 27.26 -29.76
CA ARG B 129 -3.61 27.65 -28.65
CA ARG B 129 -3.61 27.65 -28.65
C ARG B 129 -2.96 27.25 -27.32
N CYS B 130 -2.58 25.97 -27.19
CA CYS B 130 -2.03 25.44 -25.95
C CYS B 130 -0.79 26.22 -25.51
N LYS B 131 0.04 26.66 -26.46
CA LYS B 131 1.23 27.40 -26.18
C LYS B 131 0.87 28.76 -25.55
N LYS B 132 -0.14 29.44 -26.13
CA LYS B 132 -0.58 30.72 -25.61
C LYS B 132 -1.21 30.55 -24.22
N TYR B 133 -1.93 29.44 -24.05
CA TYR B 133 -2.56 29.15 -22.82
C TYR B 133 -1.52 28.86 -21.72
N TYR B 134 -0.50 28.07 -22.04
CA TYR B 134 0.63 27.86 -21.13
C TYR B 134 1.24 29.21 -20.74
N GLU B 135 1.49 30.09 -21.72
CA GLU B 135 2.09 31.39 -21.44
C GLU B 135 1.20 32.23 -20.53
N ALA B 136 -0.12 32.04 -20.60
CA ALA B 136 -1.07 32.79 -19.77
C ALA B 136 -1.20 32.16 -18.36
N GLY B 137 -0.58 31.01 -18.13
CA GLY B 137 -0.53 30.37 -16.78
C GLY B 137 -1.30 29.08 -16.67
N ALA B 138 -1.87 28.57 -17.77
CA ALA B 138 -2.55 27.28 -17.74
C ALA B 138 -1.51 26.14 -17.65
N ARG B 139 -1.81 25.10 -16.87
CA ARG B 139 -0.93 23.96 -16.76
C ARG B 139 -1.63 22.62 -17.05
N PHE B 140 -2.95 22.64 -17.26
CA PHE B 140 -3.66 21.46 -17.72
C PHE B 140 -4.75 21.87 -18.70
N ALA B 141 -5.27 20.85 -19.40
CA ALA B 141 -6.26 21.09 -20.46
C ALA B 141 -7.41 20.12 -20.28
N LYS B 142 -8.52 20.47 -20.92
CA LYS B 142 -9.70 19.65 -20.95
C LYS B 142 -10.24 19.55 -22.38
N TRP B 143 -10.64 18.30 -22.69
CA TRP B 143 -11.29 17.91 -23.93
C TRP B 143 -12.32 16.85 -23.58
N ARG B 144 -13.58 17.11 -23.93
CA ARG B 144 -14.63 16.16 -23.61
C ARG B 144 -15.09 15.42 -24.88
N ALA B 145 -14.91 14.10 -24.87
CA ALA B 145 -15.57 13.17 -25.78
C ALA B 145 -16.85 12.63 -25.12
N VAL B 146 -17.90 12.42 -25.93
CA VAL B 146 -19.19 11.96 -25.44
C VAL B 146 -19.58 10.66 -26.17
N LEU B 147 -19.90 9.60 -25.43
CA LEU B 147 -20.39 8.33 -25.93
C LEU B 147 -21.77 8.08 -25.31
N LYS B 148 -22.67 7.42 -26.02
CA LYS B 148 -23.95 7.11 -25.43
C LYS B 148 -24.10 5.59 -25.39
N ILE B 149 -25.07 5.12 -24.58
CA ILE B 149 -25.40 3.69 -24.45
C ILE B 149 -26.77 3.45 -25.12
N GLY B 150 -26.82 2.50 -26.05
CA GLY B 150 -28.04 2.12 -26.77
C GLY B 150 -27.98 0.69 -27.26
N VAL B 151 -28.97 0.28 -28.06
CA VAL B 151 -28.96 -1.09 -28.63
C VAL B 151 -27.63 -1.32 -29.34
N ASN B 152 -27.26 -0.38 -30.21
CA ASN B 152 -26.06 -0.49 -31.04
C ASN B 152 -24.99 0.57 -30.68
N GLU B 153 -25.08 1.16 -29.47
CA GLU B 153 -24.21 2.23 -29.03
C GLU B 153 -23.53 1.89 -27.71
N PRO B 154 -22.27 2.29 -27.57
CA PRO B 154 -21.57 3.06 -28.58
C PRO B 154 -21.04 2.15 -29.69
N SER B 155 -21.07 2.66 -30.92
CA SER B 155 -20.60 1.98 -32.09
C SER B 155 -19.06 1.98 -32.11
N GLN B 156 -18.54 1.00 -32.83
CA GLN B 156 -17.16 0.91 -33.12
C GLN B 156 -16.63 2.25 -33.66
N LEU B 157 -17.34 2.84 -34.62
CA LEU B 157 -16.96 4.13 -35.25
C LEU B 157 -16.87 5.27 -34.21
N ALA B 158 -17.90 5.42 -33.38
CA ALA B 158 -17.94 6.46 -32.30
C ALA B 158 -16.76 6.28 -31.35
N ILE B 159 -16.52 5.02 -30.97
CA ILE B 159 -15.49 4.75 -30.01
C ILE B 159 -14.14 5.16 -30.65
N HIS B 160 -13.89 4.64 -31.85
CA HIS B 160 -12.65 4.82 -32.54
C HIS B 160 -12.37 6.34 -32.68
N GLU B 161 -13.35 7.10 -33.16
CA GLU B 161 -13.24 8.54 -33.40
C GLU B 161 -12.92 9.29 -32.09
N ASN B 162 -13.57 8.91 -31.00
CA ASN B 162 -13.45 9.63 -29.76
C ASN B 162 -12.14 9.24 -29.10
N ALA B 163 -11.77 7.96 -29.10
CA ALA B 163 -10.52 7.52 -28.53
C ALA B 163 -9.34 8.22 -29.24
N TYR B 164 -9.33 8.18 -30.59
CA TYR B 164 -8.16 8.67 -31.31
C TYR B 164 -8.16 10.20 -31.31
N GLY B 165 -9.34 10.83 -31.18
CA GLY B 165 -9.41 12.31 -31.00
C GLY B 165 -8.82 12.74 -29.66
N LEU B 166 -9.09 11.97 -28.62
CA LEU B 166 -8.54 12.20 -27.31
C LEU B 166 -7.01 12.03 -27.34
N ALA B 167 -6.55 10.99 -28.01
CA ALA B 167 -5.10 10.64 -28.01
C ALA B 167 -4.29 11.75 -28.69
N ARG B 168 -4.83 12.27 -29.79
CA ARG B 168 -4.11 13.24 -30.58
C ARG B 168 -4.09 14.53 -29.79
N TYR B 169 -5.21 14.85 -29.15
CA TYR B 169 -5.35 16.03 -28.28
C TYR B 169 -4.32 15.93 -27.13
N ALA B 170 -4.18 14.72 -26.59
CA ALA B 170 -3.27 14.46 -25.47
C ALA B 170 -1.82 14.75 -25.85
N VAL B 171 -1.37 14.27 -27.02
CA VAL B 171 0.01 14.51 -27.42
C VAL B 171 0.25 16.02 -27.61
N ILE B 172 -0.68 16.71 -28.28
CA ILE B 172 -0.49 18.11 -28.57
C ILE B 172 -0.36 18.89 -27.27
N CYS B 173 -1.24 18.56 -26.31
CA CYS B 173 -1.22 19.13 -24.99
C CYS B 173 0.18 18.95 -24.39
N GLN B 174 0.70 17.73 -24.40
CA GLN B 174 1.92 17.45 -23.72
C GLN B 174 3.08 18.17 -24.45
N GLU B 175 3.02 18.29 -25.77
CA GLU B 175 4.08 19.02 -26.48
C GLU B 175 4.17 20.48 -26.05
N ASN B 176 3.08 21.05 -25.53
CA ASN B 176 2.97 22.42 -25.22
C ASN B 176 2.86 22.67 -23.71
N GLY B 177 3.08 21.64 -22.90
CA GLY B 177 3.28 21.80 -21.46
C GLY B 177 1.98 21.79 -20.66
N LEU B 178 0.88 21.28 -21.26
CA LEU B 178 -0.43 21.14 -20.58
C LEU B 178 -0.72 19.66 -20.36
N VAL B 179 -0.95 19.31 -19.09
CA VAL B 179 -1.40 18.00 -18.72
C VAL B 179 -2.80 17.83 -19.31
N PRO B 180 -2.99 16.85 -20.23
CA PRO B 180 -4.30 16.60 -20.81
C PRO B 180 -5.17 15.82 -19.84
N ILE B 181 -6.36 16.36 -19.53
CA ILE B 181 -7.39 15.52 -18.94
C ILE B 181 -8.09 14.77 -20.08
N VAL B 182 -7.97 13.45 -20.06
CA VAL B 182 -8.62 12.59 -20.97
C VAL B 182 -10.03 12.33 -20.41
N GLU B 183 -11.07 12.88 -21.08
CA GLU B 183 -12.47 12.76 -20.62
C GLU B 183 -13.34 12.01 -21.63
N PRO B 184 -13.46 10.66 -21.56
CA PRO B 184 -14.37 9.89 -22.40
C PRO B 184 -15.66 9.69 -21.60
N GLU B 185 -16.57 10.65 -21.66
CA GLU B 185 -17.79 10.54 -20.87
C GLU B 185 -18.77 9.58 -21.54
N ILE B 186 -19.16 8.54 -20.82
CA ILE B 186 -20.29 7.74 -21.21
C ILE B 186 -21.53 8.30 -20.53
N LEU B 187 -22.44 8.84 -21.35
CA LEU B 187 -23.66 9.48 -20.87
C LEU B 187 -24.51 8.44 -20.13
N VAL B 188 -25.08 8.92 -19.01
CA VAL B 188 -25.88 8.14 -18.07
C VAL B 188 -27.29 7.89 -18.67
N ASP B 189 -27.70 8.75 -19.61
CA ASP B 189 -29.01 8.66 -20.26
C ASP B 189 -29.40 7.24 -20.65
N GLY B 190 -30.55 6.77 -20.16
CA GLY B 190 -31.17 5.51 -20.58
C GLY B 190 -31.62 4.65 -19.40
N SER B 191 -32.19 3.47 -19.70
CA SER B 191 -32.71 2.52 -18.73
C SER B 191 -31.83 1.26 -18.62
N HIS B 192 -30.59 1.36 -19.08
CA HIS B 192 -29.62 0.30 -18.91
C HIS B 192 -29.26 0.17 -17.42
N ASP B 193 -28.77 -1.02 -17.05
CA ASP B 193 -28.40 -1.34 -15.68
C ASP B 193 -26.91 -0.99 -15.49
N ILE B 194 -26.42 -1.18 -14.26
CA ILE B 194 -25.08 -0.77 -13.91
C ILE B 194 -24.09 -1.73 -14.58
N GLN B 195 -24.48 -3.00 -14.75
CA GLN B 195 -23.65 -4.02 -15.41
C GLN B 195 -23.35 -3.58 -16.86
N LYS B 196 -24.34 -3.02 -17.54
CA LYS B 196 -24.15 -2.50 -18.90
CA LYS B 196 -24.15 -2.50 -18.90
C LYS B 196 -23.17 -1.33 -18.87
N CYS B 197 -23.43 -0.38 -17.97
CA CYS B 197 -22.55 0.74 -17.85
C CYS B 197 -21.11 0.24 -17.62
N ALA B 198 -20.93 -0.80 -16.78
CA ALA B 198 -19.62 -1.34 -16.45
C ALA B 198 -18.94 -1.84 -17.71
N ALA B 199 -19.66 -2.65 -18.49
CA ALA B 199 -19.13 -3.30 -19.72
C ALA B 199 -18.72 -2.24 -20.75
N VAL B 200 -19.59 -1.26 -20.96
CA VAL B 200 -19.32 -0.15 -21.90
C VAL B 200 -18.16 0.71 -21.39
N THR B 201 -18.12 1.09 -20.10
CA THR B 201 -17.00 1.85 -19.55
C THR B 201 -15.68 1.06 -19.75
N GLU B 202 -15.70 -0.25 -19.49
CA GLU B 202 -14.49 -1.06 -19.66
C GLU B 202 -14.06 -1.07 -21.14
N ARG B 203 -14.98 -1.28 -22.06
CA ARG B 203 -14.61 -1.29 -23.50
C ARG B 203 -14.06 0.09 -23.90
N VAL B 204 -14.70 1.17 -23.48
CA VAL B 204 -14.31 2.48 -23.90
C VAL B 204 -12.90 2.86 -23.37
N LEU B 205 -12.66 2.61 -22.09
CA LEU B 205 -11.37 2.98 -21.50
C LEU B 205 -10.25 2.15 -22.16
N ALA B 206 -10.50 0.89 -22.44
CA ALA B 206 -9.51 0.03 -23.07
C ALA B 206 -9.18 0.55 -24.47
N ALA B 207 -10.19 1.01 -25.22
CA ALA B 207 -9.98 1.67 -26.51
C ALA B 207 -9.17 2.98 -26.36
N CYS B 208 -9.46 3.78 -25.32
CA CYS B 208 -8.77 5.03 -25.13
C CYS B 208 -7.27 4.77 -24.80
N TYR B 209 -6.96 3.79 -23.95
CA TYR B 209 -5.53 3.60 -23.54
C TYR B 209 -4.73 2.95 -24.67
N LYS B 210 -5.41 2.15 -25.51
CA LYS B 210 -4.80 1.64 -26.71
C LYS B 210 -4.45 2.79 -27.64
N ALA B 211 -5.39 3.72 -27.88
CA ALA B 211 -5.12 4.88 -28.71
C ALA B 211 -3.95 5.71 -28.17
N LEU B 212 -3.94 5.97 -26.87
CA LEU B 212 -2.91 6.82 -26.19
C LEU B 212 -1.52 6.16 -26.35
N SER B 213 -1.47 4.84 -26.23
CA SER B 213 -0.25 4.05 -26.51
C SER B 213 0.17 4.23 -27.99
N ASP B 214 -0.77 4.06 -28.92
CA ASP B 214 -0.43 4.23 -30.34
C ASP B 214 0.11 5.65 -30.57
N HIS B 215 -0.43 6.64 -29.87
CA HIS B 215 0.01 8.04 -30.05
C HIS B 215 1.27 8.39 -29.23
N HIS B 216 1.84 7.41 -28.52
CA HIS B 216 3.08 7.59 -27.67
C HIS B 216 2.93 8.67 -26.58
N VAL B 217 1.74 8.78 -25.99
CA VAL B 217 1.43 9.68 -24.90
C VAL B 217 2.17 9.21 -23.62
N LEU B 218 2.72 10.18 -22.87
CA LEU B 218 3.30 9.94 -21.52
C LEU B 218 2.16 9.86 -20.52
N LEU B 219 1.82 8.64 -20.13
CA LEU B 219 0.67 8.40 -19.23
C LEU B 219 0.85 9.08 -17.89
N GLU B 220 2.11 9.17 -17.44
CA GLU B 220 2.42 9.75 -16.15
C GLU B 220 2.14 11.26 -16.17
N GLY B 221 1.99 11.85 -17.36
CA GLY B 221 1.69 13.26 -17.54
C GLY B 221 0.26 13.49 -17.99
N THR B 222 -0.67 12.59 -17.65
CA THR B 222 -2.08 12.71 -18.04
C THR B 222 -2.97 12.49 -16.82
N LEU B 223 -4.26 12.74 -17.01
CA LEU B 223 -5.31 12.54 -16.05
C LEU B 223 -6.47 11.84 -16.79
N LEU B 224 -7.36 11.20 -16.02
CA LEU B 224 -8.58 10.60 -16.59
C LEU B 224 -9.77 11.20 -15.86
N LYS B 225 -10.75 11.68 -16.63
CA LYS B 225 -12.02 12.15 -16.13
C LYS B 225 -13.11 11.28 -16.77
N PRO B 226 -13.40 10.09 -16.17
CA PRO B 226 -14.42 9.19 -16.65
C PRO B 226 -15.71 9.43 -15.86
N ASN B 227 -16.80 8.92 -16.40
CA ASN B 227 -18.04 8.73 -15.67
C ASN B 227 -17.80 7.68 -14.57
N MET B 228 -18.50 7.80 -13.47
CA MET B 228 -18.63 6.71 -12.54
C MET B 228 -19.51 5.66 -13.23
N VAL B 229 -19.38 4.42 -12.78
CA VAL B 229 -20.18 3.36 -13.29
C VAL B 229 -21.50 3.32 -12.47
N THR B 230 -22.61 3.69 -13.12
CA THR B 230 -23.90 3.83 -12.49
C THR B 230 -24.99 3.21 -13.37
N PRO B 231 -26.18 2.92 -12.78
CA PRO B 231 -27.35 2.59 -13.56
C PRO B 231 -27.70 3.80 -14.43
N GLY B 232 -28.44 3.58 -15.52
CA GLY B 232 -28.88 4.66 -16.34
C GLY B 232 -29.81 5.59 -15.58
N SER B 233 -29.99 6.79 -16.12
CA SER B 233 -30.75 7.86 -15.48
C SER B 233 -32.22 7.45 -15.24
N GLU B 234 -32.73 6.49 -16.04
CA GLU B 234 -34.13 6.02 -15.93
C GLU B 234 -34.21 4.71 -15.14
N SER B 235 -33.09 4.22 -14.61
CA SER B 235 -33.10 3.01 -13.78
C SER B 235 -33.05 3.41 -12.30
N ALA B 236 -33.47 2.48 -11.44
CA ALA B 236 -33.47 2.68 -9.98
C ALA B 236 -32.06 3.04 -9.50
N LYS B 237 -31.98 4.03 -8.64
CA LYS B 237 -30.72 4.36 -7.98
C LYS B 237 -30.26 3.22 -7.07
N VAL B 238 -28.94 3.18 -6.85
CA VAL B 238 -28.36 2.20 -6.00
C VAL B 238 -27.40 2.90 -5.03
N ALA B 239 -27.02 2.15 -4.00
CA ALA B 239 -26.22 2.64 -2.88
C ALA B 239 -24.82 3.02 -3.37
N PRO B 240 -24.15 3.97 -2.69
CA PRO B 240 -22.78 4.36 -3.03
C PRO B 240 -21.81 3.18 -3.12
N GLU B 241 -21.98 2.20 -2.23
CA GLU B 241 -21.05 1.07 -2.19
C GLU B 241 -21.17 0.20 -3.47
N VAL B 242 -22.37 0.12 -4.08
CA VAL B 242 -22.54 -0.57 -5.33
C VAL B 242 -21.86 0.22 -6.47
N ILE B 243 -22.07 1.55 -6.52
CA ILE B 243 -21.40 2.43 -7.51
C ILE B 243 -19.88 2.24 -7.42
N ALA B 244 -19.39 2.18 -6.18
CA ALA B 244 -17.96 2.14 -5.91
C ALA B 244 -17.40 0.81 -6.42
N GLU B 245 -18.07 -0.29 -6.10
CA GLU B 245 -17.58 -1.62 -6.47
CA GLU B 245 -17.58 -1.61 -6.47
C GLU B 245 -17.44 -1.72 -7.99
N HIS B 246 -18.50 -1.31 -8.71
CA HIS B 246 -18.52 -1.45 -10.18
C HIS B 246 -17.50 -0.49 -10.81
N THR B 247 -17.42 0.75 -10.31
CA THR B 247 -16.59 1.78 -10.85
C THR B 247 -15.12 1.32 -10.69
N VAL B 248 -14.72 0.93 -9.47
CA VAL B 248 -13.31 0.69 -9.21
C VAL B 248 -12.87 -0.53 -9.99
N ARG B 249 -13.74 -1.55 -10.04
CA ARG B 249 -13.52 -2.76 -10.87
C ARG B 249 -13.26 -2.39 -12.34
N ALA B 250 -14.07 -1.51 -12.91
CA ALA B 250 -13.88 -1.08 -14.30
C ALA B 250 -12.51 -0.41 -14.48
N LEU B 251 -12.09 0.41 -13.51
CA LEU B 251 -10.82 1.15 -13.62
C LEU B 251 -9.62 0.19 -13.45
N GLN B 252 -9.75 -0.74 -12.50
CA GLN B 252 -8.74 -1.74 -12.30
C GLN B 252 -8.51 -2.54 -13.59
N ARG B 253 -9.58 -2.73 -14.36
CA ARG B 253 -9.50 -3.56 -15.54
C ARG B 253 -8.85 -2.83 -16.74
N THR B 254 -8.71 -1.51 -16.66
CA THR B 254 -8.45 -0.76 -17.90
C THR B 254 -7.39 0.34 -17.74
N VAL B 255 -7.33 1.03 -16.59
CA VAL B 255 -6.52 2.26 -16.54
C VAL B 255 -5.14 1.96 -15.99
N PRO B 256 -4.06 2.12 -16.77
CA PRO B 256 -2.71 1.81 -16.26
C PRO B 256 -2.35 2.51 -14.94
N ALA B 257 -1.59 1.80 -14.10
CA ALA B 257 -1.03 2.36 -12.81
C ALA B 257 -0.23 3.65 -13.06
N ALA B 258 0.34 3.80 -14.25
CA ALA B 258 1.12 4.95 -14.62
C ALA B 258 0.29 6.23 -14.51
N VAL B 259 -1.03 6.13 -14.73
CA VAL B 259 -1.87 7.33 -14.64
C VAL B 259 -1.94 7.70 -13.17
N PRO B 260 -1.59 8.96 -12.79
CA PRO B 260 -1.54 9.34 -11.37
C PRO B 260 -2.91 9.52 -10.69
N ALA B 261 -3.93 9.93 -11.45
CA ALA B 261 -5.18 10.31 -10.80
C ALA B 261 -6.34 10.27 -11.79
N ILE B 262 -7.49 9.95 -11.21
CA ILE B 262 -8.77 9.80 -11.85
C ILE B 262 -9.72 10.81 -11.18
N VAL B 263 -10.16 11.80 -11.94
CA VAL B 263 -11.00 12.88 -11.43
C VAL B 263 -12.39 12.71 -12.03
N PHE B 264 -13.30 12.14 -11.25
CA PHE B 264 -14.60 11.74 -11.79
C PHE B 264 -15.44 12.96 -12.18
N LEU B 265 -16.15 12.83 -13.31
CA LEU B 265 -17.24 13.78 -13.64
C LEU B 265 -18.49 13.32 -12.87
N SER B 266 -19.36 14.29 -12.58
CA SER B 266 -20.59 14.08 -11.81
C SER B 266 -21.74 13.60 -12.73
N GLY B 267 -21.80 14.09 -13.96
CA GLY B 267 -22.73 13.61 -14.98
C GLY B 267 -24.19 13.60 -14.58
N GLY B 268 -24.72 14.69 -14.01
CA GLY B 268 -26.13 14.74 -13.69
C GLY B 268 -26.52 14.16 -12.33
N GLN B 269 -25.56 13.59 -11.58
CA GLN B 269 -25.75 13.25 -10.16
C GLN B 269 -25.97 14.55 -9.36
N SER B 270 -26.74 14.46 -8.27
CA SER B 270 -26.88 15.58 -7.31
C SER B 270 -25.55 15.84 -6.58
N GLU B 271 -25.46 17.02 -5.94
CA GLU B 271 -24.28 17.45 -5.18
C GLU B 271 -23.93 16.36 -4.16
N GLU B 272 -24.93 15.95 -3.36
CA GLU B 272 -24.68 15.04 -2.26
C GLU B 272 -24.33 13.62 -2.76
N GLU B 273 -25.02 13.17 -3.81
CA GLU B 273 -24.87 11.85 -4.33
C GLU B 273 -23.46 11.71 -4.92
N ALA B 274 -22.99 12.74 -5.63
CA ALA B 274 -21.66 12.70 -6.21
C ALA B 274 -20.60 12.52 -5.11
N THR B 275 -20.75 13.28 -4.03
CA THR B 275 -19.81 13.26 -2.91
C THR B 275 -19.79 11.88 -2.24
N ARG B 276 -20.98 11.35 -1.97
CA ARG B 276 -21.17 10.06 -1.31
C ARG B 276 -20.58 8.93 -2.15
N ASN B 277 -20.77 8.99 -3.47
CA ASN B 277 -20.23 7.95 -4.38
C ASN B 277 -18.71 7.99 -4.40
N LEU B 278 -18.15 9.20 -4.52
CA LEU B 278 -16.68 9.36 -4.46
C LEU B 278 -16.14 8.83 -3.10
N ASN B 279 -16.84 9.14 -2.02
CA ASN B 279 -16.40 8.76 -0.70
C ASN B 279 -16.29 7.22 -0.62
N ALA B 280 -17.34 6.54 -1.10
CA ALA B 280 -17.41 5.10 -1.06
C ALA B 280 -16.25 4.48 -1.85
N MET B 281 -15.83 5.14 -2.94
CA MET B 281 -14.72 4.60 -3.70
C MET B 281 -13.43 4.63 -2.87
N ASN B 282 -13.24 5.69 -2.08
CA ASN B 282 -12.07 5.85 -1.19
C ASN B 282 -12.22 5.04 0.10
N GLN B 283 -13.36 4.37 0.32
CA GLN B 283 -13.49 3.49 1.48
C GLN B 283 -13.33 2.02 1.07
N LEU B 284 -13.14 1.76 -0.24
CA LEU B 284 -13.05 0.38 -0.75
CA LEU B 284 -13.05 0.39 -0.74
C LEU B 284 -11.63 -0.16 -0.56
N LYS B 285 -11.51 -1.30 0.10
CA LYS B 285 -10.23 -1.93 0.31
C LYS B 285 -9.93 -2.82 -0.88
N THR B 286 -9.07 -2.32 -1.77
CA THR B 286 -8.79 -2.97 -3.03
C THR B 286 -7.61 -2.21 -3.67
N LYS B 287 -6.89 -2.86 -4.61
CA LYS B 287 -5.74 -2.22 -5.27
CA LYS B 287 -5.74 -2.21 -5.27
C LYS B 287 -6.22 -1.05 -6.14
N LYS B 288 -5.82 0.18 -5.75
CA LYS B 288 -6.14 1.40 -6.49
C LYS B 288 -4.87 2.18 -6.72
N PRO B 289 -4.15 1.95 -7.85
CA PRO B 289 -2.86 2.63 -8.13
C PRO B 289 -2.95 4.04 -8.75
N TRP B 290 -4.00 4.76 -8.36
CA TRP B 290 -4.23 6.09 -8.75
C TRP B 290 -5.06 6.72 -7.64
N SER B 291 -4.94 8.04 -7.49
CA SER B 291 -5.82 8.89 -6.68
C SER B 291 -7.20 8.89 -7.30
N LEU B 292 -8.22 8.72 -6.46
CA LEU B 292 -9.61 8.85 -6.90
C LEU B 292 -10.16 10.17 -6.33
N SER B 293 -10.35 11.17 -7.20
CA SER B 293 -10.74 12.55 -6.86
C SER B 293 -11.95 13.00 -7.69
N PHE B 294 -12.19 14.32 -7.72
CA PHE B 294 -13.33 14.90 -8.37
C PHE B 294 -12.93 15.96 -9.39
N SER B 295 -13.72 16.04 -10.48
CA SER B 295 -13.72 17.18 -11.39
C SER B 295 -15.17 17.58 -11.64
N PHE B 296 -15.72 18.37 -10.72
CA PHE B 296 -17.14 18.61 -10.69
C PHE B 296 -17.40 20.07 -11.11
N GLY B 297 -18.51 20.25 -11.84
CA GLY B 297 -19.03 21.55 -12.25
C GLY B 297 -20.26 21.86 -11.45
N ARG B 298 -21.42 21.42 -11.97
CA ARG B 298 -22.75 21.66 -11.37
C ARG B 298 -22.77 21.02 -9.96
N ALA B 299 -22.14 19.85 -9.78
CA ALA B 299 -22.11 19.16 -8.48
C ALA B 299 -21.35 19.98 -7.42
N LEU B 300 -20.60 21.00 -7.83
CA LEU B 300 -19.86 21.87 -6.91
C LEU B 300 -20.52 23.25 -6.79
N GLN B 301 -21.26 23.69 -7.81
CA GLN B 301 -21.76 25.08 -7.94
C GLN B 301 -23.29 25.22 -7.72
N GLN B 302 -24.09 24.18 -7.99
CA GLN B 302 -25.58 24.23 -8.08
C GLN B 302 -26.19 25.03 -6.91
N SER B 303 -25.89 24.63 -5.67
CA SER B 303 -26.50 25.22 -4.48
C SER B 303 -25.97 26.65 -4.23
N THR B 304 -24.73 26.91 -4.68
CA THR B 304 -24.10 28.25 -4.60
C THR B 304 -24.80 29.22 -5.56
N LEU B 305 -25.01 28.78 -6.80
CA LEU B 305 -25.76 29.53 -7.82
C LEU B 305 -27.10 30.02 -7.25
N LYS B 306 -27.83 29.13 -6.55
CA LYS B 306 -29.18 29.40 -6.04
C LYS B 306 -29.13 30.36 -4.85
N THR B 307 -28.28 30.07 -3.85
CA THR B 307 -28.15 30.94 -2.67
C THR B 307 -27.83 32.38 -3.11
N TRP B 308 -26.91 32.49 -4.07
CA TRP B 308 -26.47 33.78 -4.60
C TRP B 308 -27.64 34.51 -5.28
N GLY B 309 -28.38 33.80 -6.13
CA GLY B 309 -29.47 34.42 -6.88
C GLY B 309 -28.94 35.46 -7.85
N GLY B 310 -28.74 36.68 -7.35
CA GLY B 310 -28.32 37.78 -8.17
C GLY B 310 -27.48 38.78 -7.41
N LYS B 311 -27.87 39.05 -6.17
CA LYS B 311 -27.50 40.24 -5.42
C LYS B 311 -26.45 39.90 -4.35
N GLU B 312 -25.96 40.95 -3.70
CA GLU B 312 -24.68 40.95 -3.00
C GLU B 312 -24.84 40.73 -1.49
N GLU B 313 -26.07 40.74 -0.99
CA GLU B 313 -26.34 40.38 0.42
C GLU B 313 -26.13 38.87 0.57
N ASN B 314 -26.39 38.12 -0.52
CA ASN B 314 -26.32 36.67 -0.54
C ASN B 314 -24.94 36.17 -1.01
N VAL B 315 -23.90 37.00 -0.96
CA VAL B 315 -22.55 36.54 -1.34
C VAL B 315 -21.97 35.72 -0.18
N LYS B 316 -22.00 36.28 1.04
CA LYS B 316 -21.46 35.61 2.23
C LYS B 316 -22.15 34.26 2.41
N LYS B 317 -23.46 34.23 2.16
CA LYS B 317 -24.28 33.03 2.33
C LYS B 317 -23.95 32.00 1.23
N ALA B 318 -23.73 32.48 0.00
CA ALA B 318 -23.46 31.64 -1.15
C ALA B 318 -22.04 31.07 -1.08
N GLN B 319 -21.12 31.87 -0.53
CA GLN B 319 -19.75 31.44 -0.33
C GLN B 319 -19.70 30.38 0.76
N GLU B 320 -20.57 30.47 1.78
CA GLU B 320 -20.63 29.43 2.84
C GLU B 320 -21.17 28.14 2.21
N ALA B 321 -22.13 28.28 1.29
CA ALA B 321 -22.66 27.13 0.59
C ALA B 321 -21.57 26.48 -0.28
N PHE B 322 -20.76 27.31 -0.95
CA PHE B 322 -19.73 26.76 -1.87
C PHE B 322 -18.66 26.00 -1.06
N LEU B 323 -18.28 26.58 0.09
CA LEU B 323 -17.34 25.99 0.99
C LEU B 323 -17.84 24.63 1.46
N VAL B 324 -19.13 24.54 1.81
CA VAL B 324 -19.74 23.27 2.22
C VAL B 324 -19.42 22.17 1.19
N ARG B 325 -19.65 22.43 -0.11
CA ARG B 325 -19.45 21.38 -1.10
C ARG B 325 -17.95 21.13 -1.32
N CYS B 326 -17.13 22.19 -1.32
CA CYS B 326 -15.66 22.02 -1.49
C CYS B 326 -15.12 21.13 -0.37
N LYS B 327 -15.51 21.44 0.87
CA LYS B 327 -15.06 20.73 2.03
C LYS B 327 -15.53 19.29 1.98
N ALA B 328 -16.79 19.08 1.61
CA ALA B 328 -17.35 17.71 1.56
C ALA B 328 -16.61 16.87 0.53
N ASN B 329 -16.30 17.43 -0.65
CA ASN B 329 -15.64 16.65 -1.71
C ASN B 329 -14.18 16.40 -1.34
N SER B 330 -13.54 17.39 -0.72
CA SER B 330 -12.19 17.19 -0.20
C SER B 330 -12.17 16.01 0.76
N GLU B 331 -13.14 15.95 1.66
CA GLU B 331 -13.25 14.82 2.64
C GLU B 331 -13.51 13.51 1.91
N ALA B 332 -14.30 13.59 0.85
CA ALA B 332 -14.64 12.40 0.05
C ALA B 332 -13.38 11.81 -0.60
N THR B 333 -12.45 12.66 -1.05
CA THR B 333 -11.19 12.14 -1.62
C THR B 333 -10.34 11.33 -0.63
N LEU B 334 -10.55 11.56 0.68
CA LEU B 334 -9.83 10.92 1.75
C LEU B 334 -10.65 9.78 2.33
N GLY B 335 -11.89 9.60 1.87
CA GLY B 335 -12.75 8.56 2.36
C GLY B 335 -13.30 8.88 3.74
N ALA B 336 -13.38 10.18 4.05
CA ALA B 336 -13.61 10.64 5.42
C ALA B 336 -14.88 11.49 5.49
N TYR B 337 -15.71 11.44 4.45
CA TYR B 337 -16.92 12.22 4.44
C TYR B 337 -18.00 11.44 5.21
N LYS B 338 -18.65 12.09 6.17
CA LYS B 338 -19.59 11.35 7.04
C LYS B 338 -21.03 11.76 6.75
N GLY B 339 -21.24 12.62 5.76
CA GLY B 339 -22.52 13.32 5.59
C GLY B 339 -22.45 14.71 6.17
N ASP B 340 -23.31 15.60 5.67
CA ASP B 340 -23.52 16.94 6.22
C ASP B 340 -24.16 16.81 7.62
N PHE C 4 -19.39 -12.85 -21.10
CA PHE C 4 -18.77 -14.15 -20.74
C PHE C 4 -18.41 -14.16 -19.25
N THR C 5 -19.18 -14.96 -18.50
CA THR C 5 -18.82 -15.45 -17.18
C THR C 5 -18.75 -16.98 -17.27
N SER C 6 -17.56 -17.50 -16.96
CA SER C 6 -17.30 -18.93 -16.82
C SER C 6 -18.04 -19.45 -15.56
N LYS C 7 -18.33 -20.75 -15.53
CA LYS C 7 -18.71 -21.46 -14.26
C LYS C 7 -17.48 -21.67 -13.37
N PHE C 8 -16.27 -21.51 -13.92
CA PHE C 8 -15.05 -21.65 -13.16
C PHE C 8 -14.52 -20.31 -12.65
N ALA C 9 -15.34 -19.24 -12.78
CA ALA C 9 -14.86 -17.85 -12.57
C ALA C 9 -14.20 -17.71 -11.17
N ASP C 10 -14.90 -18.15 -10.12
CA ASP C 10 -14.37 -18.03 -8.76
C ASP C 10 -13.05 -18.82 -8.59
N GLU C 11 -13.02 -20.06 -9.10
CA GLU C 11 -11.83 -20.88 -8.97
C GLU C 11 -10.65 -20.25 -9.77
N LEU C 12 -10.94 -19.65 -10.93
CA LEU C 12 -9.88 -19.03 -11.76
C LEU C 12 -9.22 -17.88 -10.97
N ILE C 13 -10.07 -17.01 -10.39
CA ILE C 13 -9.66 -15.83 -9.63
C ILE C 13 -8.85 -16.24 -8.38
N ALA C 14 -9.33 -17.24 -7.63
CA ALA C 14 -8.63 -17.80 -6.47
C ALA C 14 -7.28 -18.42 -6.86
N ASN C 15 -7.25 -19.24 -7.94
CA ASN C 15 -6.01 -19.89 -8.34
C ASN C 15 -5.01 -18.87 -8.88
N ALA C 16 -5.45 -17.93 -9.72
CA ALA C 16 -4.53 -16.94 -10.26
C ALA C 16 -3.89 -16.11 -9.15
N ALA C 17 -4.71 -15.65 -8.20
CA ALA C 17 -4.19 -14.92 -7.01
C ALA C 17 -3.20 -15.82 -6.21
N TYR C 18 -3.50 -17.12 -6.07
CA TYR C 18 -2.67 -18.06 -5.33
C TYR C 18 -1.26 -18.15 -5.92
N ILE C 19 -1.17 -18.18 -7.24
CA ILE C 19 0.11 -18.32 -7.91
CA ILE C 19 0.11 -18.32 -7.90
C ILE C 19 1.03 -17.17 -7.50
N GLY C 20 0.46 -15.97 -7.31
CA GLY C 20 1.20 -14.79 -6.91
C GLY C 20 1.46 -14.68 -5.40
N THR C 21 1.12 -15.68 -4.58
CA THR C 21 1.45 -15.65 -3.13
C THR C 21 2.92 -15.27 -2.90
N PRO C 22 3.20 -14.16 -2.14
CA PRO C 22 4.57 -13.80 -1.75
C PRO C 22 5.32 -15.00 -1.18
N GLY C 23 6.53 -15.24 -1.69
CA GLY C 23 7.33 -16.38 -1.27
C GLY C 23 7.29 -17.56 -2.22
N LYS C 24 6.42 -17.50 -3.24
CA LYS C 24 6.20 -18.60 -4.17
C LYS C 24 6.33 -18.10 -5.63
N GLY C 25 6.69 -19.03 -6.52
CA GLY C 25 6.67 -18.82 -7.92
C GLY C 25 6.51 -20.12 -8.67
N ILE C 26 6.70 -20.10 -10.00
CA ILE C 26 6.41 -21.25 -10.82
C ILE C 26 7.71 -21.88 -11.32
N LEU C 27 7.77 -23.21 -11.28
CA LEU C 27 8.80 -23.95 -11.96
C LEU C 27 8.24 -24.36 -13.32
N ALA C 28 8.92 -23.91 -14.40
CA ALA C 28 8.59 -24.33 -15.77
C ALA C 28 9.37 -25.60 -16.11
N ALA C 29 8.72 -26.75 -15.95
CA ALA C 29 9.30 -28.03 -16.27
C ALA C 29 8.63 -28.67 -17.48
N ASP C 30 8.19 -27.81 -18.42
CA ASP C 30 7.27 -28.24 -19.48
C ASP C 30 8.02 -28.50 -20.81
N GLU C 31 9.30 -28.82 -20.75
CA GLU C 31 10.08 -28.96 -21.97
C GLU C 31 9.61 -30.22 -22.70
N SER C 32 9.28 -30.05 -23.98
CA SER C 32 8.91 -31.12 -24.88
C SER C 32 10.00 -32.20 -24.88
N THR C 33 9.66 -33.29 -25.57
CA THR C 33 10.51 -34.45 -25.72
C THR C 33 11.82 -34.04 -26.44
N GLY C 34 11.73 -33.05 -27.35
CA GLY C 34 12.91 -32.53 -28.10
C GLY C 34 13.77 -31.57 -27.29
N THR C 35 13.11 -30.56 -26.70
CA THR C 35 13.76 -29.51 -25.91
C THR C 35 14.52 -30.11 -24.73
N ILE C 36 13.93 -31.12 -24.07
CA ILE C 36 14.57 -31.72 -22.91
C ILE C 36 15.70 -32.62 -23.41
N GLY C 37 15.53 -33.17 -24.62
CA GLY C 37 16.59 -33.88 -25.33
C GLY C 37 17.86 -33.06 -25.33
N LYS C 38 17.75 -31.83 -25.86
CA LYS C 38 18.86 -30.86 -25.92
C LYS C 38 19.52 -30.72 -24.54
N ARG C 39 18.70 -30.50 -23.51
CA ARG C 39 19.18 -30.27 -22.12
C ARG C 39 19.91 -31.52 -21.61
N LEU C 40 19.38 -32.70 -21.95
CA LEU C 40 19.94 -33.97 -21.48
C LEU C 40 21.25 -34.22 -22.24
N ALA C 41 21.23 -33.96 -23.55
CA ALA C 41 22.42 -34.07 -24.39
C ALA C 41 23.57 -33.24 -23.77
N SER C 42 23.25 -31.97 -23.47
CA SER C 42 24.20 -30.96 -22.96
C SER C 42 24.89 -31.41 -21.67
N ILE C 43 24.53 -32.60 -21.16
CA ILE C 43 25.19 -33.17 -20.02
C ILE C 43 25.29 -34.70 -20.19
N ASN C 44 25.44 -35.13 -21.46
CA ASN C 44 25.77 -36.50 -21.91
C ASN C 44 24.79 -37.54 -21.36
N VAL C 45 23.48 -37.31 -21.54
CA VAL C 45 22.45 -38.29 -21.20
C VAL C 45 21.53 -38.48 -22.42
N GLU C 46 21.18 -39.75 -22.67
CA GLU C 46 20.26 -40.15 -23.73
C GLU C 46 18.86 -39.62 -23.41
N ASN C 47 18.13 -39.19 -24.44
CA ASN C 47 16.76 -38.71 -24.29
C ASN C 47 15.77 -39.88 -24.44
N VAL C 48 15.68 -40.74 -23.40
CA VAL C 48 14.64 -41.79 -23.30
C VAL C 48 13.69 -41.44 -22.14
N GLU C 49 12.45 -41.95 -22.17
CA GLU C 49 11.42 -41.67 -21.13
C GLU C 49 11.94 -42.08 -19.74
N SER C 50 12.83 -43.06 -19.67
CA SER C 50 13.51 -43.41 -18.41
C SER C 50 14.08 -42.16 -17.72
N ASN C 51 14.86 -41.37 -18.46
CA ASN C 51 15.70 -40.27 -17.93
C ASN C 51 14.88 -39.01 -17.64
N ARG C 52 13.96 -38.68 -18.57
CA ARG C 52 13.02 -37.56 -18.42
C ARG C 52 12.24 -37.71 -17.11
N ARG C 53 11.70 -38.91 -16.87
CA ARG C 53 10.99 -39.24 -15.64
C ARG C 53 11.93 -39.06 -14.43
N ALA C 54 13.18 -39.53 -14.57
CA ALA C 54 14.18 -39.49 -13.49
C ALA C 54 14.47 -38.04 -13.08
N LEU C 55 14.62 -37.16 -14.10
CA LEU C 55 14.93 -35.75 -13.93
C LEU C 55 13.76 -35.02 -13.26
N ARG C 56 12.55 -35.27 -13.74
CA ARG C 56 11.38 -34.58 -13.21
C ARG C 56 11.15 -35.06 -11.76
N GLU C 57 11.42 -36.35 -11.50
CA GLU C 57 11.27 -36.88 -10.16
C GLU C 57 12.30 -36.26 -9.18
N LEU C 58 13.54 -36.13 -9.65
CA LEU C 58 14.63 -35.45 -8.94
C LEU C 58 14.17 -34.07 -8.46
N LEU C 59 13.62 -33.27 -9.39
CA LEU C 59 13.12 -31.91 -9.11
C LEU C 59 12.01 -31.98 -8.05
N PHE C 60 10.97 -32.77 -8.34
CA PHE C 60 9.71 -32.74 -7.60
C PHE C 60 9.86 -33.37 -6.21
N THR C 61 10.85 -34.27 -6.03
CA THR C 61 11.07 -34.90 -4.70
C THR C 61 12.26 -34.26 -3.98
N THR C 62 12.74 -33.11 -4.43
CA THR C 62 13.75 -32.32 -3.72
C THR C 62 13.17 -31.88 -2.37
N PRO C 63 13.72 -32.33 -1.24
CA PRO C 63 13.30 -31.82 0.07
C PRO C 63 13.33 -30.29 0.09
N GLY C 64 12.19 -29.62 0.36
CA GLY C 64 12.20 -28.17 0.58
C GLY C 64 11.78 -27.35 -0.62
N ALA C 65 11.71 -27.97 -1.80
CA ALA C 65 11.56 -27.23 -3.06
C ALA C 65 10.10 -26.79 -3.26
N LEU C 66 9.18 -27.74 -3.13
CA LEU C 66 7.77 -27.52 -3.46
C LEU C 66 7.17 -26.34 -2.67
N PRO C 67 7.48 -26.17 -1.37
CA PRO C 67 7.01 -24.99 -0.62
C PRO C 67 7.36 -23.62 -1.20
N CYS C 68 8.43 -23.56 -2.00
CA CYS C 68 8.78 -22.34 -2.72
C CYS C 68 7.97 -22.19 -4.01
N LEU C 69 7.10 -23.16 -4.32
CA LEU C 69 6.48 -23.18 -5.64
C LEU C 69 4.96 -23.08 -5.51
N SER C 70 4.35 -22.08 -6.15
CA SER C 70 2.89 -22.00 -6.27
C SER C 70 2.38 -22.87 -7.44
N GLY C 71 3.25 -23.09 -8.43
CA GLY C 71 2.88 -23.87 -9.58
C GLY C 71 4.08 -24.52 -10.24
N VAL C 72 3.83 -25.62 -10.95
CA VAL C 72 4.81 -26.30 -11.79
C VAL C 72 4.18 -26.52 -13.16
N ILE C 73 4.76 -25.96 -14.22
CA ILE C 73 4.27 -26.18 -15.62
C ILE C 73 4.79 -27.53 -16.08
N LEU C 74 3.88 -28.42 -16.50
CA LEU C 74 4.23 -29.74 -17.02
C LEU C 74 3.99 -29.80 -18.54
N PHE C 75 4.68 -30.74 -19.19
CA PHE C 75 4.40 -31.26 -20.49
C PHE C 75 3.37 -32.38 -20.35
N GLU C 76 2.57 -32.61 -21.40
CA GLU C 76 1.47 -33.59 -21.39
C GLU C 76 1.95 -34.95 -20.85
N GLU C 77 3.11 -35.43 -21.30
CA GLU C 77 3.63 -36.72 -20.81
C GLU C 77 3.64 -36.72 -19.28
N THR C 78 4.31 -35.71 -18.69
CA THR C 78 4.59 -35.62 -17.26
C THR C 78 3.28 -35.51 -16.45
N LEU C 79 2.26 -34.87 -17.05
CA LEU C 79 0.96 -34.70 -16.40
C LEU C 79 0.35 -36.06 -16.02
N TYR C 80 0.63 -37.12 -16.78
CA TYR C 80 0.02 -38.43 -16.53
C TYR C 80 1.05 -39.42 -15.94
N GLN C 81 2.30 -39.00 -15.74
CA GLN C 81 3.38 -39.86 -15.30
C GLN C 81 3.28 -40.01 -13.78
N LYS C 82 3.81 -41.15 -13.30
CA LYS C 82 3.99 -41.44 -11.90
C LYS C 82 5.49 -41.49 -11.58
N SER C 83 5.79 -41.36 -10.30
CA SER C 83 7.13 -41.49 -9.76
C SER C 83 7.48 -42.98 -9.58
N SER C 84 8.71 -43.23 -9.10
CA SER C 84 9.25 -44.56 -8.85
C SER C 84 8.33 -45.39 -7.96
N ASP C 85 7.58 -44.73 -7.06
CA ASP C 85 6.80 -45.44 -6.06
C ASP C 85 5.30 -45.44 -6.41
N GLY C 86 4.95 -45.05 -7.65
CA GLY C 86 3.57 -45.11 -8.11
C GLY C 86 2.75 -43.87 -7.79
N THR C 87 3.35 -42.88 -7.13
CA THR C 87 2.68 -41.59 -6.84
C THR C 87 2.55 -40.79 -8.12
N PRO C 88 1.32 -40.52 -8.64
CA PRO C 88 1.15 -39.58 -9.73
C PRO C 88 1.79 -38.22 -9.39
N PHE C 89 2.54 -37.62 -10.33
CA PHE C 89 3.21 -36.38 -10.05
C PHE C 89 2.15 -35.34 -9.62
N VAL C 90 0.97 -35.36 -10.24
CA VAL C 90 -0.03 -34.31 -9.96
C VAL C 90 -0.50 -34.39 -8.50
N ASP C 91 -0.50 -35.58 -7.91
CA ASP C 91 -0.85 -35.75 -6.49
C ASP C 91 0.30 -35.27 -5.61
N MET C 92 1.53 -35.60 -6.03
CA MET C 92 2.71 -35.17 -5.35
C MET C 92 2.70 -33.64 -5.20
N LEU C 93 2.34 -32.96 -6.28
CA LEU C 93 2.27 -31.50 -6.37
C LEU C 93 1.18 -30.96 -5.44
N LYS C 94 -0.01 -31.50 -5.57
CA LYS C 94 -1.18 -31.07 -4.81
C LYS C 94 -0.93 -31.21 -3.28
N SER C 95 -0.46 -32.38 -2.82
CA SER C 95 -0.12 -32.61 -1.39
C SER C 95 0.69 -31.44 -0.81
N ALA C 96 1.54 -30.82 -1.64
CA ALA C 96 2.45 -29.77 -1.21
C ALA C 96 1.86 -28.38 -1.48
N GLY C 97 0.63 -28.31 -2.00
CA GLY C 97 0.00 -27.04 -2.27
C GLY C 97 0.46 -26.39 -3.59
N VAL C 98 1.06 -27.20 -4.45
CA VAL C 98 1.51 -26.72 -5.75
C VAL C 98 0.40 -26.97 -6.78
N LEU C 99 -0.02 -25.93 -7.51
CA LEU C 99 -0.97 -26.12 -8.64
C LEU C 99 -0.23 -26.75 -9.82
N PRO C 100 -0.76 -27.83 -10.43
CA PRO C 100 -0.17 -28.39 -11.66
C PRO C 100 -0.67 -27.56 -12.84
N GLY C 101 0.26 -27.27 -13.74
CA GLY C 101 -0.01 -26.49 -14.97
C GLY C 101 0.33 -27.31 -16.20
N ILE C 102 -0.17 -26.88 -17.37
CA ILE C 102 -0.03 -27.67 -18.60
C ILE C 102 0.32 -26.72 -19.75
N LYS C 103 1.38 -27.05 -20.48
CA LYS C 103 1.72 -26.36 -21.72
C LYS C 103 0.72 -26.80 -22.80
N VAL C 104 0.03 -25.84 -23.43
CA VAL C 104 -1.05 -26.22 -24.38
C VAL C 104 -0.79 -25.71 -25.80
N ASP C 105 0.18 -24.80 -26.03
CA ASP C 105 0.54 -24.35 -27.38
C ASP C 105 1.21 -25.52 -28.11
N LYS C 106 1.14 -25.51 -29.44
CA LYS C 106 1.79 -26.52 -30.27
C LYS C 106 2.95 -25.88 -31.06
N GLY C 107 3.68 -24.93 -30.47
CA GLY C 107 4.91 -24.39 -31.03
C GLY C 107 4.64 -23.30 -32.03
N THR C 108 5.71 -22.81 -32.66
CA THR C 108 5.60 -21.63 -33.52
C THR C 108 5.81 -22.01 -34.99
N VAL C 109 5.33 -21.16 -35.88
CA VAL C 109 5.53 -21.24 -37.33
C VAL C 109 5.88 -19.84 -37.84
N GLU C 110 6.65 -19.79 -38.92
CA GLU C 110 7.10 -18.50 -39.48
C GLU C 110 6.00 -17.85 -40.32
N LEU C 111 5.94 -16.51 -40.22
CA LEU C 111 4.99 -15.70 -40.94
C LEU C 111 5.60 -15.27 -42.26
N ALA C 112 4.94 -15.64 -43.39
CA ALA C 112 5.35 -15.17 -44.71
C ALA C 112 5.37 -13.64 -44.77
N GLY C 113 6.38 -13.08 -45.43
CA GLY C 113 6.46 -11.65 -45.68
C GLY C 113 7.04 -10.87 -44.52
N THR C 114 7.59 -11.59 -43.52
CA THR C 114 8.27 -10.99 -42.37
C THR C 114 9.70 -11.52 -42.34
N ASN C 115 10.52 -10.97 -41.42
CA ASN C 115 11.90 -11.42 -41.31
C ASN C 115 12.04 -12.45 -40.17
N GLY C 116 11.56 -13.69 -40.39
CA GLY C 116 11.67 -14.80 -39.41
C GLY C 116 10.84 -14.58 -38.16
N GLU C 117 9.78 -13.74 -38.26
CA GLU C 117 8.83 -13.56 -37.19
C GLU C 117 7.90 -14.77 -37.21
N THR C 118 7.38 -15.09 -36.03
CA THR C 118 6.55 -16.27 -35.89
C THR C 118 5.19 -15.90 -35.32
N THR C 119 4.30 -16.88 -35.44
CA THR C 119 3.01 -16.91 -34.78
C THR C 119 2.93 -18.28 -34.10
N THR C 120 2.13 -18.36 -33.05
CA THR C 120 2.04 -19.59 -32.26
C THR C 120 0.74 -20.32 -32.61
N GLN C 121 0.88 -21.64 -32.82
CA GLN C 121 -0.20 -22.54 -33.14
CA GLN C 121 -0.27 -22.46 -33.15
C GLN C 121 -0.79 -23.16 -31.88
N GLY C 122 -1.99 -23.75 -32.01
CA GLY C 122 -2.50 -24.60 -30.95
C GLY C 122 -3.97 -24.43 -30.63
N LEU C 123 -4.72 -23.65 -31.38
CA LEU C 123 -6.14 -23.40 -31.03
C LEU C 123 -7.03 -24.59 -31.38
N ASP C 124 -6.64 -25.42 -32.36
CA ASP C 124 -7.51 -26.51 -32.86
C ASP C 124 -7.65 -27.58 -31.77
N GLY C 125 -8.91 -27.86 -31.42
CA GLY C 125 -9.25 -28.81 -30.37
C GLY C 125 -8.79 -28.41 -28.97
N LEU C 126 -8.46 -27.13 -28.76
CA LEU C 126 -7.83 -26.72 -27.49
C LEU C 126 -8.82 -26.83 -26.32
N GLY C 127 -10.09 -26.54 -26.59
CA GLY C 127 -11.14 -26.65 -25.60
C GLY C 127 -11.20 -28.05 -25.02
N ASP C 128 -11.25 -29.05 -25.90
CA ASP C 128 -11.35 -30.43 -25.46
C ASP C 128 -10.08 -30.87 -24.72
N ARG C 129 -8.89 -30.43 -25.18
CA ARG C 129 -7.64 -30.69 -24.47
CA ARG C 129 -7.65 -30.70 -24.47
C ARG C 129 -7.72 -30.13 -23.04
N CYS C 130 -8.07 -28.84 -22.90
CA CYS C 130 -8.11 -28.16 -21.63
C CYS C 130 -9.04 -28.89 -20.64
N LYS C 131 -10.16 -29.41 -21.13
CA LYS C 131 -11.11 -30.11 -20.31
C LYS C 131 -10.47 -31.41 -19.79
N LYS C 132 -9.76 -32.14 -20.64
CA LYS C 132 -9.07 -33.38 -20.24
C LYS C 132 -7.96 -33.07 -19.22
N TYR C 133 -7.28 -31.94 -19.46
CA TYR C 133 -6.22 -31.50 -18.60
C TYR C 133 -6.77 -31.11 -17.23
N TYR C 134 -7.86 -30.36 -17.19
CA TYR C 134 -8.54 -30.03 -15.95
C TYR C 134 -8.91 -31.32 -15.20
N GLU C 135 -9.50 -32.30 -15.90
CA GLU C 135 -9.91 -33.55 -15.28
C GLU C 135 -8.69 -34.28 -14.72
N ALA C 136 -7.51 -34.13 -15.34
CA ALA C 136 -6.29 -34.80 -14.89
C ALA C 136 -5.59 -34.03 -13.75
N GLY C 137 -6.12 -32.87 -13.37
CA GLY C 137 -5.65 -32.11 -12.19
C GLY C 137 -4.94 -30.80 -12.53
N ALA C 138 -4.89 -30.41 -13.80
CA ALA C 138 -4.27 -29.16 -14.17
C ALA C 138 -5.21 -28.00 -13.80
N ARG C 139 -4.64 -26.88 -13.35
CA ARG C 139 -5.42 -25.72 -12.97
C ARG C 139 -4.93 -24.45 -13.65
N PHE C 140 -3.81 -24.51 -14.36
CA PHE C 140 -3.38 -23.37 -15.20
C PHE C 140 -2.75 -23.90 -16.49
N ALA C 141 -2.59 -22.98 -17.42
CA ALA C 141 -2.10 -23.31 -18.76
C ALA C 141 -0.99 -22.35 -19.15
N LYS C 142 -0.21 -22.77 -20.13
CA LYS C 142 0.80 -21.98 -20.76
C LYS C 142 0.71 -22.07 -22.29
N TRP C 143 0.91 -20.89 -22.88
CA TRP C 143 1.01 -20.65 -24.30
C TRP C 143 2.10 -19.60 -24.51
N ARG C 144 3.11 -19.92 -25.28
CA ARG C 144 4.18 -18.97 -25.53
C ARG C 144 4.08 -18.37 -26.95
N ALA C 145 3.91 -17.06 -27.01
CA ALA C 145 4.11 -16.26 -28.20
C ALA C 145 5.54 -15.67 -28.19
N VAL C 146 6.19 -15.56 -29.35
CA VAL C 146 7.57 -15.11 -29.47
C VAL C 146 7.60 -13.92 -30.45
N LEU C 147 8.16 -12.78 -30.02
CA LEU C 147 8.35 -11.58 -30.81
C LEU C 147 9.85 -11.30 -30.86
N LYS C 148 10.34 -10.74 -31.96
CA LYS C 148 11.73 -10.37 -31.96
C LYS C 148 11.84 -8.84 -32.08
N ILE C 149 13.02 -8.32 -31.74
CA ILE C 149 13.37 -6.89 -31.94
C ILE C 149 14.37 -6.78 -33.10
N GLY C 150 14.04 -5.95 -34.08
CA GLY C 150 14.87 -5.69 -35.26
C GLY C 150 14.59 -4.32 -35.85
N VAL C 151 15.14 -4.01 -37.04
CA VAL C 151 14.88 -2.72 -37.69
C VAL C 151 13.37 -2.51 -37.78
N ASN C 152 12.69 -3.50 -38.36
CA ASN C 152 11.23 -3.44 -38.61
C ASN C 152 10.44 -4.46 -37.77
N GLU C 153 11.05 -4.93 -36.66
CA GLU C 153 10.44 -5.90 -35.79
C GLU C 153 10.34 -5.39 -34.36
N PRO C 154 9.24 -5.74 -33.68
CA PRO C 154 8.22 -6.61 -34.24
C PRO C 154 7.26 -5.82 -35.13
N SER C 155 6.81 -6.45 -36.20
CA SER C 155 5.89 -5.88 -37.18
C SER C 155 4.47 -5.87 -36.57
N GLN C 156 3.67 -4.98 -37.11
CA GLN C 156 2.29 -4.93 -36.83
C GLN C 156 1.66 -6.31 -37.01
N LEU C 157 1.94 -7.00 -38.14
CA LEU C 157 1.38 -8.36 -38.37
C LEU C 157 1.75 -9.36 -37.25
N ALA C 158 3.02 -9.43 -36.88
CA ALA C 158 3.52 -10.33 -35.79
C ALA C 158 2.82 -10.03 -34.49
N ILE C 159 2.72 -8.72 -34.17
CA ILE C 159 2.12 -8.33 -32.94
C ILE C 159 0.64 -8.79 -32.95
N HIS C 160 -0.06 -8.40 -34.00
CA HIS C 160 -1.50 -8.65 -34.13
C HIS C 160 -1.76 -10.15 -33.97
N GLU C 161 -1.03 -10.99 -34.72
CA GLU C 161 -1.19 -12.44 -34.72
C GLU C 161 -0.95 -13.03 -33.33
N ASN C 162 0.08 -12.53 -32.63
CA ASN C 162 0.47 -13.12 -31.39
C ASN C 162 -0.48 -12.64 -30.30
N ALA C 163 -0.83 -11.35 -30.29
CA ALA C 163 -1.77 -10.84 -29.29
C ALA C 163 -3.12 -11.57 -29.40
N TYR C 164 -3.65 -11.69 -30.62
CA TYR C 164 -5.01 -12.23 -30.76
C TYR C 164 -4.97 -13.75 -30.61
N GLY C 165 -3.84 -14.39 -30.91
CA GLY C 165 -3.66 -15.84 -30.60
C GLY C 165 -3.67 -16.08 -29.08
N LEU C 166 -3.03 -15.20 -28.32
CA LEU C 166 -3.00 -15.29 -26.88
C LEU C 166 -4.40 -15.10 -26.31
N ALA C 167 -5.13 -14.12 -26.85
CA ALA C 167 -6.46 -13.76 -26.32
C ALA C 167 -7.44 -14.93 -26.48
N ARG C 168 -7.37 -15.57 -27.64
CA ARG C 168 -8.31 -16.62 -27.99
C ARG C 168 -7.99 -17.80 -27.12
N TYR C 169 -6.69 -18.06 -26.96
CA TYR C 169 -6.22 -19.15 -26.06
C TYR C 169 -6.71 -18.92 -24.64
N ALA C 170 -6.66 -17.65 -24.20
CA ALA C 170 -7.03 -17.27 -22.85
C ALA C 170 -8.51 -17.58 -22.59
N VAL C 171 -9.39 -17.21 -23.53
CA VAL C 171 -10.83 -17.46 -23.40
C VAL C 171 -11.07 -18.98 -23.26
N ILE C 172 -10.47 -19.76 -24.14
CA ILE C 172 -10.73 -21.20 -24.18
C ILE C 172 -10.31 -21.82 -22.85
N CYS C 173 -9.13 -21.40 -22.35
CA CYS C 173 -8.62 -21.83 -21.08
C CYS C 173 -9.66 -21.54 -19.99
N GLN C 174 -10.15 -20.31 -19.93
CA GLN C 174 -11.05 -19.93 -18.89
C GLN C 174 -12.37 -20.69 -19.01
N GLU C 175 -12.83 -20.98 -20.22
CA GLU C 175 -14.08 -21.75 -20.36
C GLU C 175 -13.96 -23.16 -19.78
N ASN C 176 -12.72 -23.68 -19.66
CA ASN C 176 -12.47 -25.02 -19.28
C ASN C 176 -11.74 -25.08 -17.93
N GLY C 177 -11.68 -23.96 -17.21
CA GLY C 177 -11.26 -23.96 -15.78
C GLY C 177 -9.75 -23.90 -15.56
N LEU C 178 -9.00 -23.49 -16.60
CA LEU C 178 -7.53 -23.32 -16.53
C LEU C 178 -7.21 -21.83 -16.60
N VAL C 179 -6.47 -21.36 -15.59
CA VAL C 179 -5.94 -20.00 -15.58
C VAL C 179 -4.90 -19.92 -16.70
N PRO C 180 -5.14 -19.07 -17.71
CA PRO C 180 -4.17 -18.89 -18.78
C PRO C 180 -3.00 -18.00 -18.36
N ILE C 181 -1.78 -18.53 -18.47
CA ILE C 181 -0.60 -17.67 -18.41
C ILE C 181 -0.40 -17.11 -19.84
N VAL C 182 -0.54 -15.79 -19.93
CA VAL C 182 -0.34 -15.08 -21.10
C VAL C 182 1.16 -14.75 -21.19
N GLU C 183 1.87 -15.34 -22.16
CA GLU C 183 3.32 -15.21 -22.32
C GLU C 183 3.70 -14.58 -23.67
N PRO C 184 3.77 -13.24 -23.81
CA PRO C 184 4.25 -12.58 -25.02
C PRO C 184 5.74 -12.31 -24.87
N GLU C 185 6.58 -13.30 -25.17
CA GLU C 185 8.00 -13.15 -24.91
C GLU C 185 8.63 -12.31 -26.04
N ILE C 186 9.25 -11.20 -25.65
CA ILE C 186 10.11 -10.47 -26.52
C ILE C 186 11.54 -11.00 -26.33
N LEU C 187 12.05 -11.64 -27.39
CA LEU C 187 13.41 -12.26 -27.34
C LEU C 187 14.46 -11.16 -27.10
N VAL C 188 15.46 -11.52 -26.31
CA VAL C 188 16.58 -10.60 -25.92
C VAL C 188 17.55 -10.43 -27.07
N ASP C 189 17.54 -11.37 -28.05
CA ASP C 189 18.53 -11.41 -29.10
CA ASP C 189 18.54 -11.42 -29.09
C ASP C 189 18.70 -10.05 -29.75
N GLY C 190 19.96 -9.58 -29.81
CA GLY C 190 20.35 -8.36 -30.55
C GLY C 190 21.21 -7.41 -29.71
N SER C 191 21.59 -6.29 -30.33
CA SER C 191 22.44 -5.25 -29.75
C SER C 191 21.66 -3.96 -29.50
N HIS C 192 20.34 -4.05 -29.45
CA HIS C 192 19.48 -2.97 -29.01
C HIS C 192 19.74 -2.72 -27.51
N ASP C 193 19.40 -1.49 -27.06
CA ASP C 193 19.60 -1.05 -25.71
C ASP C 193 18.30 -1.33 -24.91
N ILE C 194 18.32 -1.00 -23.61
CA ILE C 194 17.24 -1.33 -22.72
C ILE C 194 16.03 -0.46 -23.06
N GLN C 195 16.29 0.77 -23.52
CA GLN C 195 15.25 1.73 -23.90
C GLN C 195 14.41 1.14 -25.03
N LYS C 196 15.06 0.49 -25.99
CA LYS C 196 14.35 -0.15 -27.10
CA LYS C 196 14.35 -0.15 -27.10
C LYS C 196 13.50 -1.29 -26.57
N CYS C 197 14.13 -2.13 -25.75
CA CYS C 197 13.38 -3.22 -25.14
C CYS C 197 12.13 -2.66 -24.43
N ALA C 198 12.27 -1.55 -23.68
CA ALA C 198 11.18 -0.96 -22.93
C ALA C 198 10.05 -0.58 -23.87
N ALA C 199 10.39 0.12 -24.94
CA ALA C 199 9.39 0.65 -25.91
C ALA C 199 8.64 -0.49 -26.58
N VAL C 200 9.36 -1.53 -27.01
CA VAL C 200 8.78 -2.71 -27.63
C VAL C 200 7.92 -3.45 -26.61
N THR C 201 8.42 -3.69 -25.39
CA THR C 201 7.61 -4.35 -24.36
C THR C 201 6.33 -3.55 -24.10
N GLU C 202 6.42 -2.23 -24.00
CA GLU C 202 5.23 -1.39 -23.76
C GLU C 202 4.25 -1.56 -24.93
N ARG C 203 4.73 -1.44 -26.17
CA ARG C 203 3.84 -1.60 -27.34
C ARG C 203 3.16 -3.00 -27.33
N VAL C 204 3.95 -4.04 -27.10
CA VAL C 204 3.43 -5.40 -27.22
C VAL C 204 2.38 -5.68 -26.12
N LEU C 205 2.68 -5.29 -24.87
CA LEU C 205 1.73 -5.56 -23.77
C LEU C 205 0.43 -4.80 -24.01
N ALA C 206 0.52 -3.56 -24.51
CA ALA C 206 -0.67 -2.77 -24.77
C ALA C 206 -1.53 -3.42 -25.84
N ALA C 207 -0.90 -3.95 -26.90
CA ALA C 207 -1.59 -4.76 -27.92
C ALA C 207 -2.24 -6.03 -27.30
N CYS C 208 -1.54 -6.71 -26.38
CA CYS C 208 -2.08 -7.93 -25.82
C CYS C 208 -3.30 -7.60 -24.92
N TYR C 209 -3.27 -6.53 -24.10
CA TYR C 209 -4.39 -6.26 -23.22
C TYR C 209 -5.62 -5.73 -24.00
N LYS C 210 -5.36 -5.02 -25.10
CA LYS C 210 -6.41 -4.65 -26.01
C LYS C 210 -7.08 -5.91 -26.60
N ALA C 211 -6.29 -6.89 -27.05
CA ALA C 211 -6.84 -8.12 -27.60
C ALA C 211 -7.67 -8.85 -26.55
N LEU C 212 -7.16 -8.96 -25.32
CA LEU C 212 -7.81 -9.69 -24.21
C LEU C 212 -9.15 -9.02 -23.88
N SER C 213 -9.20 -7.68 -23.92
CA SER C 213 -10.45 -6.92 -23.76
C SER C 213 -11.41 -7.24 -24.91
N ASP C 214 -10.93 -7.17 -26.16
CA ASP C 214 -11.80 -7.51 -27.29
C ASP C 214 -12.35 -8.94 -27.14
N HIS C 215 -11.54 -9.88 -26.62
CA HIS C 215 -12.01 -11.26 -26.45
C HIS C 215 -12.80 -11.49 -25.14
N HIS C 216 -13.07 -10.43 -24.37
CA HIS C 216 -13.86 -10.50 -23.07
C HIS C 216 -13.25 -11.44 -22.01
N VAL C 217 -11.93 -11.49 -21.95
CA VAL C 217 -11.19 -12.32 -20.97
C VAL C 217 -11.39 -11.72 -19.56
N LEU C 218 -11.57 -12.59 -18.56
CA LEU C 218 -11.62 -12.19 -17.10
C LEU C 218 -10.18 -12.01 -16.63
N LEU C 219 -9.75 -10.74 -16.56
CA LEU C 219 -8.32 -10.46 -16.28
C LEU C 219 -7.92 -10.98 -14.89
N GLU C 220 -8.88 -10.95 -13.96
CA GLU C 220 -8.62 -11.37 -12.61
C GLU C 220 -8.32 -12.89 -12.57
N GLY C 221 -8.69 -13.63 -13.65
CA GLY C 221 -8.41 -15.07 -13.76
C GLY C 221 -7.28 -15.39 -14.72
N THR C 222 -6.32 -14.47 -14.89
CA THR C 222 -5.20 -14.67 -15.78
C THR C 222 -3.89 -14.34 -15.07
N LEU C 223 -2.78 -14.65 -15.75
CA LEU C 223 -1.43 -14.36 -15.34
C LEU C 223 -0.69 -13.80 -16.54
N LEU C 224 0.38 -13.01 -16.29
CA LEU C 224 1.26 -12.51 -17.36
C LEU C 224 2.66 -13.06 -17.09
N LYS C 225 3.27 -13.64 -18.13
CA LYS C 225 4.64 -14.09 -18.13
C LYS C 225 5.37 -13.32 -19.21
N PRO C 226 5.85 -12.10 -18.90
CA PRO C 226 6.58 -11.27 -19.82
C PRO C 226 8.07 -11.47 -19.60
N ASN C 227 8.86 -11.02 -20.57
CA ASN C 227 10.28 -10.79 -20.40
C ASN C 227 10.45 -9.61 -19.43
N MET C 228 11.56 -9.61 -18.70
CA MET C 228 12.05 -8.44 -18.07
C MET C 228 12.54 -7.51 -19.18
N VAL C 229 12.56 -6.21 -18.89
CA VAL C 229 13.08 -5.25 -19.78
C VAL C 229 14.60 -5.16 -19.53
N THR C 230 15.38 -5.61 -20.53
CA THR C 230 16.82 -5.71 -20.47
C THR C 230 17.46 -5.21 -21.76
N PRO C 231 18.77 -4.90 -21.72
CA PRO C 231 19.51 -4.67 -22.95
C PRO C 231 19.50 -5.97 -23.75
N GLY C 232 19.74 -5.87 -25.07
CA GLY C 232 19.85 -7.04 -25.87
C GLY C 232 21.02 -7.91 -25.45
N SER C 233 21.00 -9.17 -25.87
CA SER C 233 21.94 -10.19 -25.48
C SER C 233 23.39 -9.82 -25.85
N GLU C 234 23.57 -8.97 -26.88
CA GLU C 234 24.87 -8.56 -27.36
C GLU C 234 25.27 -7.20 -26.77
N SER C 235 24.43 -6.59 -25.95
CA SER C 235 24.73 -5.29 -25.35
C SER C 235 25.26 -5.50 -23.92
N ALA C 236 25.96 -4.48 -23.41
CA ALA C 236 26.51 -4.48 -22.05
C ALA C 236 25.40 -4.78 -21.02
N LYS C 237 25.69 -5.70 -20.11
CA LYS C 237 24.81 -5.95 -18.99
C LYS C 237 24.77 -4.73 -18.07
N VAL C 238 23.68 -4.65 -17.35
CA VAL C 238 23.31 -3.52 -16.57
C VAL C 238 22.85 -4.02 -15.18
N ALA C 239 22.92 -3.15 -14.17
CA ALA C 239 22.69 -3.52 -12.77
C ALA C 239 21.22 -3.93 -12.59
N PRO C 240 20.90 -4.76 -11.58
CA PRO C 240 19.52 -5.18 -11.33
C PRO C 240 18.56 -3.99 -11.14
N GLU C 241 19.05 -2.90 -10.51
CA GLU C 241 18.21 -1.74 -10.24
CA GLU C 241 18.23 -1.72 -10.23
C GLU C 241 17.78 -1.06 -11.55
N VAL C 242 18.63 -1.08 -12.57
CA VAL C 242 18.28 -0.53 -13.87
C VAL C 242 17.22 -1.43 -14.54
N ILE C 243 17.43 -2.75 -14.53
CA ILE C 243 16.42 -3.71 -15.05
C ILE C 243 15.07 -3.47 -14.38
N ALA C 244 15.11 -3.28 -13.05
CA ALA C 244 13.91 -3.16 -12.23
C ALA C 244 13.16 -1.88 -12.64
N GLU C 245 13.88 -0.76 -12.74
CA GLU C 245 13.25 0.52 -13.02
C GLU C 245 12.52 0.45 -14.36
N HIS C 246 13.19 -0.06 -15.40
CA HIS C 246 12.65 -0.08 -16.75
C HIS C 246 11.49 -1.08 -16.84
N THR C 247 11.66 -2.26 -16.21
CA THR C 247 10.69 -3.32 -16.29
C THR C 247 9.40 -2.82 -15.59
N VAL C 248 9.52 -2.29 -14.38
CA VAL C 248 8.32 -1.99 -13.60
C VAL C 248 7.56 -0.84 -14.26
N ARG C 249 8.30 0.15 -14.74
CA ARG C 249 7.74 1.28 -15.53
C ARG C 249 6.93 0.76 -16.74
N ALA C 250 7.48 -0.21 -17.49
CA ALA C 250 6.76 -0.80 -18.63
C ALA C 250 5.44 -1.43 -18.19
N LEU C 251 5.45 -2.13 -17.05
CA LEU C 251 4.28 -2.86 -16.57
C LEU C 251 3.24 -1.87 -16.03
N GLN C 252 3.70 -0.83 -15.32
CA GLN C 252 2.82 0.19 -14.83
C GLN C 252 2.07 0.87 -16.01
N ARG C 253 2.76 0.95 -17.15
CA ARG C 253 2.17 1.64 -18.29
C ARG C 253 1.12 0.79 -19.05
N THR C 254 1.06 -0.53 -18.79
CA THR C 254 0.35 -1.40 -19.73
C THR C 254 -0.52 -2.47 -19.04
N VAL C 255 -0.12 -2.99 -17.88
CA VAL C 255 -0.79 -4.19 -17.34
C VAL C 255 -1.85 -3.76 -16.33
N PRO C 256 -3.16 -3.98 -16.59
CA PRO C 256 -4.19 -3.58 -15.62
C PRO C 256 -3.97 -4.16 -14.20
N ALA C 257 -4.36 -3.37 -13.20
CA ALA C 257 -4.34 -3.78 -11.76
C ALA C 257 -5.15 -5.07 -11.54
N ALA C 258 -6.16 -5.32 -12.37
CA ALA C 258 -6.97 -6.52 -12.28
C ALA C 258 -6.13 -7.79 -12.42
N VAL C 259 -5.01 -7.74 -13.15
CA VAL C 259 -4.16 -8.93 -13.27
C VAL C 259 -3.49 -9.14 -11.92
N PRO C 260 -3.63 -10.34 -11.28
CA PRO C 260 -3.12 -10.56 -9.93
C PRO C 260 -1.59 -10.72 -9.82
N ALA C 261 -0.93 -11.24 -10.87
CA ALA C 261 0.45 -11.58 -10.74
C ALA C 261 1.12 -11.65 -12.11
N ILE C 262 2.41 -11.27 -12.08
CA ILE C 262 3.30 -11.22 -13.18
C ILE C 262 4.47 -12.16 -12.87
N VAL C 263 4.61 -13.24 -13.65
CA VAL C 263 5.59 -14.28 -13.36
C VAL C 263 6.63 -14.23 -14.49
N PHE C 264 7.78 -13.60 -14.19
CA PHE C 264 8.75 -13.30 -15.23
C PHE C 264 9.36 -14.57 -15.80
N LEU C 265 9.58 -14.60 -17.11
CA LEU C 265 10.49 -15.58 -17.75
C LEU C 265 11.91 -15.04 -17.61
N SER C 266 12.89 -15.97 -17.58
CA SER C 266 14.29 -15.63 -17.43
C SER C 266 14.94 -15.34 -18.80
N GLY C 267 14.51 -16.04 -19.85
CA GLY C 267 14.96 -15.78 -21.22
C GLY C 267 16.47 -15.81 -21.44
N GLY C 268 17.18 -16.79 -20.90
CA GLY C 268 18.62 -16.85 -21.20
C GLY C 268 19.50 -16.03 -20.25
N GLN C 269 18.91 -15.27 -19.29
CA GLN C 269 19.66 -14.77 -18.11
C GLN C 269 20.21 -15.94 -17.30
N SER C 270 21.37 -15.75 -16.64
CA SER C 270 21.90 -16.74 -15.70
C SER C 270 20.99 -16.91 -14.47
N GLU C 271 21.17 -18.02 -13.74
CA GLU C 271 20.39 -18.33 -12.55
C GLU C 271 20.46 -17.14 -11.59
N GLU C 272 21.70 -16.67 -11.31
CA GLU C 272 21.88 -15.66 -10.29
C GLU C 272 21.30 -14.30 -10.75
N GLU C 273 21.51 -13.97 -12.02
CA GLU C 273 21.11 -12.72 -12.59
C GLU C 273 19.59 -12.63 -12.56
N ALA C 274 18.90 -13.71 -12.91
CA ALA C 274 17.41 -13.72 -12.91
C ALA C 274 16.89 -13.41 -11.51
N THR C 275 17.48 -14.05 -10.51
CA THR C 275 17.08 -13.90 -9.11
C THR C 275 17.28 -12.45 -8.65
N ARG C 276 18.46 -11.91 -8.92
CA ARG C 276 18.89 -10.58 -8.52
C ARG C 276 17.98 -9.54 -9.16
N ASN C 277 17.64 -9.73 -10.44
CA ASN C 277 16.75 -8.78 -11.16
C ASN C 277 15.35 -8.80 -10.56
N LEU C 278 14.82 -10.01 -10.29
CA LEU C 278 13.51 -10.14 -9.64
C LEU C 278 13.52 -9.47 -8.26
N ASN C 279 14.60 -9.67 -7.51
CA ASN C 279 14.71 -9.14 -6.16
C ASN C 279 14.60 -7.61 -6.22
N ALA C 280 15.35 -7.01 -7.16
CA ALA C 280 15.40 -5.57 -7.29
C ALA C 280 14.01 -5.02 -7.60
N MET C 281 13.21 -5.77 -8.35
CA MET C 281 11.88 -5.30 -8.67
C MET C 281 11.03 -5.22 -7.40
N ASN C 282 11.19 -6.21 -6.52
CA ASN C 282 10.48 -6.26 -5.23
C ASN C 282 11.07 -5.31 -4.19
N GLN C 283 12.19 -4.64 -4.49
CA GLN C 283 12.72 -3.66 -3.56
C GLN C 283 12.38 -2.23 -4.03
N LEU C 284 11.75 -2.08 -5.21
CA LEU C 284 11.46 -0.78 -5.74
C LEU C 284 10.19 -0.18 -5.11
N LYS C 285 10.30 1.01 -4.56
CA LYS C 285 9.17 1.67 -3.95
CA LYS C 285 9.17 1.66 -3.95
C LYS C 285 8.42 2.43 -5.03
N THR C 286 7.30 1.86 -5.46
CA THR C 286 6.54 2.38 -6.56
C THR C 286 5.21 1.60 -6.61
N LYS C 287 4.18 2.16 -7.28
CA LYS C 287 2.87 1.47 -7.39
C LYS C 287 3.02 0.17 -8.21
N LYS C 288 2.84 -0.99 -7.56
CA LYS C 288 2.86 -2.30 -8.23
C LYS C 288 1.63 -3.09 -7.83
N PRO C 289 0.50 -2.96 -8.55
CA PRO C 289 -0.77 -3.64 -8.20
C PRO C 289 -0.93 -5.10 -8.65
N TRP C 290 0.21 -5.79 -8.68
CA TRP C 290 0.31 -7.16 -8.99
C TRP C 290 1.52 -7.68 -8.25
N SER C 291 1.48 -8.97 -7.85
CA SER C 291 2.62 -9.71 -7.39
C SER C 291 3.65 -9.82 -8.51
N LEU C 292 4.92 -9.61 -8.18
CA LEU C 292 6.00 -9.80 -9.10
C LEU C 292 6.78 -11.05 -8.67
N SER C 293 6.64 -12.13 -9.45
CA SER C 293 7.13 -13.46 -9.12
C SER C 293 7.92 -14.04 -10.30
N PHE C 294 8.16 -15.36 -10.28
CA PHE C 294 8.97 -16.02 -11.27
C PHE C 294 8.23 -17.19 -11.93
N SER C 295 8.52 -17.41 -13.22
CA SER C 295 8.19 -18.65 -13.92
C SER C 295 9.42 -19.08 -14.69
N PHE C 296 10.33 -19.76 -14.00
CA PHE C 296 11.64 -20.02 -14.54
C PHE C 296 11.76 -21.50 -14.90
N GLY C 297 12.45 -21.76 -16.01
CA GLY C 297 12.85 -23.07 -16.47
C GLY C 297 14.33 -23.28 -16.24
N ARG C 298 15.16 -22.84 -17.22
CA ARG C 298 16.61 -22.97 -17.21
C ARG C 298 17.16 -22.26 -15.94
N ALA C 299 16.62 -21.11 -15.58
CA ALA C 299 17.11 -20.31 -14.43
C ALA C 299 16.88 -21.04 -13.11
N LEU C 300 16.05 -22.09 -13.10
CA LEU C 300 15.77 -22.88 -11.90
C LEU C 300 16.47 -24.24 -11.93
N GLN C 301 16.77 -24.76 -13.13
CA GLN C 301 17.23 -26.14 -13.35
C GLN C 301 18.72 -26.23 -13.75
N GLN C 302 19.31 -25.21 -14.37
CA GLN C 302 20.64 -25.26 -15.07
C GLN C 302 21.69 -25.95 -14.19
N SER C 303 21.91 -25.43 -12.97
CA SER C 303 22.98 -25.92 -12.08
C SER C 303 22.63 -27.31 -11.52
N THR C 304 21.34 -27.63 -11.42
CA THR C 304 20.84 -28.95 -10.98
C THR C 304 21.13 -30.00 -12.06
N LEU C 305 20.81 -29.67 -13.31
CA LEU C 305 21.12 -30.50 -14.49
C LEU C 305 22.60 -30.91 -14.50
N LYS C 306 23.49 -29.96 -14.21
CA LYS C 306 24.95 -30.15 -14.27
C LYS C 306 25.42 -31.02 -13.09
N THR C 307 25.03 -30.66 -11.86
CA THR C 307 25.44 -31.42 -10.67
C THR C 307 25.02 -32.88 -10.83
N TRP C 308 23.79 -33.08 -11.33
CA TRP C 308 23.23 -34.41 -11.54
C TRP C 308 24.04 -35.19 -12.57
N GLY C 309 24.36 -34.56 -13.70
CA GLY C 309 25.13 -35.20 -14.75
C GLY C 309 24.36 -36.35 -15.37
N GLY C 310 24.44 -37.52 -14.73
CA GLY C 310 23.88 -38.73 -15.28
C GLY C 310 23.18 -39.56 -14.23
N LYS C 311 23.84 -39.83 -13.11
CA LYS C 311 23.38 -40.93 -12.24
C LYS C 311 23.37 -40.48 -10.77
N GLU C 312 23.39 -41.45 -9.85
CA GLU C 312 22.50 -41.45 -8.69
C GLU C 312 23.24 -41.03 -7.42
N GLU C 313 24.58 -40.96 -7.47
CA GLU C 313 25.36 -40.46 -6.31
C GLU C 313 25.14 -38.94 -6.22
N ASN C 314 24.92 -38.33 -7.40
CA ASN C 314 24.78 -36.89 -7.54
C ASN C 314 23.33 -36.44 -7.46
N VAL C 315 22.40 -37.27 -6.94
CA VAL C 315 21.01 -36.85 -6.78
C VAL C 315 20.92 -35.94 -5.55
N LYS C 316 21.45 -36.38 -4.41
CA LYS C 316 21.37 -35.62 -3.16
C LYS C 316 22.06 -34.26 -3.36
N LYS C 317 23.16 -34.26 -4.11
CA LYS C 317 23.92 -33.04 -4.39
C LYS C 317 23.15 -32.11 -5.33
N ALA C 318 22.47 -32.69 -6.33
CA ALA C 318 21.74 -31.93 -7.32
C ALA C 318 20.44 -31.37 -6.70
N GLN C 319 19.85 -32.13 -5.78
CA GLN C 319 18.67 -31.69 -5.06
C GLN C 319 19.04 -30.53 -4.13
N GLU C 320 20.25 -30.53 -3.55
CA GLU C 320 20.72 -29.41 -2.71
C GLU C 320 20.87 -28.18 -3.60
N ALA C 321 21.37 -28.39 -4.83
CA ALA C 321 21.53 -27.30 -5.77
C ALA C 321 20.16 -26.72 -6.16
N PHE C 322 19.18 -27.60 -6.38
CA PHE C 322 17.85 -27.16 -6.82
C PHE C 322 17.17 -26.34 -5.71
N LEU C 323 17.32 -26.80 -4.46
CA LEU C 323 16.80 -26.14 -3.29
C LEU C 323 17.38 -24.73 -3.19
N VAL C 324 18.70 -24.61 -3.40
CA VAL C 324 19.38 -23.31 -3.37
C VAL C 324 18.63 -22.32 -4.29
N ARG C 325 18.33 -22.70 -5.53
CA ARG C 325 17.73 -21.77 -6.47
C ARG C 325 16.26 -21.53 -6.10
N CYS C 326 15.53 -22.58 -5.69
CA CYS C 326 14.10 -22.41 -5.28
C CYS C 326 14.03 -21.40 -4.12
N LYS C 327 14.88 -21.61 -3.10
CA LYS C 327 14.90 -20.76 -1.92
C LYS C 327 15.28 -19.33 -2.31
N ALA C 328 16.29 -19.18 -3.17
CA ALA C 328 16.76 -17.84 -3.58
C ALA C 328 15.63 -17.08 -4.31
N ASN C 329 14.89 -17.75 -5.20
CA ASN C 329 13.84 -17.09 -5.97
C ASN C 329 12.65 -16.77 -5.08
N SER C 330 12.34 -17.68 -4.15
CA SER C 330 11.32 -17.41 -3.16
C SER C 330 11.66 -16.12 -2.41
N GLU C 331 12.92 -15.98 -1.96
CA GLU C 331 13.37 -14.78 -1.24
C GLU C 331 13.27 -13.55 -2.14
N ALA C 332 13.58 -13.76 -3.42
CA ALA C 332 13.52 -12.67 -4.42
C ALA C 332 12.09 -12.12 -4.54
N THR C 333 11.08 -12.99 -4.45
CA THR C 333 9.68 -12.51 -4.53
C THR C 333 9.30 -11.59 -3.37
N LEU C 334 10.04 -11.71 -2.24
CA LEU C 334 9.79 -10.95 -1.04
C LEU C 334 10.76 -9.77 -0.96
N GLY C 335 11.69 -9.66 -1.91
CA GLY C 335 12.65 -8.58 -1.92
C GLY C 335 13.73 -8.75 -0.85
N ALA C 336 13.95 -10.01 -0.48
CA ALA C 336 14.72 -10.33 0.72
C ALA C 336 15.90 -11.22 0.37
N TYR C 337 16.25 -11.28 -0.92
CA TYR C 337 17.37 -12.07 -1.36
C TYR C 337 18.63 -11.23 -1.15
N LYS C 338 19.62 -11.80 -0.48
CA LYS C 338 20.81 -11.01 -0.12
C LYS C 338 22.02 -11.43 -0.96
N GLY C 339 21.84 -12.39 -1.88
CA GLY C 339 22.96 -13.15 -2.45
C GLY C 339 23.12 -14.48 -1.74
N ASP C 340 23.72 -15.46 -2.42
CA ASP C 340 24.08 -16.78 -1.77
C ASP C 340 25.59 -16.96 -1.79
N PHE D 4 21.36 -7.09 22.35
CA PHE D 4 20.94 -8.49 22.05
C PHE D 4 20.76 -8.67 20.54
N THR D 5 21.70 -9.41 19.93
CA THR D 5 21.53 -10.04 18.64
C THR D 5 21.59 -11.56 18.83
N SER D 6 20.51 -12.25 18.48
CA SER D 6 20.48 -13.71 18.38
C SER D 6 21.35 -14.14 17.16
N LYS D 7 21.90 -15.36 17.21
CA LYS D 7 22.49 -16.02 16.01
C LYS D 7 21.36 -16.55 15.11
N PHE D 8 20.14 -16.63 15.64
CA PHE D 8 18.97 -17.08 14.90
C PHE D 8 18.19 -15.90 14.27
N ALA D 9 18.75 -14.68 14.34
CA ALA D 9 17.97 -13.46 14.09
C ALA D 9 17.34 -13.50 12.68
N ASP D 10 18.14 -13.85 11.66
CA ASP D 10 17.63 -13.91 10.26
C ASP D 10 16.50 -14.94 10.13
N GLU D 11 16.71 -16.14 10.70
CA GLU D 11 15.72 -17.19 10.60
C GLU D 11 14.45 -16.79 11.37
N LEU D 12 14.59 -16.08 12.51
CA LEU D 12 13.42 -15.64 13.29
C LEU D 12 12.55 -14.70 12.45
N ILE D 13 13.21 -13.71 11.82
CA ILE D 13 12.58 -12.68 10.99
C ILE D 13 11.89 -13.30 9.77
N ALA D 14 12.57 -14.21 9.06
CA ALA D 14 12.02 -14.97 7.92
C ALA D 14 10.80 -15.83 8.36
N ASN D 15 10.91 -16.56 9.47
CA ASN D 15 9.84 -17.43 9.92
C ASN D 15 8.64 -16.60 10.39
N ALA D 16 8.88 -15.55 11.19
CA ALA D 16 7.76 -14.70 11.66
C ALA D 16 7.02 -14.07 10.47
N ALA D 17 7.75 -13.55 9.51
CA ALA D 17 7.16 -13.00 8.23
C ALA D 17 6.36 -14.10 7.49
N TYR D 18 6.89 -15.33 7.45
CA TYR D 18 6.26 -16.45 6.78
C TYR D 18 4.89 -16.79 7.37
N ILE D 19 4.80 -16.73 8.70
CA ILE D 19 3.54 -17.05 9.36
C ILE D 19 2.43 -16.12 8.84
N GLY D 20 2.76 -14.86 8.55
CA GLY D 20 1.80 -13.91 8.07
C GLY D 20 1.59 -13.92 6.54
N THR D 21 2.16 -14.89 5.79
CA THR D 21 1.84 -15.06 4.35
C THR D 21 0.34 -14.95 4.07
N PRO D 22 -0.10 -14.00 3.20
CA PRO D 22 -1.48 -13.93 2.74
C PRO D 22 -2.01 -15.29 2.28
N GLY D 23 -3.18 -15.71 2.83
CA GLY D 23 -3.75 -16.98 2.54
C GLY D 23 -3.46 -18.08 3.55
N LYS D 24 -2.61 -17.80 4.55
CA LYS D 24 -2.20 -18.77 5.56
C LYS D 24 -2.42 -18.23 6.97
N GLY D 25 -2.61 -19.16 7.91
CA GLY D 25 -2.71 -18.86 9.32
C GLY D 25 -2.33 -20.06 10.12
N ILE D 26 -2.56 -20.01 11.43
CA ILE D 26 -2.06 -21.02 12.33
C ILE D 26 -3.22 -21.88 12.84
N LEU D 27 -3.00 -23.19 12.89
CA LEU D 27 -3.87 -24.08 13.58
C LEU D 27 -3.29 -24.27 14.97
N ALA D 28 -4.08 -23.94 15.99
CA ALA D 28 -3.71 -24.24 17.41
C ALA D 28 -4.22 -25.63 17.76
N ALA D 29 -3.33 -26.62 17.69
CA ALA D 29 -3.63 -27.97 18.06
C ALA D 29 -2.87 -28.35 19.34
N ASP D 30 -2.66 -27.38 20.22
CA ASP D 30 -1.71 -27.53 21.32
C ASP D 30 -2.41 -27.89 22.65
N GLU D 31 -3.63 -28.44 22.57
CA GLU D 31 -4.38 -28.65 23.80
C GLU D 31 -3.74 -29.83 24.53
N SER D 32 -3.50 -29.60 25.83
CA SER D 32 -2.92 -30.58 26.74
C SER D 32 -3.66 -31.91 26.70
N THR D 33 -3.06 -32.88 27.38
CA THR D 33 -3.56 -34.24 27.52
C THR D 33 -4.97 -34.21 28.17
N GLY D 34 -5.20 -33.25 29.08
CA GLY D 34 -6.49 -33.09 29.77
C GLY D 34 -7.54 -32.36 28.94
N THR D 35 -7.15 -31.20 28.38
CA THR D 35 -8.05 -30.35 27.57
C THR D 35 -8.55 -31.11 26.33
N ILE D 36 -7.66 -31.90 25.70
CA ILE D 36 -8.07 -32.66 24.52
C ILE D 36 -8.95 -33.82 24.99
N GLY D 37 -8.68 -34.32 26.21
CA GLY D 37 -9.56 -35.28 26.86
C GLY D 37 -10.99 -34.82 26.84
N LYS D 38 -11.23 -33.61 27.36
CA LYS D 38 -12.56 -32.97 27.37
C LYS D 38 -13.19 -33.02 25.96
N ARG D 39 -12.42 -32.59 24.95
CA ARG D 39 -12.88 -32.50 23.56
C ARG D 39 -13.23 -33.90 23.04
N LEU D 40 -12.41 -34.89 23.40
CA LEU D 40 -12.60 -36.28 22.95
C LEU D 40 -13.82 -36.87 23.65
N ALA D 41 -13.93 -36.60 24.96
CA ALA D 41 -15.07 -37.02 25.77
C ALA D 41 -16.36 -36.53 25.12
N SER D 42 -16.39 -35.24 24.80
CA SER D 42 -17.57 -34.51 24.27
C SER D 42 -18.08 -35.14 22.97
N ILE D 43 -17.39 -36.17 22.48
CA ILE D 43 -17.83 -36.90 21.31
C ILE D 43 -17.53 -38.39 21.48
N ASN D 44 -17.57 -38.85 22.75
CA ASN D 44 -17.56 -40.27 23.20
C ASN D 44 -16.33 -41.01 22.66
N VAL D 45 -15.14 -40.43 22.90
CA VAL D 45 -13.88 -41.11 22.63
C VAL D 45 -13.01 -41.05 23.90
N GLU D 46 -12.43 -42.20 24.22
CA GLU D 46 -11.51 -42.39 25.36
C GLU D 46 -10.25 -41.54 25.10
N ASN D 47 -9.71 -40.94 26.15
CA ASN D 47 -8.53 -40.08 26.06
C ASN D 47 -7.26 -40.92 26.27
N VAL D 48 -6.91 -41.74 25.26
CA VAL D 48 -5.66 -42.54 25.22
C VAL D 48 -4.77 -41.99 24.08
N GLU D 49 -3.45 -42.22 24.16
CA GLU D 49 -2.48 -41.71 23.16
C GLU D 49 -2.82 -42.21 21.75
N SER D 50 -3.45 -43.39 21.65
CA SER D 50 -3.97 -43.92 20.41
C SER D 50 -4.81 -42.86 19.67
N ASN D 51 -5.78 -42.27 20.38
CA ASN D 51 -6.85 -41.46 19.79
C ASN D 51 -6.38 -40.01 19.55
N ARG D 52 -5.61 -39.45 20.49
CA ARG D 52 -5.01 -38.12 20.35
C ARG D 52 -4.17 -38.08 19.06
N ARG D 53 -3.33 -39.10 18.85
CA ARG D 53 -2.54 -39.25 17.64
C ARG D 53 -3.47 -39.32 16.43
N ALA D 54 -4.54 -40.11 16.54
CA ALA D 54 -5.50 -40.32 15.42
C ALA D 54 -6.16 -39.01 15.01
N LEU D 55 -6.54 -38.19 16.01
CA LEU D 55 -7.20 -36.90 15.80
C LEU D 55 -6.24 -35.90 15.15
N ARG D 56 -5.00 -35.84 15.66
CA ARG D 56 -4.04 -34.89 15.12
C ARG D 56 -3.65 -35.33 13.71
N GLU D 57 -3.58 -36.63 13.48
CA GLU D 57 -3.28 -37.19 12.15
C GLU D 57 -4.41 -36.87 11.15
N LEU D 58 -5.66 -37.03 11.58
CA LEU D 58 -6.86 -36.67 10.82
C LEU D 58 -6.72 -35.24 10.30
N LEU D 59 -6.41 -34.30 11.20
CA LEU D 59 -6.23 -32.88 10.86
C LEU D 59 -5.10 -32.72 9.84
N PHE D 60 -3.91 -33.21 10.21
CA PHE D 60 -2.67 -32.93 9.50
C PHE D 60 -2.61 -33.66 8.14
N THR D 61 -3.37 -34.76 7.95
CA THR D 61 -3.36 -35.46 6.66
C THR D 61 -4.64 -35.16 5.85
N THR D 62 -5.39 -34.12 6.25
CA THR D 62 -6.53 -33.65 5.47
C THR D 62 -6.03 -33.14 4.13
N PRO D 63 -6.43 -33.76 3.00
CA PRO D 63 -6.11 -33.22 1.67
C PRO D 63 -6.55 -31.76 1.57
N GLY D 64 -5.61 -30.86 1.25
CA GLY D 64 -5.93 -29.45 0.98
C GLY D 64 -5.73 -28.53 2.17
N ALA D 65 -5.58 -29.06 3.38
CA ALA D 65 -5.63 -28.25 4.59
C ALA D 65 -4.28 -27.57 4.83
N LEU D 66 -3.19 -28.32 4.77
CA LEU D 66 -1.87 -27.78 5.12
C LEU D 66 -1.50 -26.52 4.33
N PRO D 67 -1.78 -26.45 3.00
CA PRO D 67 -1.55 -25.21 2.24
C PRO D 67 -2.23 -23.94 2.78
N CYS D 68 -3.32 -24.09 3.56
CA CYS D 68 -3.95 -22.97 4.25
C CYS D 68 -3.23 -22.61 5.55
N LEU D 69 -2.21 -23.37 5.92
CA LEU D 69 -1.61 -23.22 7.25
C LEU D 69 -0.13 -22.80 7.12
N SER D 70 0.24 -21.68 7.73
CA SER D 70 1.65 -21.27 7.88
C SER D 70 2.28 -21.95 9.10
N GLY D 71 1.45 -22.31 10.08
CA GLY D 71 1.95 -22.95 11.27
C GLY D 71 0.88 -23.78 11.94
N VAL D 72 1.34 -24.76 12.73
CA VAL D 72 0.51 -25.57 13.61
C VAL D 72 1.16 -25.56 14.99
N ILE D 73 0.45 -25.05 16.00
CA ILE D 73 0.94 -25.10 17.42
C ILE D 73 0.69 -26.52 17.96
N LEU D 74 1.74 -27.16 18.45
CA LEU D 74 1.64 -28.54 19.03
C LEU D 74 1.83 -28.48 20.55
N PHE D 75 1.29 -29.51 21.20
CA PHE D 75 1.63 -29.92 22.55
C PHE D 75 2.86 -30.81 22.48
N GLU D 76 3.65 -30.81 23.57
CA GLU D 76 4.92 -31.55 23.62
C GLU D 76 4.76 -33.01 23.15
N GLU D 77 3.72 -33.71 23.60
CA GLU D 77 3.51 -35.09 23.16
C GLU D 77 3.52 -35.15 21.62
N THR D 78 2.67 -34.34 20.98
CA THR D 78 2.45 -34.38 19.52
C THR D 78 3.73 -34.01 18.76
N LEU D 79 4.57 -33.15 19.35
CA LEU D 79 5.84 -32.74 18.74
C LEU D 79 6.73 -33.96 18.43
N TYR D 80 6.64 -35.03 19.24
CA TYR D 80 7.51 -36.20 19.07
C TYR D 80 6.76 -37.38 18.43
N GLN D 81 5.48 -37.23 18.14
CA GLN D 81 4.66 -38.32 17.64
C GLN D 81 4.85 -38.47 16.13
N LYS D 82 4.59 -39.68 15.62
CA LYS D 82 4.61 -40.00 14.19
C LYS D 82 3.19 -40.37 13.73
N SER D 83 2.96 -40.30 12.42
CA SER D 83 1.70 -40.70 11.80
C SER D 83 1.72 -42.22 11.58
N SER D 84 0.61 -42.74 11.04
CA SER D 84 0.41 -44.18 10.77
C SER D 84 1.50 -44.72 9.86
N ASP D 85 2.12 -43.88 9.02
CA ASP D 85 3.11 -44.37 8.05
C ASP D 85 4.55 -44.05 8.49
N GLY D 86 4.73 -43.65 9.76
CA GLY D 86 6.06 -43.43 10.34
C GLY D 86 6.59 -42.02 10.12
N THR D 87 5.83 -41.16 9.44
CA THR D 87 6.23 -39.78 9.20
C THR D 87 6.10 -39.00 10.50
N PRO D 88 7.20 -38.48 11.09
CA PRO D 88 7.09 -37.54 12.22
C PRO D 88 6.18 -36.38 11.84
N PHE D 89 5.27 -35.97 12.73
CA PHE D 89 4.34 -34.90 12.37
C PHE D 89 5.13 -33.69 11.90
N VAL D 90 6.27 -33.40 12.53
CA VAL D 90 7.00 -32.15 12.23
C VAL D 90 7.52 -32.18 10.79
N ASP D 91 7.83 -33.37 10.26
CA ASP D 91 8.26 -33.54 8.86
C ASP D 91 7.05 -33.44 7.94
N MET D 92 5.93 -34.03 8.36
CA MET D 92 4.72 -33.96 7.62
C MET D 92 4.37 -32.49 7.34
N LEU D 93 4.51 -31.66 8.39
CA LEU D 93 4.21 -30.25 8.37
C LEU D 93 5.20 -29.53 7.44
N LYS D 94 6.49 -29.73 7.66
CA LYS D 94 7.56 -29.11 6.89
C LYS D 94 7.42 -29.38 5.37
N SER D 95 7.27 -30.66 4.97
CA SER D 95 7.05 -31.04 3.55
C SER D 95 5.99 -30.14 2.88
N ALA D 96 5.01 -29.67 3.65
CA ALA D 96 3.90 -28.85 3.14
C ALA D 96 4.18 -27.34 3.35
N GLY D 97 5.34 -27.02 3.90
CA GLY D 97 5.72 -25.63 4.15
C GLY D 97 5.12 -25.07 5.44
N VAL D 98 4.65 -25.94 6.31
CA VAL D 98 4.04 -25.53 7.56
C VAL D 98 5.11 -25.53 8.66
N LEU D 99 5.27 -24.42 9.38
CA LEU D 99 6.19 -24.39 10.55
C LEU D 99 5.56 -25.13 11.73
N PRO D 100 6.26 -26.05 12.40
CA PRO D 100 5.81 -26.61 13.66
C PRO D 100 6.11 -25.64 14.80
N GLY D 101 5.12 -25.49 15.68
CA GLY D 101 5.21 -24.63 16.85
C GLY D 101 4.99 -25.43 18.13
N ILE D 102 5.37 -24.86 19.28
CA ILE D 102 5.36 -25.60 20.55
C ILE D 102 4.79 -24.66 21.65
N LYS D 103 3.77 -25.13 22.36
CA LYS D 103 3.30 -24.48 23.56
C LYS D 103 4.34 -24.65 24.69
N VAL D 104 4.81 -23.55 25.27
CA VAL D 104 5.90 -23.67 26.28
C VAL D 104 5.51 -23.16 27.68
N ASP D 105 4.39 -22.46 27.83
CA ASP D 105 3.94 -22.00 29.17
C ASP D 105 3.50 -23.23 29.99
N LYS D 106 3.56 -23.09 31.32
CA LYS D 106 3.13 -24.15 32.24
C LYS D 106 1.86 -23.71 32.97
N GLY D 107 0.96 -22.98 32.31
CA GLY D 107 -0.37 -22.67 32.87
C GLY D 107 -0.32 -21.49 33.83
N THR D 108 -1.44 -21.21 34.47
CA THR D 108 -1.57 -19.98 35.25
C THR D 108 -1.69 -20.30 36.75
N VAL D 109 -1.37 -19.30 37.57
CA VAL D 109 -1.60 -19.31 39.03
CA VAL D 109 -1.55 -19.28 39.04
C VAL D 109 -2.28 -17.99 39.40
N GLU D 110 -3.06 -18.04 40.47
CA GLU D 110 -3.76 -16.83 40.96
C GLU D 110 -2.82 -15.92 41.73
N LEU D 111 -3.02 -14.61 41.58
CA LEU D 111 -2.23 -13.59 42.21
C LEU D 111 -2.89 -13.21 43.52
N ALA D 112 -2.15 -13.34 44.64
CA ALA D 112 -2.58 -12.83 45.95
C ALA D 112 -2.91 -11.34 45.86
N GLY D 113 -3.99 -10.94 46.52
CA GLY D 113 -4.36 -9.56 46.65
C GLY D 113 -5.15 -9.05 45.46
N THR D 114 -5.53 -9.93 44.51
CA THR D 114 -6.36 -9.56 43.37
C THR D 114 -7.68 -10.34 43.42
N ASN D 115 -8.60 -10.02 42.51
CA ASN D 115 -9.88 -10.74 42.44
C ASN D 115 -9.82 -11.83 41.36
N GLY D 116 -9.13 -12.93 41.65
CA GLY D 116 -8.96 -14.10 40.78
C GLY D 116 -8.16 -13.83 39.50
N GLU D 117 -7.30 -12.80 39.53
CA GLU D 117 -6.41 -12.52 38.39
C GLU D 117 -5.26 -13.51 38.45
N THR D 118 -4.68 -13.78 37.29
CA THR D 118 -3.64 -14.75 37.18
C THR D 118 -2.36 -14.15 36.60
N THR D 119 -1.30 -14.93 36.77
CA THR D 119 -0.04 -14.76 36.12
C THR D 119 0.30 -16.12 35.53
N THR D 120 1.14 -16.13 34.50
CA THR D 120 1.50 -17.36 33.79
C THR D 120 2.90 -17.79 34.22
N GLN D 121 3.03 -19.08 34.47
CA GLN D 121 4.25 -19.76 34.85
C GLN D 121 4.96 -20.33 33.61
N GLY D 122 6.24 -20.70 33.77
CA GLY D 122 6.95 -21.44 32.78
C GLY D 122 8.36 -20.98 32.46
N LEU D 123 8.91 -20.02 33.19
CA LEU D 123 10.23 -19.47 32.83
C LEU D 123 11.37 -20.40 33.21
N ASP D 124 11.14 -21.24 34.23
CA ASP D 124 12.19 -22.05 34.81
C ASP D 124 12.57 -23.15 33.80
N GLY D 125 13.86 -23.19 33.47
CA GLY D 125 14.44 -24.13 32.51
C GLY D 125 13.91 -23.94 31.10
N LEU D 126 13.36 -22.77 30.79
CA LEU D 126 12.67 -22.57 29.51
C LEU D 126 13.69 -22.58 28.36
N GLY D 127 14.89 -22.03 28.62
CA GLY D 127 15.92 -22.01 27.62
C GLY D 127 16.26 -23.40 27.13
N ASP D 128 16.48 -24.32 28.06
CA ASP D 128 16.88 -25.68 27.73
C ASP D 128 15.71 -26.38 27.01
N ARG D 129 14.45 -26.13 27.43
CA ARG D 129 13.28 -26.69 26.76
CA ARG D 129 13.28 -26.69 26.76
C ARG D 129 13.26 -26.22 25.29
N CYS D 130 13.33 -24.89 25.07
CA CYS D 130 13.27 -24.29 23.77
C CYS D 130 14.33 -24.88 22.84
N LYS D 131 15.52 -25.14 23.36
CA LYS D 131 16.61 -25.64 22.56
C LYS D 131 16.27 -27.07 22.12
N LYS D 132 15.72 -27.90 23.02
CA LYS D 132 15.32 -29.28 22.67
C LYS D 132 14.19 -29.24 21.63
N TYR D 133 13.27 -28.29 21.81
CA TYR D 133 12.18 -28.13 20.92
C TYR D 133 12.66 -27.71 19.52
N TYR D 134 13.57 -26.73 19.45
CA TYR D 134 14.22 -26.34 18.20
C TYR D 134 14.84 -27.58 17.53
N GLU D 135 15.61 -28.39 18.28
CA GLU D 135 16.26 -29.54 17.72
C GLU D 135 15.24 -30.56 17.22
N ALA D 136 14.05 -30.61 17.81
CA ALA D 136 13.00 -31.55 17.40
C ALA D 136 12.19 -31.00 16.20
N GLY D 137 12.49 -29.77 15.75
CA GLY D 137 11.91 -29.19 14.52
C GLY D 137 10.94 -28.04 14.77
N ALA D 138 10.77 -27.62 16.03
CA ALA D 138 9.90 -26.48 16.33
C ALA D 138 10.60 -25.19 15.91
N ARG D 139 9.85 -24.22 15.36
CA ARG D 139 10.45 -22.95 14.96
C ARG D 139 9.68 -21.75 15.51
N PHE D 140 8.57 -21.99 16.21
CA PHE D 140 7.91 -20.95 16.97
C PHE D 140 7.36 -21.53 18.29
N ALA D 141 6.96 -20.63 19.17
CA ALA D 141 6.55 -20.98 20.52
C ALA D 141 5.29 -20.21 20.85
N LYS D 142 4.59 -20.70 21.86
CA LYS D 142 3.40 -20.09 22.39
C LYS D 142 3.40 -20.10 23.92
N TRP D 143 2.97 -18.95 24.45
CA TRP D 143 2.79 -18.66 25.89
C TRP D 143 1.54 -17.83 26.05
N ARG D 144 0.60 -18.29 26.84
CA ARG D 144 -0.65 -17.58 27.04
C ARG D 144 -0.68 -16.90 28.41
N ALA D 145 -0.80 -15.58 28.40
CA ALA D 145 -1.20 -14.76 29.54
C ALA D 145 -2.72 -14.52 29.49
N VAL D 146 -3.37 -14.51 30.65
CA VAL D 146 -4.83 -14.34 30.75
C VAL D 146 -5.13 -13.12 31.62
N LEU D 147 -5.90 -12.17 31.11
CA LEU D 147 -6.34 -10.97 31.81
C LEU D 147 -7.87 -10.98 31.84
N LYS D 148 -8.49 -10.43 32.89
CA LYS D 148 -9.93 -10.34 32.90
C LYS D 148 -10.35 -8.88 32.97
N ILE D 149 -11.63 -8.61 32.63
CA ILE D 149 -12.21 -7.27 32.68
C ILE D 149 -13.24 -7.24 33.82
N GLY D 150 -13.07 -6.30 34.76
CA GLY D 150 -13.94 -6.13 35.92
C GLY D 150 -13.97 -4.69 36.39
N VAL D 151 -14.62 -4.42 37.54
CA VAL D 151 -14.66 -3.01 38.02
C VAL D 151 -13.20 -2.55 38.24
N ASN D 152 -12.36 -3.38 38.84
CA ASN D 152 -10.96 -3.02 39.15
C ASN D 152 -9.94 -3.86 38.33
N GLU D 153 -10.40 -4.53 37.27
CA GLU D 153 -9.59 -5.45 36.47
C GLU D 153 -9.57 -5.03 34.99
N PRO D 154 -8.42 -5.18 34.34
CA PRO D 154 -7.26 -5.81 34.95
C PRO D 154 -6.48 -4.79 35.78
N SER D 155 -5.91 -5.26 36.90
CA SER D 155 -5.14 -4.46 37.82
C SER D 155 -3.75 -4.19 37.23
N GLN D 156 -3.15 -3.12 37.76
CA GLN D 156 -1.82 -2.75 37.43
C GLN D 156 -0.89 -3.94 37.64
N LEU D 157 -1.02 -4.62 38.79
CA LEU D 157 -0.19 -5.80 39.13
C LEU D 157 -0.34 -6.93 38.10
N ALA D 158 -1.57 -7.30 37.75
CA ALA D 158 -1.86 -8.35 36.74
C ALA D 158 -1.24 -7.99 35.40
N ILE D 159 -1.43 -6.73 35.00
CA ILE D 159 -0.90 -6.30 33.72
C ILE D 159 0.63 -6.42 33.75
N HIS D 160 1.24 -5.84 34.78
CA HIS D 160 2.68 -5.76 34.90
C HIS D 160 3.27 -7.20 34.85
N GLU D 161 2.72 -8.09 35.67
CA GLU D 161 3.15 -9.49 35.78
C GLU D 161 3.05 -10.20 34.43
N ASN D 162 1.95 -9.97 33.68
CA ASN D 162 1.71 -10.70 32.50
C ASN D 162 2.57 -10.12 31.39
N ALA D 163 2.66 -8.80 31.29
CA ALA D 163 3.52 -8.19 30.26
C ALA D 163 4.99 -8.63 30.43
N TYR D 164 5.51 -8.58 31.65
CA TYR D 164 6.95 -8.82 31.83
C TYR D 164 7.21 -10.34 31.78
N GLY D 165 6.20 -11.16 32.12
CA GLY D 165 6.32 -12.62 31.90
C GLY D 165 6.42 -12.96 30.42
N LEU D 166 5.59 -12.30 29.61
CA LEU D 166 5.61 -12.47 28.16
C LEU D 166 6.97 -12.02 27.61
N ALA D 167 7.47 -10.90 28.09
CA ALA D 167 8.72 -10.27 27.52
C ALA D 167 9.92 -11.19 27.74
N ARG D 168 9.98 -11.75 28.95
CA ARG D 168 11.10 -12.54 29.33
C ARG D 168 11.03 -13.84 28.54
N TYR D 169 9.83 -14.38 28.41
CA TYR D 169 9.57 -15.61 27.60
C TYR D 169 10.03 -15.36 26.14
N ALA D 170 9.70 -14.16 25.63
CA ALA D 170 10.04 -13.80 24.27
C ALA D 170 11.56 -13.80 24.03
N VAL D 171 12.33 -13.21 24.92
CA VAL D 171 13.80 -13.17 24.77
C VAL D 171 14.35 -14.60 24.77
N ILE D 172 13.92 -15.43 25.71
CA ILE D 172 14.46 -16.77 25.86
C ILE D 172 14.20 -17.56 24.56
N CYS D 173 12.97 -17.42 24.03
CA CYS D 173 12.57 -18.03 22.82
C CYS D 173 13.56 -17.63 21.73
N GLN D 174 13.80 -16.34 21.59
CA GLN D 174 14.60 -15.85 20.48
C GLN D 174 16.04 -16.33 20.66
N GLU D 175 16.54 -16.42 21.89
CA GLU D 175 17.91 -16.93 22.09
C GLU D 175 18.08 -18.37 21.61
N ASN D 176 16.98 -19.12 21.53
CA ASN D 176 17.01 -20.51 21.22
C ASN D 176 16.34 -20.81 19.86
N GLY D 177 16.05 -19.77 19.07
CA GLY D 177 15.69 -19.92 17.66
C GLY D 177 14.19 -20.16 17.43
N LEU D 178 13.35 -19.85 18.44
CA LEU D 178 11.89 -19.97 18.35
C LEU D 178 11.28 -18.57 18.33
N VAL D 179 10.50 -18.30 17.28
CA VAL D 179 9.68 -17.12 17.19
C VAL D 179 8.63 -17.20 18.29
N PRO D 180 8.64 -16.26 19.26
CA PRO D 180 7.64 -16.24 20.31
C PRO D 180 6.33 -15.63 19.80
N ILE D 181 5.24 -16.39 19.94
CA ILE D 181 3.90 -15.79 19.87
C ILE D 181 3.61 -15.17 21.24
N VAL D 182 3.42 -13.84 21.23
CA VAL D 182 3.02 -13.12 22.35
C VAL D 182 1.48 -13.15 22.42
N GLU D 183 0.91 -13.85 23.41
CA GLU D 183 -0.55 -14.01 23.57
C GLU D 183 -1.07 -13.40 24.88
N PRO D 184 -1.45 -12.11 24.94
CA PRO D 184 -2.07 -11.52 26.13
C PRO D 184 -3.61 -11.57 25.97
N GLU D 185 -4.22 -12.68 26.28
CA GLU D 185 -5.67 -12.85 26.04
C GLU D 185 -6.48 -12.13 27.12
N ILE D 186 -7.30 -11.17 26.69
CA ILE D 186 -8.26 -10.57 27.51
C ILE D 186 -9.58 -11.35 27.39
N LEU D 187 -9.97 -11.99 28.51
CA LEU D 187 -11.20 -12.82 28.53
C LEU D 187 -12.44 -11.92 28.34
N VAL D 188 -13.47 -12.48 27.73
CA VAL D 188 -14.68 -11.75 27.34
C VAL D 188 -15.66 -11.65 28.50
N ASP D 189 -15.46 -12.44 29.54
CA ASP D 189 -16.47 -12.60 30.61
C ASP D 189 -16.88 -11.24 31.18
N GLY D 190 -18.19 -10.97 31.19
CA GLY D 190 -18.79 -9.78 31.83
C GLY D 190 -19.86 -9.13 30.97
N SER D 191 -20.36 -7.98 31.46
CA SER D 191 -21.45 -7.22 30.82
C SER D 191 -20.96 -5.91 30.20
N HIS D 192 -19.64 -5.75 30.09
CA HIS D 192 -19.04 -4.62 29.47
C HIS D 192 -19.31 -4.64 27.96
N ASP D 193 -19.25 -3.44 27.36
CA ASP D 193 -19.44 -3.23 25.95
C ASP D 193 -18.09 -3.31 25.21
N ILE D 194 -18.15 -3.11 23.88
CA ILE D 194 -16.99 -3.29 23.04
C ILE D 194 -15.98 -2.15 23.31
N GLN D 195 -16.48 -0.96 23.65
CA GLN D 195 -15.66 0.23 23.95
C GLN D 195 -14.75 -0.08 25.13
N LYS D 196 -15.27 -0.77 26.16
CA LYS D 196 -14.48 -1.16 27.31
CA LYS D 196 -14.44 -1.12 27.31
C LYS D 196 -13.40 -2.17 26.89
N CYS D 197 -13.82 -3.18 26.14
CA CYS D 197 -12.86 -4.14 25.64
C CYS D 197 -11.73 -3.41 24.88
N ALA D 198 -12.09 -2.41 24.06
CA ALA D 198 -11.11 -1.68 23.24
C ALA D 198 -10.10 -1.00 24.14
N ALA D 199 -10.59 -0.29 25.16
CA ALA D 199 -9.74 0.49 26.08
C ALA D 199 -8.78 -0.45 26.85
N VAL D 200 -9.30 -1.57 27.36
CA VAL D 200 -8.50 -2.58 28.05
C VAL D 200 -7.49 -3.23 27.09
N THR D 201 -7.91 -3.66 25.89
CA THR D 201 -6.96 -4.19 24.90
C THR D 201 -5.85 -3.16 24.59
N GLU D 202 -6.21 -1.90 24.40
CA GLU D 202 -5.20 -0.84 24.12
C GLU D 202 -4.22 -0.70 25.31
N ARG D 203 -4.75 -0.64 26.54
CA ARG D 203 -3.89 -0.57 27.73
C ARG D 203 -2.95 -1.76 27.80
N VAL D 204 -3.49 -2.97 27.63
CA VAL D 204 -2.69 -4.18 27.80
C VAL D 204 -1.58 -4.26 26.72
N LEU D 205 -1.93 -3.98 25.46
CA LEU D 205 -0.94 -4.13 24.38
C LEU D 205 0.19 -3.10 24.56
N ALA D 206 -0.15 -1.89 24.99
CA ALA D 206 0.84 -0.86 25.23
C ALA D 206 1.78 -1.27 26.35
N ALA D 207 1.25 -1.87 27.42
CA ALA D 207 2.07 -2.47 28.49
C ALA D 207 2.99 -3.61 27.94
N CYS D 208 2.47 -4.48 27.08
CA CYS D 208 3.25 -5.60 26.57
C CYS D 208 4.40 -5.08 25.68
N TYR D 209 4.15 -4.08 24.82
CA TYR D 209 5.24 -3.64 23.88
C TYR D 209 6.28 -2.81 24.62
N LYS D 210 5.87 -2.10 25.68
CA LYS D 210 6.80 -1.46 26.57
C LYS D 210 7.71 -2.51 27.21
N ALA D 211 7.14 -3.58 27.77
CA ALA D 211 7.94 -4.62 28.37
C ALA D 211 8.94 -5.25 27.36
N LEU D 212 8.46 -5.55 26.16
CA LEU D 212 9.28 -6.18 25.08
C LEU D 212 10.44 -5.26 24.70
N SER D 213 10.19 -3.95 24.65
CA SER D 213 11.23 -2.91 24.46
C SER D 213 12.26 -2.96 25.62
N ASP D 214 11.76 -2.93 26.86
CA ASP D 214 12.67 -3.02 28.01
C ASP D 214 13.51 -4.29 27.92
N HIS D 215 12.95 -5.41 27.45
CA HIS D 215 13.70 -6.69 27.37
C HIS D 215 14.51 -6.83 26.09
N HIS D 216 14.56 -5.79 25.26
CA HIS D 216 15.35 -5.74 23.98
C HIS D 216 14.99 -6.86 23.00
N VAL D 217 13.70 -7.26 22.96
CA VAL D 217 13.19 -8.26 22.08
C VAL D 217 13.28 -7.73 20.63
N LEU D 218 13.66 -8.62 19.70
CA LEU D 218 13.65 -8.33 18.23
C LEU D 218 12.21 -8.47 17.74
N LEU D 219 11.51 -7.34 17.60
CA LEU D 219 10.08 -7.34 17.31
C LEU D 219 9.81 -7.98 15.94
N GLU D 220 10.77 -7.83 15.01
CA GLU D 220 10.53 -8.37 13.70
C GLU D 220 10.62 -9.93 13.73
N GLY D 221 11.08 -10.51 14.85
CA GLY D 221 11.12 -11.96 15.06
C GLY D 221 10.06 -12.41 16.07
N THR D 222 8.94 -11.67 16.18
CA THR D 222 7.84 -12.02 17.09
C THR D 222 6.51 -12.01 16.36
N LEU D 223 5.50 -12.50 17.04
CA LEU D 223 4.09 -12.57 16.57
C LEU D 223 3.21 -12.13 17.72
N LEU D 224 2.01 -11.64 17.41
CA LEU D 224 1.03 -11.26 18.44
C LEU D 224 -0.23 -12.09 18.21
N LYS D 225 -0.73 -12.71 19.28
CA LYS D 225 -1.99 -13.42 19.30
C LYS D 225 -2.87 -12.76 20.36
N PRO D 226 -3.54 -11.64 20.00
CA PRO D 226 -4.45 -10.93 20.87
C PRO D 226 -5.86 -11.46 20.63
N ASN D 227 -6.73 -11.14 21.58
CA ASN D 227 -8.16 -11.27 21.41
C ASN D 227 -8.56 -10.25 20.35
N MET D 228 -9.65 -10.54 19.62
CA MET D 228 -10.34 -9.51 18.91
C MET D 228 -11.05 -8.64 19.94
N VAL D 229 -11.37 -7.44 19.56
CA VAL D 229 -12.09 -6.53 20.40
C VAL D 229 -13.58 -6.79 20.20
N THR D 230 -14.26 -7.32 21.25
CA THR D 230 -15.68 -7.69 21.21
C THR D 230 -16.40 -7.23 22.47
N PRO D 231 -17.75 -7.17 22.43
CA PRO D 231 -18.54 -6.99 23.65
C PRO D 231 -18.32 -8.19 24.57
N GLY D 232 -18.56 -7.96 25.85
CA GLY D 232 -18.48 -9.02 26.82
C GLY D 232 -19.57 -10.06 26.62
N SER D 233 -19.35 -11.20 27.28
CA SER D 233 -20.15 -12.44 27.11
C SER D 233 -21.64 -12.22 27.39
N GLU D 234 -21.98 -11.23 28.22
CA GLU D 234 -23.37 -10.98 28.64
C GLU D 234 -24.03 -9.89 27.80
N SER D 235 -23.28 -9.27 26.88
CA SER D 235 -23.73 -8.13 26.12
C SER D 235 -24.12 -8.60 24.72
N ALA D 236 -24.94 -7.79 24.05
CA ALA D 236 -25.42 -8.12 22.70
C ALA D 236 -24.24 -8.26 21.74
N LYS D 237 -24.24 -9.32 20.94
CA LYS D 237 -23.27 -9.47 19.87
C LYS D 237 -23.41 -8.37 18.84
N VAL D 238 -22.32 -8.14 18.11
CA VAL D 238 -22.22 -7.00 17.22
C VAL D 238 -21.66 -7.46 15.87
N ALA D 239 -21.95 -6.70 14.82
CA ALA D 239 -21.67 -7.06 13.42
C ALA D 239 -20.16 -7.19 13.21
N PRO D 240 -19.69 -8.00 12.25
CA PRO D 240 -18.27 -8.15 11.95
C PRO D 240 -17.56 -6.81 11.69
N GLU D 241 -18.25 -5.87 11.03
CA GLU D 241 -17.71 -4.55 10.71
C GLU D 241 -17.40 -3.76 11.97
N VAL D 242 -18.20 -3.90 13.02
CA VAL D 242 -17.97 -3.24 14.27
C VAL D 242 -16.77 -3.89 14.98
N ILE D 243 -16.69 -5.21 15.02
CA ILE D 243 -15.54 -5.97 15.58
C ILE D 243 -14.25 -5.50 14.89
N ALA D 244 -14.33 -5.36 13.56
CA ALA D 244 -13.19 -5.06 12.75
C ALA D 244 -12.71 -3.63 13.09
N GLU D 245 -13.64 -2.67 13.12
CA GLU D 245 -13.29 -1.29 13.34
CA GLU D 245 -13.41 -1.26 13.40
C GLU D 245 -12.58 -1.13 14.69
N HIS D 246 -13.16 -1.72 15.75
CA HIS D 246 -12.62 -1.55 17.10
C HIS D 246 -11.28 -2.28 17.25
N THR D 247 -11.19 -3.48 16.70
CA THR D 247 -10.04 -4.31 16.82
C THR D 247 -8.87 -3.60 16.10
N VAL D 248 -9.07 -3.19 14.84
CA VAL D 248 -7.94 -2.69 14.04
C VAL D 248 -7.46 -1.37 14.65
N ARG D 249 -8.40 -0.54 15.09
CA ARG D 249 -8.09 0.72 15.80
C ARG D 249 -7.22 0.47 17.05
N ALA D 250 -7.56 -0.55 17.84
CA ALA D 250 -6.76 -0.92 19.00
C ALA D 250 -5.32 -1.28 18.61
N LEU D 251 -5.18 -2.02 17.51
CA LEU D 251 -3.86 -2.53 17.08
C LEU D 251 -3.04 -1.38 16.48
N GLN D 252 -3.70 -0.49 15.72
CA GLN D 252 -3.04 0.63 15.16
C GLN D 252 -2.45 1.50 16.28
N ARG D 253 -3.14 1.53 17.42
CA ARG D 253 -2.75 2.38 18.50
C ARG D 253 -1.56 1.83 19.31
N THR D 254 -1.20 0.55 19.13
CA THR D 254 -0.34 -0.07 20.11
C THR D 254 0.72 -0.99 19.50
N VAL D 255 0.44 -1.68 18.39
CA VAL D 255 1.35 -2.71 17.91
C VAL D 255 2.32 -2.14 16.87
N PRO D 256 3.64 -2.10 17.15
CA PRO D 256 4.60 -1.57 16.16
C PRO D 256 4.52 -2.26 14.79
N ALA D 257 4.76 -1.48 13.74
CA ALA D 257 4.82 -1.96 12.35
C ALA D 257 5.91 -3.06 12.21
N ALA D 258 6.92 -3.05 13.08
CA ALA D 258 7.99 -4.04 13.01
C ALA D 258 7.43 -5.45 13.22
N VAL D 259 6.33 -5.56 13.94
CA VAL D 259 5.70 -6.90 14.13
C VAL D 259 5.09 -7.31 12.80
N PRO D 260 5.48 -8.47 12.24
CA PRO D 260 5.04 -8.88 10.89
C PRO D 260 3.58 -9.36 10.79
N ALA D 261 3.02 -9.92 11.88
CA ALA D 261 1.72 -10.52 11.77
C ALA D 261 1.07 -10.65 13.14
N ILE D 262 -0.27 -10.54 13.11
CA ILE D 262 -1.15 -10.61 14.22
C ILE D 262 -2.12 -11.77 13.94
N VAL D 263 -2.03 -12.81 14.76
CA VAL D 263 -2.77 -14.03 14.55
C VAL D 263 -3.81 -14.12 15.66
N PHE D 264 -5.05 -13.76 15.31
CA PHE D 264 -6.08 -13.63 16.30
C PHE D 264 -6.43 -14.98 16.92
N LEU D 265 -6.67 -14.97 18.24
CA LEU D 265 -7.29 -16.08 18.93
C LEU D 265 -8.78 -15.97 18.73
N SER D 266 -9.46 -17.13 18.74
CA SER D 266 -10.90 -17.23 18.51
C SER D 266 -11.66 -17.03 19.82
N GLY D 267 -11.09 -17.47 20.96
CA GLY D 267 -11.71 -17.19 22.26
C GLY D 267 -13.03 -17.91 22.34
N GLY D 268 -14.12 -17.22 22.62
CA GLY D 268 -15.43 -17.92 22.72
C GLY D 268 -16.14 -18.12 21.36
N GLN D 269 -15.55 -17.62 20.26
CA GLN D 269 -16.29 -17.42 19.00
C GLN D 269 -16.51 -18.75 18.28
N SER D 270 -17.66 -18.85 17.59
CA SER D 270 -17.95 -19.97 16.72
C SER D 270 -17.05 -19.97 15.49
N GLU D 271 -17.01 -21.12 14.80
CA GLU D 271 -16.27 -21.28 13.55
C GLU D 271 -16.60 -20.14 12.58
N GLU D 272 -17.89 -19.96 12.29
CA GLU D 272 -18.30 -19.02 11.23
C GLU D 272 -18.05 -17.57 11.67
N GLU D 273 -18.32 -17.26 12.94
CA GLU D 273 -18.21 -15.94 13.47
C GLU D 273 -16.74 -15.49 13.45
N ALA D 274 -15.83 -16.40 13.81
CA ALA D 274 -14.41 -16.10 13.81
C ALA D 274 -13.97 -15.71 12.41
N THR D 275 -14.39 -16.49 11.42
CA THR D 275 -14.02 -16.31 10.02
C THR D 275 -14.52 -14.95 9.52
N ARG D 276 -15.81 -14.69 9.75
CA ARG D 276 -16.51 -13.46 9.36
C ARG D 276 -15.82 -12.21 9.97
N ASN D 277 -15.44 -12.31 11.25
CA ASN D 277 -14.80 -11.18 11.93
C ASN D 277 -13.41 -10.91 11.33
N LEU D 278 -12.63 -11.98 11.13
CA LEU D 278 -11.32 -11.87 10.50
C LEU D 278 -11.45 -11.26 9.08
N ASN D 279 -12.43 -11.73 8.32
CA ASN D 279 -12.62 -11.29 6.97
C ASN D 279 -12.88 -9.77 6.94
N ALA D 280 -13.74 -9.30 7.85
CA ALA D 280 -14.12 -7.91 7.90
C ALA D 280 -12.87 -7.06 8.22
N MET D 281 -11.93 -7.60 9.00
CA MET D 281 -10.74 -6.84 9.31
C MET D 281 -9.92 -6.64 8.02
N ASN D 282 -9.86 -7.66 7.18
CA ASN D 282 -9.13 -7.61 5.91
C ASN D 282 -9.91 -6.87 4.81
N GLN D 283 -11.15 -6.43 5.08
CA GLN D 283 -11.89 -5.61 4.14
C GLN D 283 -11.88 -4.14 4.59
N LEU D 284 -11.23 -3.84 5.73
CA LEU D 284 -11.15 -2.46 6.21
C LEU D 284 -10.01 -1.72 5.51
N LYS D 285 -10.36 -0.60 4.84
CA LYS D 285 -9.26 0.14 4.18
CA LYS D 285 -9.58 0.44 4.18
C LYS D 285 -8.82 1.23 5.21
N THR D 286 -7.63 0.89 5.70
CA THR D 286 -7.01 1.60 6.81
C THR D 286 -5.56 1.11 6.87
N LYS D 287 -4.68 1.88 7.48
CA LYS D 287 -3.24 1.48 7.54
C LYS D 287 -3.11 0.26 8.46
N LYS D 288 -2.71 -0.89 7.90
CA LYS D 288 -2.49 -2.13 8.65
C LYS D 288 -1.10 -2.65 8.30
N PRO D 289 -0.05 -2.26 9.06
CA PRO D 289 1.34 -2.66 8.77
C PRO D 289 1.79 -4.04 9.31
N TRP D 290 0.82 -4.95 9.35
CA TRP D 290 1.00 -6.28 9.75
C TRP D 290 -0.07 -7.06 9.02
N SER D 291 0.24 -8.33 8.74
CA SER D 291 -0.71 -9.31 8.34
C SER D 291 -1.72 -9.53 9.45
N LEU D 292 -3.00 -9.56 9.09
CA LEU D 292 -4.05 -9.94 10.01
C LEU D 292 -4.56 -11.32 9.64
N SER D 293 -4.18 -12.31 10.48
CA SER D 293 -4.38 -13.73 10.20
C SER D 293 -5.01 -14.39 11.45
N PHE D 294 -4.92 -15.73 11.50
CA PHE D 294 -5.65 -16.50 12.48
C PHE D 294 -4.72 -17.47 13.20
N SER D 295 -5.00 -17.68 14.49
CA SER D 295 -4.43 -18.78 15.29
C SER D 295 -5.58 -19.42 16.06
N PHE D 296 -6.31 -20.31 15.39
CA PHE D 296 -7.55 -20.80 15.89
C PHE D 296 -7.42 -22.25 16.33
N GLY D 297 -8.09 -22.57 17.45
CA GLY D 297 -8.23 -23.92 17.96
C GLY D 297 -9.61 -24.48 17.64
N ARG D 298 -10.57 -24.19 18.54
CA ARG D 298 -11.95 -24.70 18.48
C ARG D 298 -12.60 -24.22 17.15
N ALA D 299 -12.33 -22.96 16.77
CA ALA D 299 -12.88 -22.35 15.54
C ALA D 299 -12.42 -23.08 14.29
N LEU D 300 -11.35 -23.91 14.39
CA LEU D 300 -10.85 -24.65 13.24
C LEU D 300 -11.23 -26.15 13.32
N GLN D 301 -11.45 -26.67 14.52
CA GLN D 301 -11.59 -28.13 14.76
C GLN D 301 -13.04 -28.56 15.07
N GLN D 302 -13.88 -27.68 15.66
CA GLN D 302 -15.19 -28.05 16.30
C GLN D 302 -16.02 -28.99 15.41
N SER D 303 -16.28 -28.58 14.16
CA SER D 303 -17.18 -29.32 13.27
C SER D 303 -16.51 -30.61 12.77
N THR D 304 -15.17 -30.61 12.71
CA THR D 304 -14.38 -31.80 12.33
C THR D 304 -14.46 -32.87 13.43
N LEU D 305 -14.26 -32.44 14.69
CA LEU D 305 -14.40 -33.29 15.86
C LEU D 305 -15.73 -34.07 15.82
N LYS D 306 -16.83 -33.36 15.49
CA LYS D 306 -18.19 -33.92 15.53
C LYS D 306 -18.41 -34.90 14.37
N THR D 307 -18.08 -34.46 13.14
CA THR D 307 -18.25 -35.32 11.96
C THR D 307 -17.49 -36.65 12.16
N TRP D 308 -16.28 -36.55 12.69
CA TRP D 308 -15.41 -37.68 12.94
C TRP D 308 -16.03 -38.62 13.98
N GLY D 309 -16.53 -38.07 15.08
CA GLY D 309 -17.11 -38.87 16.13
C GLY D 309 -16.07 -39.78 16.79
N GLY D 310 -15.86 -40.95 16.17
CA GLY D 310 -15.03 -41.96 16.76
C GLY D 310 -14.15 -42.65 15.73
N LYS D 311 -14.73 -43.10 14.62
CA LYS D 311 -14.01 -44.08 13.78
C LYS D 311 -14.08 -43.66 12.31
N GLU D 312 -13.84 -44.63 11.40
CA GLU D 312 -12.96 -44.43 10.27
C GLU D 312 -13.76 -44.25 8.97
N GLU D 313 -15.07 -44.51 9.00
CA GLU D 313 -15.90 -44.22 7.80
C GLU D 313 -16.10 -42.70 7.71
N ASN D 314 -16.05 -42.04 8.88
CA ASN D 314 -16.27 -40.61 8.99
C ASN D 314 -14.96 -39.81 8.92
N VAL D 315 -13.87 -40.41 8.43
CA VAL D 315 -12.61 -39.69 8.29
C VAL D 315 -12.69 -38.80 7.04
N LYS D 316 -13.08 -39.40 5.90
CA LYS D 316 -13.17 -38.67 4.62
C LYS D 316 -14.15 -37.50 4.76
N LYS D 317 -15.24 -37.73 5.50
CA LYS D 317 -16.27 -36.72 5.72
C LYS D 317 -15.76 -35.61 6.66
N ALA D 318 -15.00 -36.01 7.69
CA ALA D 318 -14.49 -35.08 8.70
C ALA D 318 -13.36 -34.24 8.12
N GLN D 319 -12.58 -34.85 7.22
CA GLN D 319 -11.51 -34.17 6.54
C GLN D 319 -12.10 -33.14 5.58
N GLU D 320 -13.25 -33.44 4.96
CA GLU D 320 -13.95 -32.47 4.08
C GLU D 320 -14.41 -31.28 4.95
N ALA D 321 -14.89 -31.58 6.16
CA ALA D 321 -15.32 -30.54 7.07
C ALA D 321 -14.12 -29.66 7.49
N PHE D 322 -12.97 -30.29 7.77
CA PHE D 322 -11.79 -29.52 8.23
C PHE D 322 -11.27 -28.61 7.11
N LEU D 323 -11.27 -29.11 5.88
CA LEU D 323 -10.88 -28.37 4.70
C LEU D 323 -11.77 -27.15 4.53
N VAL D 324 -13.08 -27.32 4.71
CA VAL D 324 -14.04 -26.21 4.66
C VAL D 324 -13.56 -25.05 5.54
N ARG D 325 -13.19 -25.32 6.80
CA ARG D 325 -12.82 -24.25 7.73
C ARG D 325 -11.44 -23.68 7.38
N CYS D 326 -10.51 -24.56 7.00
CA CYS D 326 -9.15 -24.11 6.60
C CYS D 326 -9.28 -23.14 5.41
N LYS D 327 -10.06 -23.56 4.39
CA LYS D 327 -10.24 -22.79 3.18
C LYS D 327 -10.91 -21.46 3.52
N ALA D 328 -11.96 -21.52 4.35
CA ALA D 328 -12.68 -20.30 4.72
C ALA D 328 -11.76 -19.28 5.44
N ASN D 329 -10.92 -19.75 6.35
CA ASN D 329 -10.05 -18.83 7.13
C ASN D 329 -8.93 -18.30 6.23
N SER D 330 -8.41 -19.16 5.37
CA SER D 330 -7.43 -18.72 4.37
C SER D 330 -8.02 -17.58 3.52
N GLU D 331 -9.28 -17.72 3.09
CA GLU D 331 -9.95 -16.68 2.29
C GLU D 331 -10.14 -15.42 3.15
N ALA D 332 -10.43 -15.63 4.42
CA ALA D 332 -10.63 -14.51 5.36
C ALA D 332 -9.34 -13.68 5.49
N THR D 333 -8.16 -14.32 5.45
CA THR D 333 -6.88 -13.55 5.55
C THR D 333 -6.70 -12.61 4.35
N LEU D 334 -7.36 -12.91 3.23
CA LEU D 334 -7.28 -12.16 1.98
C LEU D 334 -8.48 -11.23 1.86
N GLY D 335 -9.43 -11.30 2.79
CA GLY D 335 -10.62 -10.46 2.75
C GLY D 335 -11.61 -10.91 1.69
N ALA D 336 -11.53 -12.19 1.35
CA ALA D 336 -12.19 -12.71 0.14
C ALA D 336 -13.17 -13.83 0.51
N TYR D 337 -13.53 -13.93 1.79
CA TYR D 337 -14.46 -14.93 2.24
C TYR D 337 -15.88 -14.43 1.95
N LYS D 338 -16.67 -15.25 1.28
CA LYS D 338 -17.98 -14.82 0.78
C LYS D 338 -19.10 -15.49 1.57
N GLY D 339 -18.78 -16.29 2.58
CA GLY D 339 -19.73 -17.22 3.19
C GLY D 339 -19.60 -18.62 2.60
N ASP D 340 -20.02 -19.61 3.36
CA ASP D 340 -20.22 -20.99 2.94
C ASP D 340 -21.38 -21.05 1.94
S SO4 E . 14.77 21.87 13.83
O1 SO4 E . 15.99 21.05 14.06
O2 SO4 E . 13.58 21.01 13.74
O3 SO4 E . 14.52 22.80 14.95
O4 SO4 E . 14.85 22.62 12.55
S SO4 F . 12.97 3.65 30.10
O1 SO4 F . 13.59 3.96 28.80
O2 SO4 F . 12.86 2.17 30.33
O3 SO4 F . 11.60 4.24 30.08
O4 SO4 F . 13.86 4.18 31.18
S SO4 G . -0.18 -2.51 -32.60
O1 SO4 G . 1.03 -2.82 -31.79
O2 SO4 G . -1.25 -3.40 -32.12
O3 SO4 G . -0.59 -1.07 -32.48
O4 SO4 G . 0.17 -2.72 -34.05
S SO4 H . -13.14 -1.21 -29.90
O1 SO4 H . -12.68 -2.62 -30.12
O2 SO4 H . -13.68 -1.03 -28.53
O3 SO4 H . -14.29 -0.92 -30.83
O4 SO4 H . -12.01 -0.25 -30.08
S SO4 I . -19.38 24.08 -22.56
O1 SO4 I . -18.84 23.67 -23.88
O2 SO4 I . -19.76 22.83 -21.84
O3 SO4 I . -20.56 24.96 -22.73
O4 SO4 I . -18.38 24.84 -21.80
S SO4 J . 9.11 -26.48 -25.73
O1 SO4 J . 8.62 -27.76 -25.20
O2 SO4 J . 10.50 -26.70 -26.14
O3 SO4 J . 9.10 -25.41 -24.67
O4 SO4 J . 8.33 -26.05 -26.90
S SO4 K . -9.47 -28.78 -6.31
O1 SO4 K . -8.03 -28.70 -6.65
O2 SO4 K . -9.71 -30.06 -5.61
O3 SO4 K . -9.87 -27.65 -5.40
O4 SO4 K . -10.28 -28.74 -7.55
S SO4 L . -4.00 -26.06 27.77
O1 SO4 L . -2.92 -27.03 28.05
O2 SO4 L . -5.29 -26.78 27.70
O3 SO4 L . -4.01 -25.05 28.85
O4 SO4 L . -3.77 -25.38 26.47
S SO4 M . 0.13 0.09 32.94
O1 SO4 M . 1.43 -0.48 32.47
O2 SO4 M . -0.32 -0.49 34.24
O3 SO4 M . -0.96 -0.27 32.00
O4 SO4 M . 0.26 1.57 33.12
#